data_9QGR
#
_entry.id   9QGR
#
loop_
_entity.id
_entity.type
_entity.pdbx_description
1 polymer 'BIR repeat containing ubiquitin-conjugating enzyme, isoform B'
2 polymer 'E1 ubiquitin-activating enzyme'
3 polymer Polyubiquitin-C
4 non-polymer 'ADENOSINE MONOPHOSPHATE'
#
loop_
_entity_poly.entity_id
_entity_poly.type
_entity_poly.pdbx_seq_one_letter_code
_entity_poly.pdbx_strand_id
1 'polypeptide(L)'
;GPEPQSKSIEQRYLELMKKRQFDTFDMIVESDNNSFRFVVSHHFEKMVRLAGDRYHPSRVKRLAQEAVTLSTSLPLSFSS
SVFVRCDTDRLDIMKVLITGPADTPYANGCFEFDVFFPPDYPNQPMLINLETTGRHSVRFNPNLYNDGKVCLSVLNTWHG
RPEEKWNAQTSSFLQVLVSIQSLILVPEPYFNEPGFERSRGSPSGTNSSREYNSNIYQACVRWAMLEQIRSPSQCFKDVI
HKHFWLKREEICAQIEGWIEELGKPQYTERASRTISFNSMVLRRHYRHLREELSKLKPPRGLEDL
;
A
2 'polypeptide(L)'
;GPMAGNSAAAGGDIDESLYSRQLYVLGHDAMRRMANSDILLSGLGGLGLEIAKNVILGGVKSITLHDTATCGLHDLSSQF
YLTEADIGKNRAEASCAQLAELNNYVRTVSHTGPLTEEFLRKFRVVVLTNSDGEEQQRIAKFAHENGIALIIAETRGLFA
KVFCDFGESFTIYDQDGTQPISTMIASITHDAQGVVTCLDETRHGFNDGDYVTFSEVQGMQELNGCQPLKITVLGPYTFS
IGDTSKFGEYKSGGVATQVKMPKTISFKPLAQATEEPEFLISDFAKLDSPATLHVAFNALSCYRKAHNGALPRPWNEEDA
NSFLEVVRASSNAEVDEKLVLQFAKICSGNTCPLDAAVGGIVAQEVLKACSGKFTPIYQWLYFDALECLPTEGVEEADAQ
PVGSRYDSQIAIFGKKFQEKLADSKWFIVGAGAIGCELLKNFGMLGLGTGNGQIFVTDMDLIEKSNLNRQFLFRPHDVQK
PKSMTAADAIKRMNPEVNVTAYELRVGAETEKVFSEDFFGKLDGVANALDNVDARIYMDRKCIFNRIPLVETGTLGTLGN
VQVIVPFATESYSSSQDPPEKSIPICTLKNFPNAIEHTLQWARDAFEGVFKQSAENAAQYIADPQFTERIAKLPGIQPLE
ILDSIKKALIDDKPKSFAHCVEWARLYWEDQYVNQIKQLLFNFPPDQITSSGQPFWSGPKRCPDPLVFDVNDPMHLDFIY
AAANLRAEVYGIEQVRNRETIAELVQKVKVPEFKPRSGVKIETNEAAAAASANNFDDGELDQDRVDKIISELLKNADKSS
KITPLEFEKDDDSNLHMDFIVACSNLRAANYKIPPADRHKSKLIAGKIIPAIATTTSVLSGLAVLEVIKLIVGHRDLVKF
KNGFANLALPFMAFSEPLPAAKNTYYGKEWTLWDRFEVTGELSLQEFLNYFEENEKLKITMLSQGVSMLYSFFMPKAKCS
ERLPLPMSEVVRRVSKRRLEPHERSLVFEICCNDVDGEDVEVPYVRYTLP
;
B
3 'polypeptide(L)' MQIFVKTLTGKTITLEVEPSDTIENVKAKIQDKEGIPPDQQRLIFAGKQLEDGRTLSDYNIQKESTLHLVLRLRGA C,E
#
loop_
_chem_comp.id
_chem_comp.type
_chem_comp.name
_chem_comp.formula
AMP non-polymer 'ADENOSINE MONOPHOSPHATE' 'C10 H14 N5 O7 P'
#
# COMPACT_ATOMS: atom_id res chain seq x y z
N LYS A 7 -52.59 -9.13 19.14
CA LYS A 7 -51.17 -8.90 19.39
C LYS A 7 -50.90 -7.40 19.58
N SER A 8 -49.94 -7.11 20.47
CA SER A 8 -49.52 -5.75 20.69
C SER A 8 -48.82 -5.20 19.45
N ILE A 9 -48.84 -3.87 19.32
CA ILE A 9 -48.28 -3.22 18.13
C ILE A 9 -46.79 -3.48 18.02
N GLU A 10 -46.09 -3.53 19.16
CA GLU A 10 -44.67 -3.87 19.14
C GLU A 10 -44.45 -5.30 18.64
N GLN A 11 -45.30 -6.23 19.09
CA GLN A 11 -45.19 -7.61 18.62
C GLN A 11 -45.44 -7.71 17.12
N ARG A 12 -46.45 -7.00 16.62
CA ARG A 12 -46.71 -7.00 15.19
C ARG A 12 -45.54 -6.42 14.40
N TYR A 13 -44.96 -5.31 14.90
CA TYR A 13 -43.81 -4.71 14.24
C TYR A 13 -42.64 -5.68 14.19
N LEU A 14 -42.36 -6.34 15.32
CA LEU A 14 -41.24 -7.27 15.37
C LEU A 14 -41.46 -8.46 14.45
N GLU A 15 -42.70 -8.97 14.39
CA GLU A 15 -42.97 -10.12 13.53
C GLU A 15 -42.95 -9.74 12.06
N LEU A 16 -43.35 -8.52 11.73
CA LEU A 16 -43.43 -8.10 10.33
C LEU A 16 -42.08 -7.68 9.76
N MET A 17 -41.27 -6.96 10.56
CA MET A 17 -39.98 -6.50 10.06
C MET A 17 -38.90 -7.57 10.11
N LYS A 18 -39.16 -8.70 10.75
CA LYS A 18 -38.15 -9.75 10.85
C LYS A 18 -37.83 -10.36 9.48
N LYS A 19 -38.85 -10.61 8.66
CA LYS A 19 -38.64 -11.31 7.41
C LYS A 19 -37.88 -10.48 6.38
N ARG A 20 -37.80 -9.16 6.56
CA ARG A 20 -37.27 -8.27 5.54
C ARG A 20 -35.99 -7.57 5.98
N GLN A 21 -35.24 -8.18 6.90
CA GLN A 21 -34.02 -7.55 7.38
C GLN A 21 -32.91 -7.61 6.33
N PHE A 22 -32.75 -8.75 5.67
CA PHE A 22 -31.69 -8.94 4.69
C PHE A 22 -32.27 -9.53 3.43
N ASP A 23 -32.30 -8.74 2.36
CA ASP A 23 -32.84 -9.15 1.07
C ASP A 23 -31.88 -8.69 -0.02
N THR A 24 -32.20 -9.03 -1.26
CA THR A 24 -31.44 -8.59 -2.42
C THR A 24 -32.32 -7.76 -3.34
N PHE A 25 -31.71 -6.81 -4.03
CA PHE A 25 -32.41 -5.91 -4.93
C PHE A 25 -31.66 -5.80 -6.25
N ASP A 26 -32.40 -5.54 -7.32
CA ASP A 26 -31.83 -5.37 -8.65
C ASP A 26 -31.31 -3.94 -8.77
N MET A 27 -30.06 -3.74 -8.36
CA MET A 27 -29.43 -2.43 -8.46
C MET A 27 -28.75 -2.20 -9.79
N ILE A 28 -28.31 -3.27 -10.46
CA ILE A 28 -27.58 -3.17 -11.73
C ILE A 28 -28.30 -4.02 -12.77
N VAL A 29 -28.51 -3.44 -13.95
CA VAL A 29 -29.18 -4.13 -15.05
C VAL A 29 -28.27 -4.11 -16.27
N GLU A 30 -28.55 -5.00 -17.21
CA GLU A 30 -27.78 -5.08 -18.44
C GLU A 30 -28.04 -3.87 -19.32
N SER A 31 -27.00 -3.45 -20.03
CA SER A 31 -27.05 -2.32 -20.94
C SER A 31 -26.44 -2.74 -22.28
N ASP A 32 -26.37 -1.79 -23.21
CA ASP A 32 -25.82 -2.08 -24.53
C ASP A 32 -24.31 -2.33 -24.45
N ASN A 33 -23.76 -2.77 -25.58
CA ASN A 33 -22.32 -2.98 -25.83
C ASN A 33 -21.58 -3.49 -24.59
N ASN A 34 -22.14 -4.53 -23.97
CA ASN A 34 -21.51 -5.25 -22.86
C ASN A 34 -21.18 -4.32 -21.70
N SER A 35 -22.09 -3.39 -21.40
CA SER A 35 -21.95 -2.49 -20.27
C SER A 35 -23.13 -2.66 -19.33
N PHE A 36 -23.02 -2.04 -18.15
CA PHE A 36 -24.07 -2.08 -17.15
C PHE A 36 -24.31 -0.68 -16.62
N ARG A 37 -25.54 -0.43 -16.18
CA ARG A 37 -25.93 0.86 -15.64
C ARG A 37 -26.69 0.67 -14.33
N PHE A 38 -26.57 1.65 -13.45
CA PHE A 38 -27.25 1.61 -12.17
C PHE A 38 -28.66 2.14 -12.30
N VAL A 39 -29.65 1.37 -11.83
CA VAL A 39 -31.03 1.82 -11.79
C VAL A 39 -31.40 2.44 -10.46
N VAL A 40 -30.47 2.47 -9.50
CA VAL A 40 -30.66 3.12 -8.22
C VAL A 40 -29.48 4.06 -7.98
N SER A 41 -29.70 5.05 -7.12
CA SER A 41 -28.69 6.05 -6.84
C SER A 41 -27.72 5.51 -5.80
N HIS A 42 -26.52 5.13 -6.23
CA HIS A 42 -25.49 4.62 -5.34
C HIS A 42 -24.31 5.61 -5.33
N HIS A 43 -23.84 5.93 -4.14
CA HIS A 43 -22.77 6.92 -4.01
C HIS A 43 -21.47 6.42 -4.63
N PHE A 44 -21.17 5.12 -4.48
CA PHE A 44 -19.90 4.55 -4.91
C PHE A 44 -19.96 3.93 -6.30
N GLU A 45 -20.82 4.45 -7.17
CA GLU A 45 -20.88 3.92 -8.53
C GLU A 45 -19.58 4.15 -9.28
N LYS A 46 -18.99 5.34 -9.13
CA LYS A 46 -17.73 5.63 -9.80
C LYS A 46 -16.62 4.70 -9.32
N MET A 47 -16.55 4.45 -8.02
CA MET A 47 -15.51 3.57 -7.50
C MET A 47 -15.77 2.12 -7.91
N VAL A 48 -17.04 1.73 -8.01
CA VAL A 48 -17.36 0.40 -8.52
C VAL A 48 -16.87 0.24 -9.95
N ARG A 49 -17.11 1.25 -10.79
CA ARG A 49 -16.64 1.19 -12.17
C ARG A 49 -15.12 1.20 -12.25
N LEU A 50 -14.47 2.00 -11.40
CA LEU A 50 -13.01 2.04 -11.40
C LEU A 50 -12.41 0.71 -10.95
N ALA A 51 -13.03 0.06 -9.97
CA ALA A 51 -12.52 -1.23 -9.50
C ALA A 51 -12.62 -2.29 -10.61
N GLY A 52 -13.70 -2.27 -11.38
CA GLY A 52 -13.85 -3.24 -12.44
C GLY A 52 -14.04 -4.64 -11.88
N ASP A 53 -13.23 -5.58 -12.37
CA ASP A 53 -13.33 -6.98 -11.98
C ASP A 53 -12.23 -7.40 -11.00
N ARG A 54 -11.45 -6.46 -10.50
CA ARG A 54 -10.38 -6.80 -9.55
C ARG A 54 -10.98 -7.23 -8.21
N TYR A 55 -10.40 -8.27 -7.62
CA TYR A 55 -10.84 -8.75 -6.32
C TYR A 55 -9.75 -9.63 -5.72
N HIS A 56 -9.57 -9.53 -4.40
CA HIS A 56 -8.65 -10.41 -3.73
C HIS A 56 -9.27 -11.80 -3.55
N PRO A 57 -8.45 -12.86 -3.59
CA PRO A 57 -9.01 -14.22 -3.47
C PRO A 57 -9.78 -14.46 -2.18
N SER A 58 -9.35 -13.86 -1.06
CA SER A 58 -10.04 -14.07 0.20
C SER A 58 -11.34 -13.27 0.30
N ARG A 59 -11.55 -12.31 -0.60
CA ARG A 59 -12.72 -11.45 -0.50
C ARG A 59 -14.01 -12.23 -0.69
N VAL A 60 -14.01 -13.22 -1.60
CA VAL A 60 -15.23 -13.98 -1.86
C VAL A 60 -15.63 -14.78 -0.62
N LYS A 61 -14.66 -15.43 0.03
CA LYS A 61 -14.97 -16.18 1.25
C LYS A 61 -15.42 -15.25 2.36
N ARG A 62 -14.74 -14.11 2.51
CA ARG A 62 -15.11 -13.18 3.57
C ARG A 62 -16.52 -12.63 3.35
N LEU A 63 -16.87 -12.31 2.11
CA LEU A 63 -18.19 -11.80 1.81
C LEU A 63 -19.27 -12.87 1.98
N ALA A 64 -18.97 -14.12 1.63
CA ALA A 64 -19.93 -15.19 1.88
C ALA A 64 -20.18 -15.35 3.37
N GLN A 65 -19.12 -15.35 4.18
CA GLN A 65 -19.30 -15.45 5.62
C GLN A 65 -20.06 -14.24 6.17
N GLU A 66 -19.79 -13.05 5.64
CA GLU A 66 -20.50 -11.87 6.09
C GLU A 66 -21.98 -11.94 5.74
N ALA A 67 -22.32 -12.43 4.55
CA ALA A 67 -23.71 -12.61 4.18
C ALA A 67 -24.40 -13.63 5.08
N VAL A 68 -23.71 -14.74 5.38
CA VAL A 68 -24.27 -15.73 6.30
C VAL A 68 -24.53 -15.10 7.65
N THR A 69 -23.60 -14.29 8.15
CA THR A 69 -23.81 -13.62 9.43
C THR A 69 -24.98 -12.64 9.37
N LEU A 70 -25.05 -11.85 8.30
CA LEU A 70 -26.06 -10.79 8.21
C LEU A 70 -27.45 -11.35 8.03
N SER A 71 -27.59 -12.55 7.45
CA SER A 71 -28.92 -13.10 7.26
C SER A 71 -29.65 -13.38 8.56
N THR A 72 -28.94 -13.44 9.70
CA THR A 72 -29.57 -13.76 10.97
C THR A 72 -29.25 -12.75 12.07
N SER A 73 -28.08 -12.11 11.99
CA SER A 73 -27.50 -11.43 13.14
C SER A 73 -27.83 -9.95 13.24
N LEU A 74 -28.59 -9.39 12.30
CA LEU A 74 -28.86 -7.96 12.36
C LEU A 74 -29.72 -7.63 13.56
N PRO A 75 -29.45 -6.50 14.23
CA PRO A 75 -30.28 -6.11 15.37
C PRO A 75 -31.69 -5.75 14.96
N LEU A 76 -32.64 -6.01 15.85
CA LEU A 76 -34.05 -5.76 15.57
C LEU A 76 -34.78 -5.51 16.87
N SER A 77 -35.40 -4.34 16.99
CA SER A 77 -36.17 -3.99 18.17
C SER A 77 -37.15 -2.90 17.81
N PHE A 78 -38.14 -2.69 18.69
CA PHE A 78 -39.11 -1.62 18.47
C PHE A 78 -38.46 -0.25 18.55
N SER A 79 -37.31 -0.15 19.23
CA SER A 79 -36.61 1.13 19.32
C SER A 79 -35.83 1.41 18.04
N SER A 80 -34.99 0.47 17.62
CA SER A 80 -34.15 0.64 16.45
C SER A 80 -34.00 -0.68 15.72
N SER A 81 -33.72 -0.60 14.42
CA SER A 81 -33.53 -1.78 13.59
C SER A 81 -32.61 -1.41 12.44
N VAL A 82 -31.99 -2.44 11.86
CA VAL A 82 -31.06 -2.27 10.73
C VAL A 82 -31.51 -3.19 9.61
N PHE A 83 -31.63 -2.62 8.41
CA PHE A 83 -32.01 -3.37 7.22
C PHE A 83 -30.91 -3.24 6.16
N VAL A 84 -30.56 -4.35 5.53
CA VAL A 84 -29.47 -4.40 4.57
C VAL A 84 -29.98 -4.96 3.26
N ARG A 85 -29.68 -4.28 2.16
CA ARG A 85 -29.99 -4.74 0.82
C ARG A 85 -28.69 -4.85 0.03
N CYS A 86 -28.52 -5.94 -0.70
CA CYS A 86 -27.35 -6.14 -1.54
C CYS A 86 -27.79 -6.38 -2.97
N ASP A 87 -26.87 -6.13 -3.91
CA ASP A 87 -27.16 -6.40 -5.30
C ASP A 87 -27.38 -7.89 -5.52
N THR A 88 -28.31 -8.21 -6.41
CA THR A 88 -28.65 -9.62 -6.67
C THR A 88 -27.47 -10.40 -7.22
N ASP A 89 -26.52 -9.73 -7.87
CA ASP A 89 -25.37 -10.39 -8.48
C ASP A 89 -24.04 -9.98 -7.89
N ARG A 90 -24.02 -9.01 -6.96
CA ARG A 90 -22.77 -8.53 -6.39
C ARG A 90 -22.97 -8.29 -4.90
N LEU A 91 -22.24 -9.05 -4.08
CA LEU A 91 -22.33 -8.89 -2.63
C LEU A 91 -21.58 -7.65 -2.14
N ASP A 92 -20.65 -7.12 -2.93
CA ASP A 92 -19.82 -6.01 -2.50
C ASP A 92 -20.52 -4.66 -2.61
N ILE A 93 -21.75 -4.61 -3.13
CA ILE A 93 -22.53 -3.39 -3.22
C ILE A 93 -23.76 -3.55 -2.33
N MET A 94 -23.90 -2.67 -1.34
CA MET A 94 -24.96 -2.78 -0.36
C MET A 94 -25.52 -1.40 -0.01
N LYS A 95 -26.73 -1.42 0.52
CA LYS A 95 -27.40 -0.23 1.06
C LYS A 95 -27.95 -0.59 2.43
N VAL A 96 -27.80 0.31 3.39
CA VAL A 96 -28.17 0.07 4.78
C VAL A 96 -29.17 1.13 5.22
N LEU A 97 -30.25 0.69 5.85
CA LEU A 97 -31.25 1.58 6.43
C LEU A 97 -31.26 1.37 7.94
N ILE A 98 -31.04 2.44 8.69
CA ILE A 98 -31.00 2.40 10.14
C ILE A 98 -32.06 3.34 10.68
N THR A 99 -32.94 2.83 11.53
CA THR A 99 -33.95 3.64 12.18
C THR A 99 -33.41 4.17 13.51
N GLY A 100 -33.67 5.45 13.75
CA GLY A 100 -33.17 6.11 14.95
C GLY A 100 -33.70 5.50 16.23
N PRO A 101 -32.82 5.29 17.20
CA PRO A 101 -33.26 4.75 18.49
C PRO A 101 -34.16 5.72 19.22
N ALA A 102 -35.05 5.20 20.06
CA ALA A 102 -35.92 6.03 20.86
C ALA A 102 -35.11 6.81 21.89
N ASP A 103 -35.72 7.89 22.39
CA ASP A 103 -35.11 8.78 23.39
C ASP A 103 -33.84 9.42 22.82
N THR A 104 -33.81 9.62 21.51
CA THR A 104 -32.74 10.34 20.82
C THR A 104 -33.36 11.30 19.83
N PRO A 105 -32.63 12.34 19.41
CA PRO A 105 -33.17 13.26 18.40
C PRO A 105 -33.45 12.60 17.06
N TYR A 106 -32.86 11.43 16.79
CA TYR A 106 -33.07 10.72 15.55
C TYR A 106 -34.20 9.72 15.61
N ALA A 107 -34.96 9.70 16.71
CA ALA A 107 -35.91 8.63 16.96
C ALA A 107 -36.93 8.49 15.84
N ASN A 108 -37.14 7.24 15.41
CA ASN A 108 -38.11 6.90 14.36
C ASN A 108 -37.79 7.59 13.03
N GLY A 109 -36.51 7.85 12.77
CA GLY A 109 -36.07 8.43 11.52
C GLY A 109 -35.27 7.43 10.72
N CYS A 110 -35.57 7.34 9.43
CA CYS A 110 -34.90 6.39 8.53
C CYS A 110 -33.67 7.05 7.92
N PHE A 111 -32.50 6.51 8.21
CA PHE A 111 -31.24 7.01 7.68
C PHE A 111 -30.64 5.97 6.76
N GLU A 112 -30.28 6.38 5.54
CA GLU A 112 -29.82 5.47 4.51
C GLU A 112 -28.33 5.67 4.26
N PHE A 113 -27.60 4.56 4.12
CA PHE A 113 -26.17 4.56 3.88
C PHE A 113 -25.87 3.70 2.66
N ASP A 114 -24.80 4.07 1.95
CA ASP A 114 -24.28 3.26 0.85
C ASP A 114 -22.97 2.62 1.30
N VAL A 115 -22.86 1.31 1.09
CA VAL A 115 -21.68 0.54 1.49
C VAL A 115 -21.10 -0.12 0.26
N PHE A 116 -19.79 0.06 0.05
CA PHE A 116 -19.06 -0.61 -1.01
C PHE A 116 -17.84 -1.29 -0.42
N PHE A 117 -17.68 -2.57 -0.72
CA PHE A 117 -16.53 -3.33 -0.24
C PHE A 117 -15.42 -3.27 -1.28
N PRO A 118 -14.26 -2.71 -0.96
CA PRO A 118 -13.20 -2.58 -1.95
C PRO A 118 -12.64 -3.95 -2.33
N PRO A 119 -11.93 -4.05 -3.46
CA PRO A 119 -11.35 -5.35 -3.85
C PRO A 119 -10.35 -5.89 -2.84
N ASP A 120 -9.76 -5.03 -2.02
CA ASP A 120 -8.79 -5.46 -1.01
C ASP A 120 -9.43 -5.92 0.29
N TYR A 121 -10.76 -5.89 0.38
CA TYR A 121 -11.44 -6.36 1.58
C TYR A 121 -11.12 -7.83 1.81
N PRO A 122 -10.95 -8.25 3.08
CA PRO A 122 -11.12 -7.52 4.33
C PRO A 122 -9.87 -6.82 4.84
N ASN A 123 -8.81 -6.70 4.04
CA ASN A 123 -7.62 -5.98 4.50
C ASN A 123 -7.91 -4.48 4.62
N GLN A 124 -8.54 -3.90 3.60
CA GLN A 124 -8.93 -2.50 3.79
C GLN A 124 -10.37 -2.42 4.30
N PRO A 125 -10.66 -1.43 5.15
CA PRO A 125 -12.02 -1.29 5.65
C PRO A 125 -12.99 -0.91 4.54
N MET A 126 -14.25 -1.31 4.71
CA MET A 126 -15.26 -0.99 3.73
C MET A 126 -15.59 0.50 3.76
N LEU A 127 -16.19 0.97 2.68
CA LEU A 127 -16.50 2.39 2.50
C LEU A 127 -17.98 2.61 2.71
N ILE A 128 -18.33 3.54 3.59
CA ILE A 128 -19.71 3.82 3.93
C ILE A 128 -19.94 5.33 3.84
N ASN A 129 -21.09 5.70 3.28
CA ASN A 129 -21.44 7.10 3.07
C ASN A 129 -22.90 7.32 3.40
N LEU A 130 -23.20 8.41 4.10
CA LEU A 130 -24.55 8.74 4.50
C LEU A 130 -25.27 9.46 3.37
N GLU A 131 -26.43 8.94 2.98
CA GLU A 131 -27.23 9.54 1.91
C GLU A 131 -28.30 10.50 2.43
N THR A 132 -28.79 10.28 3.65
CA THR A 132 -29.83 11.13 4.23
C THR A 132 -29.15 12.35 4.84
N THR A 133 -28.73 13.26 3.97
CA THR A 133 -28.08 14.50 4.38
C THR A 133 -28.84 15.74 3.94
N GLY A 134 -29.99 15.58 3.30
CA GLY A 134 -30.75 16.72 2.81
C GLY A 134 -30.01 17.49 1.74
N ARG A 135 -29.44 16.78 0.77
CA ARG A 135 -28.65 17.38 -0.30
C ARG A 135 -27.50 18.22 0.27
N HIS A 136 -26.80 17.63 1.24
CA HIS A 136 -25.60 18.19 1.85
C HIS A 136 -25.86 19.50 2.59
N SER A 137 -27.11 19.78 2.97
CA SER A 137 -27.45 20.98 3.71
C SER A 137 -27.63 20.74 5.20
N VAL A 138 -27.48 19.50 5.66
CA VAL A 138 -27.71 19.14 7.06
C VAL A 138 -26.54 18.32 7.57
N ARG A 139 -26.01 18.70 8.74
CA ARG A 139 -25.01 17.92 9.46
C ARG A 139 -25.71 17.27 10.64
N PHE A 140 -26.05 15.99 10.50
CA PHE A 140 -26.86 15.32 11.51
C PHE A 140 -26.07 15.00 12.77
N ASN A 141 -24.75 14.93 12.70
CA ASN A 141 -23.93 14.51 13.84
C ASN A 141 -22.52 15.04 13.64
N PRO A 142 -21.78 15.28 14.72
CA PRO A 142 -20.36 15.65 14.56
C PRO A 142 -19.56 14.62 13.79
N ASN A 143 -19.89 13.34 13.92
CA ASN A 143 -19.23 12.29 13.16
C ASN A 143 -19.82 12.12 11.76
N LEU A 144 -20.95 12.74 11.47
CA LEU A 144 -21.62 12.61 10.17
C LEU A 144 -21.53 13.96 9.47
N TYR A 145 -20.46 14.13 8.68
CA TYR A 145 -20.28 15.37 7.93
C TYR A 145 -21.35 15.50 6.86
N ASN A 146 -21.68 16.74 6.51
CA ASN A 146 -22.79 16.99 5.61
C ASN A 146 -22.50 16.51 4.19
N ASP A 147 -21.24 16.33 3.82
CA ASP A 147 -20.93 15.76 2.51
C ASP A 147 -21.20 14.26 2.44
N GLY A 148 -21.51 13.62 3.56
CA GLY A 148 -21.82 12.21 3.60
C GLY A 148 -20.79 11.33 4.27
N LYS A 149 -19.58 11.86 4.52
CA LYS A 149 -18.53 11.03 5.10
C LYS A 149 -18.86 10.68 6.54
N VAL A 150 -18.68 9.40 6.88
CA VAL A 150 -18.97 8.89 8.22
C VAL A 150 -17.64 8.66 8.95
N CYS A 151 -17.59 9.10 10.19
CA CYS A 151 -16.39 9.00 11.02
C CYS A 151 -16.52 7.84 12.00
N LEU A 152 -15.56 6.92 11.94
CA LEU A 152 -15.44 5.87 12.94
C LEU A 152 -13.97 5.46 13.06
N SER A 153 -13.53 5.22 14.30
CA SER A 153 -12.18 4.73 14.52
C SER A 153 -12.00 3.33 13.93
N VAL A 154 -13.06 2.51 13.99
CA VAL A 154 -12.98 1.16 13.46
C VAL A 154 -12.74 1.15 11.96
N LEU A 155 -13.09 2.25 11.28
CA LEU A 155 -13.03 2.31 9.82
C LEU A 155 -11.69 2.82 9.29
N ASN A 156 -10.68 2.95 10.14
CA ASN A 156 -9.40 3.53 9.74
C ASN A 156 -8.26 2.58 10.06
N THR A 157 -7.31 2.47 9.13
CA THR A 157 -6.11 1.67 9.32
C THR A 157 -4.90 2.50 9.77
N TRP A 158 -5.06 3.82 9.89
CA TRP A 158 -4.02 4.69 10.44
C TRP A 158 -3.56 4.24 11.82
N HIS A 159 -2.41 4.75 12.27
CA HIS A 159 -1.67 4.19 13.39
C HIS A 159 -2.57 3.82 14.56
N GLY A 160 -3.22 4.80 15.16
CA GLY A 160 -4.22 4.53 16.18
C GLY A 160 -3.71 3.62 17.28
N ARG A 161 -4.52 2.63 17.65
CA ARG A 161 -4.20 1.63 18.65
C ARG A 161 -4.66 0.28 18.10
N PRO A 162 -3.97 -0.82 18.42
CA PRO A 162 -4.35 -2.12 17.83
C PRO A 162 -5.78 -2.55 18.13
N GLU A 163 -6.30 -2.25 19.33
CA GLU A 163 -7.67 -2.61 19.64
C GLU A 163 -8.68 -1.62 19.08
N GLU A 164 -8.22 -0.59 18.37
CA GLU A 164 -9.08 0.46 17.85
C GLU A 164 -9.08 0.51 16.32
N LYS A 165 -8.04 -0.01 15.68
CA LYS A 165 -7.91 0.02 14.23
C LYS A 165 -8.89 -0.94 13.57
N TRP A 166 -8.97 -0.85 12.24
CA TRP A 166 -9.60 -1.89 11.46
C TRP A 166 -8.74 -3.15 11.49
N ASN A 167 -9.30 -4.24 11.99
CA ASN A 167 -8.60 -5.51 12.11
C ASN A 167 -9.13 -6.48 11.08
N ALA A 168 -8.22 -7.12 10.34
CA ALA A 168 -8.62 -8.03 9.26
C ALA A 168 -9.34 -9.26 9.79
N GLN A 169 -9.21 -9.58 11.07
CA GLN A 169 -9.84 -10.75 11.66
C GLN A 169 -10.95 -10.41 12.65
N THR A 170 -10.71 -9.44 13.55
CA THR A 170 -11.63 -9.17 14.63
C THR A 170 -12.59 -8.01 14.33
N SER A 171 -12.73 -7.62 13.08
CA SER A 171 -13.68 -6.59 12.68
C SER A 171 -14.61 -7.14 11.62
N SER A 172 -15.83 -6.61 11.60
CA SER A 172 -16.87 -7.12 10.70
C SER A 172 -17.84 -6.01 10.35
N PHE A 173 -18.65 -6.27 9.31
CA PHE A 173 -19.67 -5.32 8.91
C PHE A 173 -20.73 -5.14 9.99
N LEU A 174 -21.11 -6.22 10.68
CA LEU A 174 -22.08 -6.13 11.75
C LEU A 174 -21.57 -5.23 12.87
N GLN A 175 -20.28 -5.34 13.21
CA GLN A 175 -19.71 -4.48 14.23
C GLN A 175 -19.80 -3.02 13.83
N VAL A 176 -19.50 -2.71 12.57
CA VAL A 176 -19.57 -1.32 12.11
C VAL A 176 -21.01 -0.81 12.16
N LEU A 177 -21.95 -1.64 11.74
CA LEU A 177 -23.36 -1.23 11.77
C LEU A 177 -23.83 -0.94 13.19
N VAL A 178 -23.48 -1.82 14.14
CA VAL A 178 -23.86 -1.58 15.53
C VAL A 178 -23.14 -0.35 16.08
N SER A 179 -21.88 -0.16 15.72
CA SER A 179 -21.14 1.03 16.14
C SER A 179 -21.87 2.29 15.72
N ILE A 180 -22.22 2.39 14.43
CA ILE A 180 -22.97 3.55 13.97
C ILE A 180 -24.27 3.69 14.75
N GLN A 181 -25.09 2.64 14.72
CA GLN A 181 -26.46 2.70 15.23
C GLN A 181 -26.52 3.02 16.72
N SER A 182 -25.49 2.72 17.49
CA SER A 182 -25.56 2.94 18.93
C SER A 182 -24.57 3.95 19.50
N LEU A 183 -23.52 4.32 18.77
CA LEU A 183 -22.59 5.32 19.26
C LEU A 183 -22.65 6.63 18.49
N ILE A 184 -23.24 6.64 17.29
CA ILE A 184 -23.43 7.89 16.56
C ILE A 184 -24.79 8.49 16.84
N LEU A 185 -25.84 7.66 16.83
CA LEU A 185 -27.20 8.10 17.16
C LEU A 185 -27.42 8.05 18.68
N VAL A 186 -26.60 8.83 19.38
CA VAL A 186 -26.64 8.89 20.84
C VAL A 186 -27.77 9.83 21.27
N PRO A 187 -28.25 9.73 22.51
CA PRO A 187 -29.29 10.67 22.97
C PRO A 187 -28.84 12.13 22.94
N GLU A 188 -27.55 12.39 23.14
CA GLU A 188 -27.01 13.75 23.15
C GLU A 188 -25.85 13.82 22.16
N PRO A 189 -26.15 14.06 20.88
CA PRO A 189 -25.09 14.07 19.86
C PRO A 189 -24.11 15.21 20.00
N TYR A 190 -24.44 16.26 20.76
CA TYR A 190 -23.56 17.42 20.84
C TYR A 190 -22.22 17.06 21.49
N PHE A 191 -22.23 16.17 22.48
CA PHE A 191 -21.03 15.81 23.20
C PHE A 191 -20.20 14.75 22.48
N ASN A 192 -20.57 14.37 21.26
CA ASN A 192 -19.74 13.43 20.50
C ASN A 192 -18.40 14.05 20.12
N GLU A 193 -18.36 15.34 19.89
CA GLU A 193 -17.12 16.02 19.54
C GLU A 193 -16.13 15.97 20.71
N PRO A 194 -14.90 15.52 20.49
CA PRO A 194 -13.92 15.50 21.58
C PRO A 194 -13.67 16.91 22.11
N GLY A 195 -13.38 16.99 23.41
CA GLY A 195 -13.22 18.25 24.11
C GLY A 195 -14.51 18.77 24.69
N PHE A 196 -15.60 18.69 23.91
CA PHE A 196 -16.92 19.05 24.42
C PHE A 196 -17.45 18.00 25.40
N GLU A 197 -16.84 16.82 25.44
CA GLU A 197 -17.34 15.74 26.28
C GLU A 197 -17.27 16.08 27.76
N ARG A 198 -16.27 16.86 28.17
CA ARG A 198 -16.10 17.19 29.58
C ARG A 198 -16.84 18.46 30.00
N SER A 199 -17.44 19.18 29.05
CA SER A 199 -18.22 20.36 29.38
C SER A 199 -19.65 20.02 29.80
N ARG A 200 -20.03 18.75 29.74
CA ARG A 200 -21.38 18.34 30.13
C ARG A 200 -21.58 18.54 31.63
N GLY A 201 -22.84 18.79 32.00
CA GLY A 201 -23.19 19.07 33.38
C GLY A 201 -23.25 20.54 33.73
N SER A 202 -22.63 21.41 32.93
CA SER A 202 -22.68 22.85 33.12
C SER A 202 -23.88 23.44 32.40
N PRO A 203 -24.42 24.56 32.88
CA PRO A 203 -25.57 25.18 32.20
C PRO A 203 -25.28 25.55 30.76
N SER A 204 -24.07 26.06 30.47
CA SER A 204 -23.74 26.41 29.09
C SER A 204 -23.71 25.18 28.20
N GLY A 205 -23.12 24.08 28.69
CA GLY A 205 -23.13 22.85 27.91
C GLY A 205 -24.54 22.32 27.70
N THR A 206 -25.38 22.43 28.72
CA THR A 206 -26.78 22.00 28.57
C THR A 206 -27.51 22.83 27.53
N ASN A 207 -27.30 24.15 27.53
CA ASN A 207 -27.93 25.00 26.52
C ASN A 207 -27.41 24.69 25.12
N SER A 208 -26.11 24.45 24.98
CA SER A 208 -25.56 24.10 23.68
C SER A 208 -26.13 22.77 23.18
N SER A 209 -26.24 21.78 24.07
CA SER A 209 -26.82 20.51 23.70
C SER A 209 -28.29 20.66 23.31
N ARG A 210 -29.02 21.51 24.04
CA ARG A 210 -30.42 21.77 23.70
C ARG A 210 -30.54 22.41 22.32
N GLU A 211 -29.66 23.37 22.01
CA GLU A 211 -29.66 24.00 20.69
C GLU A 211 -29.37 22.97 19.60
N TYR A 212 -28.35 22.14 19.81
CA TYR A 212 -28.02 21.11 18.84
C TYR A 212 -29.18 20.14 18.63
N ASN A 213 -29.81 19.72 19.72
CA ASN A 213 -30.94 18.80 19.63
C ASN A 213 -32.13 19.46 18.93
N SER A 214 -32.35 20.76 19.17
CA SER A 214 -33.44 21.46 18.51
C SER A 214 -33.21 21.53 17.01
N ASN A 215 -31.96 21.75 16.59
CA ASN A 215 -31.66 21.72 15.15
C ASN A 215 -31.87 20.33 14.58
N ILE A 216 -31.37 19.30 15.27
CA ILE A 216 -31.47 17.94 14.76
C ILE A 216 -32.92 17.48 14.72
N TYR A 217 -33.77 17.98 15.64
CA TYR A 217 -35.18 17.60 15.63
C TYR A 217 -35.83 17.95 14.30
N GLN A 218 -35.72 19.21 13.89
CA GLN A 218 -36.35 19.63 12.64
C GLN A 218 -35.64 19.01 11.44
N ALA A 219 -34.31 18.86 11.50
CA ALA A 219 -33.61 18.24 10.40
C ALA A 219 -34.10 16.82 10.17
N CYS A 220 -34.23 16.04 11.24
CA CYS A 220 -34.70 14.66 11.11
C CYS A 220 -36.16 14.61 10.70
N VAL A 221 -36.99 15.49 11.26
CA VAL A 221 -38.41 15.50 10.88
C VAL A 221 -38.56 15.78 9.39
N ARG A 222 -37.75 16.69 8.85
CA ARG A 222 -37.84 16.99 7.43
C ARG A 222 -37.29 15.86 6.58
N TRP A 223 -36.05 15.44 6.82
CA TRP A 223 -35.37 14.57 5.88
C TRP A 223 -35.53 13.07 6.20
N ALA A 224 -35.41 12.70 7.47
CA ALA A 224 -35.48 11.29 7.84
C ALA A 224 -36.91 10.73 7.78
N MET A 225 -37.92 11.58 7.86
CA MET A 225 -39.31 11.10 7.81
C MET A 225 -40.05 11.59 6.58
N LEU A 226 -40.13 12.91 6.37
CA LEU A 226 -41.01 13.44 5.32
C LEU A 226 -40.50 13.07 3.93
N GLU A 227 -39.22 13.29 3.67
CA GLU A 227 -38.68 12.96 2.35
C GLU A 227 -38.64 11.46 2.12
N GLN A 228 -38.43 10.67 3.17
CA GLN A 228 -38.46 9.23 3.02
C GLN A 228 -39.86 8.73 2.71
N ILE A 229 -40.89 9.35 3.29
CA ILE A 229 -42.25 8.98 2.97
C ILE A 229 -42.61 9.42 1.55
N ARG A 230 -42.24 10.65 1.19
CA ARG A 230 -42.61 11.18 -0.12
C ARG A 230 -41.89 10.44 -1.24
N SER A 231 -40.57 10.30 -1.14
CA SER A 231 -39.75 9.69 -2.18
C SER A 231 -38.84 8.63 -1.55
N PRO A 232 -39.39 7.49 -1.17
CA PRO A 232 -38.56 6.43 -0.59
C PRO A 232 -37.64 5.81 -1.63
N SER A 233 -36.52 5.28 -1.16
CA SER A 233 -35.62 4.55 -2.03
C SER A 233 -36.29 3.28 -2.54
N GLN A 234 -35.94 2.89 -3.77
CA GLN A 234 -36.57 1.73 -4.39
C GLN A 234 -36.28 0.45 -3.62
N CYS A 235 -35.12 0.37 -2.96
CA CYS A 235 -34.78 -0.84 -2.22
C CYS A 235 -35.53 -0.94 -0.90
N PHE A 236 -35.77 0.20 -0.23
CA PHE A 236 -36.40 0.22 1.08
C PHE A 236 -37.80 0.81 1.05
N LYS A 237 -38.50 0.73 -0.08
CA LYS A 237 -39.82 1.37 -0.20
C LYS A 237 -40.83 0.76 0.76
N ASP A 238 -40.99 -0.57 0.70
CA ASP A 238 -42.04 -1.20 1.50
C ASP A 238 -41.65 -1.29 2.96
N VAL A 239 -40.35 -1.43 3.25
CA VAL A 239 -39.90 -1.39 4.64
C VAL A 239 -40.22 -0.02 5.25
N ILE A 240 -39.92 1.05 4.52
CA ILE A 240 -40.20 2.39 5.02
C ILE A 240 -41.70 2.58 5.20
N HIS A 241 -42.49 2.12 4.22
CA HIS A 241 -43.94 2.29 4.31
C HIS A 241 -44.50 1.55 5.53
N LYS A 242 -44.07 0.30 5.74
CA LYS A 242 -44.55 -0.46 6.89
C LYS A 242 -44.11 0.18 8.20
N HIS A 243 -42.86 0.64 8.27
CA HIS A 243 -42.36 1.22 9.51
C HIS A 243 -43.11 2.51 9.85
N PHE A 244 -43.38 3.34 8.85
CA PHE A 244 -44.08 4.60 9.11
C PHE A 244 -45.58 4.39 9.35
N TRP A 245 -46.18 3.36 8.75
CA TRP A 245 -47.59 3.09 9.01
C TRP A 245 -47.81 2.48 10.38
N LEU A 246 -46.90 1.61 10.82
CA LEU A 246 -47.08 0.96 12.11
C LEU A 246 -46.82 1.89 13.29
N LYS A 247 -46.08 2.97 13.08
CA LYS A 247 -45.64 3.84 14.17
C LYS A 247 -46.06 5.29 13.97
N ARG A 248 -47.16 5.52 13.23
CA ARG A 248 -47.56 6.89 12.96
C ARG A 248 -48.02 7.60 14.23
N GLU A 249 -48.75 6.89 15.10
CA GLU A 249 -49.23 7.50 16.34
C GLU A 249 -48.07 7.82 17.27
N GLU A 250 -47.13 6.88 17.42
CA GLU A 250 -45.97 7.12 18.27
C GLU A 250 -45.12 8.25 17.73
N ILE A 251 -44.96 8.31 16.40
CA ILE A 251 -44.19 9.40 15.79
C ILE A 251 -44.86 10.74 16.06
N CYS A 252 -46.18 10.81 15.89
CA CYS A 252 -46.89 12.07 16.14
C CYS A 252 -46.76 12.48 17.59
N ALA A 253 -46.91 11.53 18.53
CA ALA A 253 -46.79 11.85 19.95
C ALA A 253 -45.38 12.32 20.28
N GLN A 254 -44.36 11.67 19.71
CA GLN A 254 -42.98 12.07 19.97
C GLN A 254 -42.69 13.46 19.44
N ILE A 255 -43.19 13.78 18.24
CA ILE A 255 -42.95 15.11 17.69
C ILE A 255 -43.70 16.17 18.50
N GLU A 256 -44.91 15.84 18.97
CA GLU A 256 -45.63 16.76 19.84
C GLU A 256 -44.87 17.01 21.14
N GLY A 257 -44.30 15.95 21.73
CA GLY A 257 -43.49 16.12 22.92
C GLY A 257 -42.26 16.96 22.67
N TRP A 258 -41.63 16.77 21.51
CA TRP A 258 -40.52 17.62 21.11
C TRP A 258 -40.95 19.07 21.04
N ILE A 259 -42.14 19.32 20.49
CA ILE A 259 -42.67 20.67 20.36
C ILE A 259 -42.86 21.29 21.74
N GLU A 260 -43.47 20.54 22.66
CA GLU A 260 -43.70 21.07 24.00
C GLU A 260 -42.39 21.33 24.73
N GLU A 261 -41.40 20.46 24.54
CA GLU A 261 -40.09 20.69 25.16
C GLU A 261 -39.42 21.93 24.59
N LEU A 262 -39.53 22.14 23.28
CA LEU A 262 -38.96 23.34 22.66
C LEU A 262 -39.68 24.61 23.08
N GLY A 263 -40.93 24.51 23.52
CA GLY A 263 -41.67 25.67 23.98
C GLY A 263 -41.35 26.15 25.38
N LYS A 264 -40.51 25.42 26.10
CA LYS A 264 -40.15 25.81 27.45
C LYS A 264 -39.28 27.06 27.42
N PRO A 265 -39.34 27.88 28.47
CA PRO A 265 -38.52 29.09 28.51
C PRO A 265 -37.03 28.77 28.58
N GLN A 266 -36.23 29.67 28.02
CA GLN A 266 -34.79 29.52 27.97
C GLN A 266 -34.11 30.61 28.80
N TYR A 267 -32.90 30.30 29.26
CA TYR A 267 -32.19 31.22 30.14
C TYR A 267 -31.43 32.29 29.36
N THR A 268 -30.86 31.93 28.21
CA THR A 268 -30.06 32.84 27.41
C THR A 268 -30.78 33.20 26.12
N GLU A 269 -30.70 34.47 25.73
CA GLU A 269 -31.38 34.94 24.53
C GLU A 269 -30.76 34.36 23.26
N ARG A 270 -29.43 34.19 23.26
CA ARG A 270 -28.75 33.66 22.07
C ARG A 270 -29.26 32.27 21.72
N ALA A 271 -29.39 31.41 22.72
CA ALA A 271 -29.98 30.09 22.47
C ALA A 271 -31.49 30.19 22.27
N SER A 272 -32.14 31.15 22.91
CA SER A 272 -33.59 31.26 22.82
C SER A 272 -34.05 31.58 21.39
N ARG A 273 -33.34 32.48 20.71
CA ARG A 273 -33.71 32.84 19.36
C ARG A 273 -33.61 31.64 18.42
N THR A 274 -32.49 30.91 18.50
CA THR A 274 -32.31 29.73 17.66
C THR A 274 -33.33 28.66 17.99
N ILE A 275 -33.64 28.47 19.27
CA ILE A 275 -34.63 27.48 19.66
C ILE A 275 -36.00 27.84 19.13
N SER A 276 -36.37 29.12 19.19
CA SER A 276 -37.66 29.55 18.65
C SER A 276 -37.73 29.36 17.15
N PHE A 277 -36.65 29.70 16.44
CA PHE A 277 -36.64 29.51 14.99
C PHE A 277 -36.76 28.04 14.62
N ASN A 278 -36.01 27.18 15.32
CA ASN A 278 -36.09 25.76 15.07
C ASN A 278 -37.47 25.21 15.41
N SER A 279 -38.12 25.76 16.45
CA SER A 279 -39.46 25.34 16.81
C SER A 279 -40.47 25.71 15.73
N MET A 280 -40.36 26.92 15.17
CA MET A 280 -41.29 27.30 14.10
C MET A 280 -41.06 26.44 12.86
N VAL A 281 -39.80 26.16 12.53
CA VAL A 281 -39.51 25.27 11.40
C VAL A 281 -40.06 23.88 11.67
N LEU A 282 -39.96 23.42 12.90
CA LEU A 282 -40.43 22.07 13.22
C LEU A 282 -41.95 22.00 13.16
N ARG A 283 -42.64 23.07 13.58
CA ARG A 283 -44.09 23.10 13.40
C ARG A 283 -44.46 23.05 11.92
N ARG A 284 -43.74 23.81 11.10
CA ARG A 284 -44.02 23.83 9.67
C ARG A 284 -43.81 22.44 9.06
N HIS A 285 -42.76 21.74 9.47
CA HIS A 285 -42.51 20.41 8.95
C HIS A 285 -43.46 19.37 9.52
N TYR A 286 -43.87 19.53 10.78
CA TYR A 286 -44.78 18.58 11.40
C TYR A 286 -46.17 18.65 10.81
N ARG A 287 -46.61 19.85 10.39
CA ARG A 287 -47.88 19.95 9.69
C ARG A 287 -47.85 19.14 8.39
N HIS A 288 -46.77 19.28 7.63
CA HIS A 288 -46.63 18.52 6.39
C HIS A 288 -46.55 17.01 6.67
N LEU A 289 -45.85 16.63 7.73
CA LEU A 289 -45.74 15.22 8.07
C LEU A 289 -47.08 14.64 8.46
N ARG A 290 -47.89 15.39 9.21
CA ARG A 290 -49.24 14.96 9.53
C ARG A 290 -50.08 14.83 8.27
N GLU A 291 -49.90 15.76 7.32
CA GLU A 291 -50.61 15.65 6.05
C GLU A 291 -50.22 14.37 5.31
N GLU A 292 -48.93 14.03 5.31
CA GLU A 292 -48.48 12.87 4.55
C GLU A 292 -48.86 11.56 5.23
N LEU A 293 -48.82 11.52 6.56
CA LEU A 293 -49.09 10.29 7.29
C LEU A 293 -50.51 9.80 7.06
N SER A 294 -51.47 10.72 6.99
CA SER A 294 -52.86 10.33 6.78
C SER A 294 -53.09 9.70 5.42
N LYS A 295 -52.22 9.97 4.45
CA LYS A 295 -52.36 9.43 3.10
C LYS A 295 -51.76 8.03 2.95
N LEU A 296 -51.17 7.48 4.01
CA LEU A 296 -50.49 6.18 3.92
C LEU A 296 -51.52 5.06 3.90
N LYS A 297 -51.61 4.37 2.76
CA LYS A 297 -52.54 3.26 2.63
C LYS A 297 -52.00 2.05 3.40
N PRO A 298 -52.82 1.43 4.24
CA PRO A 298 -52.31 0.38 5.14
C PRO A 298 -51.76 -0.80 4.37
N PRO A 299 -50.56 -1.25 4.70
CA PRO A 299 -49.98 -2.39 3.98
C PRO A 299 -50.80 -3.66 4.16
N ARG A 300 -50.74 -4.52 3.15
CA ARG A 300 -51.55 -5.73 3.15
C ARG A 300 -51.16 -6.63 4.31
N ASP B 13 23.60 22.98 -9.99
CA ASP B 13 22.90 22.04 -9.12
C ASP B 13 22.67 20.70 -9.81
N ILE B 14 22.09 19.76 -9.07
CA ILE B 14 21.79 18.45 -9.63
C ILE B 14 20.59 18.55 -10.55
N ASP B 15 20.70 17.94 -11.73
CA ASP B 15 19.59 17.92 -12.68
C ASP B 15 18.51 17.01 -12.16
N GLU B 16 17.49 17.60 -11.52
CA GLU B 16 16.42 16.80 -10.91
C GLU B 16 15.58 16.09 -11.96
N SER B 17 15.41 16.69 -13.15
CA SER B 17 14.60 16.09 -14.18
C SER B 17 15.12 14.72 -14.63
N LEU B 18 16.40 14.45 -14.41
CA LEU B 18 16.99 13.16 -14.72
C LEU B 18 17.18 12.28 -13.50
N TYR B 19 17.63 12.86 -12.38
CA TYR B 19 17.93 12.12 -11.16
C TYR B 19 16.80 12.20 -10.13
N SER B 20 15.55 12.35 -10.59
CA SER B 20 14.45 12.56 -9.66
C SER B 20 14.30 11.39 -8.70
N ARG B 21 14.22 10.17 -9.24
CA ARG B 21 14.01 9.00 -8.38
C ARG B 21 15.24 8.70 -7.52
N GLN B 22 16.44 8.95 -8.06
CA GLN B 22 17.66 8.62 -7.33
C GLN B 22 17.95 9.62 -6.22
N LEU B 23 17.46 10.85 -6.36
CA LEU B 23 17.67 11.85 -5.31
C LEU B 23 16.97 11.44 -4.02
N TYR B 24 15.75 10.90 -4.12
CA TYR B 24 15.02 10.49 -2.93
C TYR B 24 15.72 9.34 -2.21
N VAL B 25 16.62 8.64 -2.87
CA VAL B 25 17.41 7.58 -2.23
C VAL B 25 18.70 8.13 -1.67
N LEU B 26 19.42 8.95 -2.44
CA LEU B 26 20.76 9.36 -2.06
C LEU B 26 20.76 10.66 -1.26
N GLY B 27 20.17 11.72 -1.80
CA GLY B 27 20.20 13.02 -1.18
C GLY B 27 21.08 14.00 -1.95
N HIS B 28 20.83 15.28 -1.71
CA HIS B 28 21.57 16.31 -2.45
C HIS B 28 23.04 16.32 -2.07
N ASP B 29 23.35 16.17 -0.77
CA ASP B 29 24.74 16.19 -0.33
C ASP B 29 25.51 15.00 -0.92
N ALA B 30 24.91 13.82 -0.87
CA ALA B 30 25.58 12.63 -1.40
C ALA B 30 25.83 12.76 -2.89
N MET B 31 24.83 13.25 -3.63
CA MET B 31 24.99 13.40 -5.08
C MET B 31 26.02 14.46 -5.41
N ARG B 32 26.09 15.53 -4.61
CA ARG B 32 27.14 16.53 -4.80
C ARG B 32 28.52 15.92 -4.58
N ARG B 33 28.65 15.06 -3.57
CA ARG B 33 29.94 14.43 -3.31
C ARG B 33 30.33 13.48 -4.44
N MET B 34 29.36 12.71 -4.96
CA MET B 34 29.67 11.81 -6.06
C MET B 34 30.00 12.57 -7.34
N ALA B 35 29.47 13.78 -7.51
CA ALA B 35 29.76 14.58 -8.69
C ALA B 35 31.18 15.14 -8.69
N ASN B 36 31.97 14.86 -7.65
CA ASN B 36 33.36 15.33 -7.58
C ASN B 36 34.33 14.17 -7.38
N SER B 37 33.92 12.96 -7.71
CA SER B 37 34.74 11.77 -7.50
C SER B 37 35.10 11.12 -8.83
N ASP B 38 36.37 10.75 -8.98
CA ASP B 38 36.85 10.06 -10.16
C ASP B 38 37.02 8.58 -9.85
N ILE B 39 36.56 7.73 -10.75
CA ILE B 39 36.54 6.28 -10.54
C ILE B 39 37.44 5.62 -11.57
N LEU B 40 38.27 4.68 -11.11
CA LEU B 40 39.07 3.83 -11.98
C LEU B 40 38.59 2.40 -11.84
N LEU B 41 38.24 1.78 -12.97
CA LEU B 41 37.76 0.41 -13.00
C LEU B 41 38.72 -0.44 -13.81
N SER B 42 39.30 -1.46 -13.18
CA SER B 42 40.24 -2.36 -13.83
C SER B 42 39.54 -3.68 -14.13
N GLY B 43 39.62 -4.12 -15.37
CA GLY B 43 38.96 -5.34 -15.79
C GLY B 43 37.56 -5.06 -16.32
N LEU B 44 37.33 -5.42 -17.58
CA LEU B 44 36.05 -5.12 -18.21
C LEU B 44 35.35 -6.39 -18.67
N GLY B 45 35.30 -7.40 -17.82
CA GLY B 45 34.52 -8.58 -18.07
C GLY B 45 33.04 -8.30 -17.86
N GLY B 46 32.28 -9.36 -17.62
CA GLY B 46 30.87 -9.17 -17.32
C GLY B 46 30.65 -8.41 -16.03
N LEU B 47 31.36 -8.81 -14.98
CA LEU B 47 31.24 -8.14 -13.68
C LEU B 47 31.70 -6.69 -13.78
N GLY B 48 32.83 -6.45 -14.44
CA GLY B 48 33.30 -5.09 -14.61
C GLY B 48 32.35 -4.24 -15.42
N LEU B 49 31.75 -4.84 -16.46
CA LEU B 49 30.78 -4.11 -17.28
C LEU B 49 29.56 -3.73 -16.47
N GLU B 50 29.07 -4.65 -15.63
CA GLU B 50 27.92 -4.33 -14.78
C GLU B 50 28.27 -3.22 -13.79
N ILE B 51 29.45 -3.29 -13.19
CA ILE B 51 29.88 -2.26 -12.25
C ILE B 51 29.95 -0.90 -12.96
N ALA B 52 30.55 -0.88 -14.15
CA ALA B 52 30.67 0.37 -14.89
C ALA B 52 29.31 0.93 -15.26
N LYS B 53 28.40 0.08 -15.72
CA LYS B 53 27.06 0.54 -16.10
C LYS B 53 26.34 1.14 -14.91
N ASN B 54 26.35 0.45 -13.77
CA ASN B 54 25.64 0.95 -12.60
C ASN B 54 26.28 2.22 -12.07
N VAL B 55 27.61 2.31 -12.08
CA VAL B 55 28.29 3.51 -11.61
C VAL B 55 28.00 4.69 -12.52
N ILE B 56 28.03 4.48 -13.84
CA ILE B 56 27.73 5.55 -14.78
C ILE B 56 26.29 6.04 -14.61
N LEU B 57 25.35 5.10 -14.45
CA LEU B 57 23.98 5.49 -14.18
C LEU B 57 23.87 6.22 -12.84
N GLY B 58 24.77 5.93 -11.90
CA GLY B 58 24.78 6.65 -10.65
C GLY B 58 25.11 8.13 -10.82
N GLY B 59 26.00 8.45 -11.77
CA GLY B 59 26.32 9.83 -12.05
C GLY B 59 27.52 10.36 -11.33
N VAL B 60 28.63 9.61 -11.36
CA VAL B 60 29.89 10.07 -10.80
C VAL B 60 30.49 11.10 -11.73
N LYS B 61 31.51 11.82 -11.27
CA LYS B 61 32.13 12.86 -12.09
C LYS B 61 32.74 12.27 -13.36
N SER B 62 33.52 11.21 -13.22
CA SER B 62 34.13 10.56 -14.37
C SER B 62 34.51 9.13 -14.00
N ILE B 63 34.66 8.30 -15.02
CA ILE B 63 35.06 6.92 -14.85
C ILE B 63 36.07 6.56 -15.94
N THR B 64 37.15 5.89 -15.55
CA THR B 64 38.18 5.44 -16.47
C THR B 64 38.18 3.92 -16.52
N LEU B 65 38.02 3.37 -17.73
CA LEU B 65 37.96 1.93 -17.92
C LEU B 65 39.33 1.43 -18.38
N HIS B 66 39.98 0.64 -17.54
CA HIS B 66 41.29 0.09 -17.82
C HIS B 66 41.20 -1.42 -17.94
N ASP B 67 41.87 -1.97 -18.95
CA ASP B 67 41.89 -3.42 -19.16
C ASP B 67 43.08 -3.78 -20.03
N THR B 68 43.67 -4.94 -19.75
CA THR B 68 44.76 -5.47 -20.55
C THR B 68 44.38 -6.69 -21.37
N ALA B 69 43.35 -7.42 -20.97
CA ALA B 69 42.93 -8.61 -21.69
C ALA B 69 42.19 -8.23 -22.97
N THR B 70 42.19 -9.15 -23.93
CA THR B 70 41.51 -8.97 -25.20
C THR B 70 40.21 -9.76 -25.22
N CYS B 71 39.25 -9.26 -25.99
CA CYS B 71 37.94 -9.90 -26.07
C CYS B 71 38.06 -11.26 -26.74
N GLY B 72 37.32 -12.23 -26.19
CA GLY B 72 37.29 -13.57 -26.73
C GLY B 72 35.87 -14.10 -26.77
N LEU B 73 35.73 -15.33 -27.28
CA LEU B 73 34.42 -15.95 -27.34
C LEU B 73 33.84 -16.20 -25.95
N HIS B 74 34.68 -16.55 -24.98
CA HIS B 74 34.22 -16.81 -23.64
C HIS B 74 33.66 -15.56 -22.96
N ASP B 75 34.05 -14.37 -23.41
CA ASP B 75 33.58 -13.14 -22.80
C ASP B 75 32.14 -12.80 -23.18
N LEU B 76 31.62 -13.39 -24.26
CA LEU B 76 30.26 -13.08 -24.71
C LEU B 76 29.19 -13.66 -23.80
N SER B 77 29.55 -14.51 -22.84
CA SER B 77 28.55 -15.10 -21.96
C SER B 77 27.90 -14.05 -21.06
N SER B 78 28.63 -12.99 -20.72
CA SER B 78 28.11 -11.95 -19.84
C SER B 78 28.31 -10.53 -20.35
N GLN B 79 29.27 -10.29 -21.23
CA GLN B 79 29.52 -8.95 -21.76
C GLN B 79 28.51 -8.68 -22.88
N PHE B 80 27.54 -7.82 -22.61
CA PHE B 80 26.49 -7.51 -23.57
C PHE B 80 26.88 -6.37 -24.52
N TYR B 81 28.03 -5.74 -24.32
CA TYR B 81 28.51 -4.69 -25.20
C TYR B 81 29.59 -5.18 -26.17
N LEU B 82 29.86 -6.48 -26.19
CA LEU B 82 30.85 -7.07 -27.09
C LEU B 82 30.16 -8.00 -28.07
N THR B 83 30.62 -7.96 -29.31
CA THR B 83 30.12 -8.82 -30.38
C THR B 83 31.25 -9.71 -30.89
N GLU B 84 30.90 -10.62 -31.80
CA GLU B 84 31.92 -11.49 -32.39
C GLU B 84 32.91 -10.70 -33.22
N ALA B 85 32.50 -9.56 -33.77
CA ALA B 85 33.42 -8.73 -34.53
C ALA B 85 34.43 -8.02 -33.64
N ASP B 86 34.19 -7.98 -32.32
CA ASP B 86 35.10 -7.35 -31.38
C ASP B 86 36.17 -8.29 -30.85
N ILE B 87 36.21 -9.53 -31.34
CA ILE B 87 37.20 -10.49 -30.87
C ILE B 87 38.59 -10.03 -31.30
N GLY B 88 39.52 -9.97 -30.34
CA GLY B 88 40.86 -9.52 -30.57
C GLY B 88 41.13 -8.10 -30.16
N LYS B 89 40.09 -7.28 -29.98
CA LYS B 89 40.24 -5.91 -29.54
C LYS B 89 40.26 -5.84 -28.01
N ASN B 90 40.77 -4.74 -27.50
CA ASN B 90 40.76 -4.51 -26.06
C ASN B 90 39.33 -4.34 -25.57
N ARG B 91 39.00 -5.02 -24.47
CA ARG B 91 37.63 -4.99 -23.96
C ARG B 91 37.22 -3.59 -23.55
N ALA B 92 38.10 -2.90 -22.81
CA ALA B 92 37.77 -1.56 -22.33
C ALA B 92 37.57 -0.59 -23.49
N GLU B 93 38.46 -0.62 -24.47
CA GLU B 93 38.33 0.27 -25.62
C GLU B 93 37.06 -0.03 -26.41
N ALA B 94 36.73 -1.31 -26.57
CA ALA B 94 35.53 -1.68 -27.31
C ALA B 94 34.26 -1.23 -26.59
N SER B 95 34.23 -1.37 -25.27
CA SER B 95 33.02 -1.06 -24.51
C SER B 95 32.92 0.40 -24.09
N CYS B 96 33.99 1.18 -24.22
CA CYS B 96 33.95 2.57 -23.78
C CYS B 96 32.95 3.39 -24.59
N ALA B 97 32.90 3.17 -25.91
CA ALA B 97 32.00 3.95 -26.75
C ALA B 97 30.55 3.71 -26.38
N GLN B 98 30.17 2.45 -26.15
CA GLN B 98 28.78 2.15 -25.79
C GLN B 98 28.47 2.55 -24.36
N LEU B 99 29.44 2.46 -23.46
CA LEU B 99 29.18 2.81 -22.06
C LEU B 99 29.00 4.31 -21.88
N ALA B 100 29.59 5.12 -22.77
CA ALA B 100 29.50 6.57 -22.62
C ALA B 100 28.10 7.08 -22.89
N GLU B 101 27.30 6.35 -23.67
CA GLU B 101 25.95 6.80 -24.01
C GLU B 101 24.97 6.66 -22.86
N LEU B 102 25.33 5.93 -21.80
CA LEU B 102 24.41 5.75 -20.69
C LEU B 102 24.12 7.07 -19.98
N ASN B 103 25.14 7.90 -19.81
CA ASN B 103 24.98 9.17 -19.12
C ASN B 103 25.94 10.19 -19.72
N ASN B 104 25.39 11.25 -20.28
CA ASN B 104 26.23 12.29 -20.89
C ASN B 104 26.88 13.20 -19.85
N TYR B 105 26.40 13.18 -18.62
CA TYR B 105 27.01 13.98 -17.55
C TYR B 105 28.27 13.33 -16.99
N VAL B 106 28.58 12.10 -17.37
CA VAL B 106 29.73 11.37 -16.87
C VAL B 106 30.75 11.26 -17.99
N ARG B 107 31.99 11.68 -17.71
CA ARG B 107 33.07 11.61 -18.67
C ARG B 107 33.70 10.22 -18.61
N THR B 108 33.59 9.47 -19.69
CA THR B 108 34.08 8.10 -19.76
C THR B 108 35.26 8.03 -20.73
N VAL B 109 36.39 7.52 -20.25
CA VAL B 109 37.59 7.35 -21.06
C VAL B 109 38.14 5.95 -20.85
N SER B 110 39.00 5.53 -21.76
CA SER B 110 39.61 4.21 -21.72
C SER B 110 41.12 4.33 -21.61
N HIS B 111 41.71 3.48 -20.78
CA HIS B 111 43.16 3.46 -20.56
C HIS B 111 43.68 2.04 -20.77
N THR B 112 44.84 1.94 -21.40
CA THR B 112 45.47 0.64 -21.66
C THR B 112 46.88 0.53 -21.09
N GLY B 113 47.41 1.59 -20.50
CA GLY B 113 48.75 1.56 -19.95
C GLY B 113 48.81 0.88 -18.61
N PRO B 114 50.03 0.71 -18.11
CA PRO B 114 50.20 0.08 -16.79
C PRO B 114 49.69 0.98 -15.68
N LEU B 115 49.29 0.34 -14.57
CA LEU B 115 48.74 1.04 -13.42
C LEU B 115 49.90 1.52 -12.53
N THR B 116 50.52 2.61 -12.94
CA THR B 116 51.63 3.18 -12.20
C THR B 116 51.11 3.91 -10.96
N GLU B 117 52.04 4.19 -10.03
CA GLU B 117 51.67 4.88 -8.80
C GLU B 117 51.16 6.28 -9.08
N GLU B 118 51.80 7.00 -10.00
CA GLU B 118 51.36 8.35 -10.34
C GLU B 118 49.98 8.34 -10.99
N PHE B 119 49.67 7.30 -11.76
CA PHE B 119 48.37 7.21 -12.41
C PHE B 119 47.25 6.95 -11.40
N LEU B 120 47.55 6.20 -10.33
CA LEU B 120 46.52 5.86 -9.35
C LEU B 120 46.14 7.04 -8.47
N ARG B 121 46.98 8.07 -8.38
CA ARG B 121 46.72 9.20 -7.49
C ARG B 121 45.56 10.07 -7.95
N LYS B 122 45.08 9.89 -9.19
CA LYS B 122 44.04 10.73 -9.74
C LYS B 122 42.63 10.25 -9.44
N PHE B 123 42.48 9.12 -8.74
CA PHE B 123 41.18 8.48 -8.56
C PHE B 123 40.82 8.42 -7.09
N ARG B 124 39.56 8.75 -6.78
CA ARG B 124 39.07 8.63 -5.42
C ARG B 124 38.82 7.16 -5.05
N VAL B 125 38.26 6.39 -5.98
CA VAL B 125 37.95 4.99 -5.76
C VAL B 125 38.58 4.16 -6.88
N VAL B 126 39.21 3.05 -6.50
CA VAL B 126 39.83 2.14 -7.45
C VAL B 126 39.19 0.77 -7.29
N VAL B 127 38.70 0.21 -8.38
CA VAL B 127 38.06 -1.10 -8.40
C VAL B 127 38.94 -2.05 -9.21
N LEU B 128 39.26 -3.20 -8.60
CA LEU B 128 40.15 -4.18 -9.22
C LEU B 128 39.38 -5.46 -9.46
N THR B 129 39.31 -5.87 -10.73
CA THR B 129 38.75 -7.17 -11.11
C THR B 129 39.76 -7.89 -11.99
N ASN B 130 39.73 -9.22 -11.92
CA ASN B 130 40.59 -10.13 -12.70
C ASN B 130 42.08 -9.83 -12.52
N SER B 131 42.45 -9.07 -11.49
CA SER B 131 43.85 -8.80 -11.22
C SER B 131 44.47 -9.96 -10.46
N ASP B 132 45.76 -10.20 -10.72
CA ASP B 132 46.46 -11.30 -10.08
C ASP B 132 46.78 -10.93 -8.63
N GLY B 133 47.36 -11.90 -7.90
CA GLY B 133 47.61 -11.69 -6.49
C GLY B 133 48.64 -10.61 -6.21
N GLU B 134 49.75 -10.62 -6.95
CA GLU B 134 50.81 -9.66 -6.69
C GLU B 134 50.36 -8.23 -7.01
N GLU B 135 49.69 -8.05 -8.14
CA GLU B 135 49.15 -6.74 -8.49
C GLU B 135 48.12 -6.28 -7.48
N GLN B 136 47.25 -7.20 -7.04
CA GLN B 136 46.25 -6.86 -6.03
C GLN B 136 46.92 -6.37 -4.75
N GLN B 137 47.94 -7.11 -4.28
CA GLN B 137 48.62 -6.71 -3.05
C GLN B 137 49.31 -5.37 -3.20
N ARG B 138 50.01 -5.16 -4.32
CA ARG B 138 50.73 -3.91 -4.53
C ARG B 138 49.77 -2.72 -4.57
N ILE B 139 48.68 -2.86 -5.34
CA ILE B 139 47.75 -1.75 -5.48
C ILE B 139 47.02 -1.50 -4.16
N ALA B 140 46.69 -2.56 -3.42
CA ALA B 140 46.04 -2.38 -2.13
C ALA B 140 46.95 -1.65 -1.15
N LYS B 141 48.23 -2.05 -1.09
CA LYS B 141 49.16 -1.37 -0.21
C LYS B 141 49.31 0.10 -0.59
N PHE B 142 49.44 0.39 -1.89
CA PHE B 142 49.59 1.77 -2.32
C PHE B 142 48.34 2.58 -2.00
N ALA B 143 47.16 2.02 -2.23
CA ALA B 143 45.93 2.75 -1.97
C ALA B 143 45.74 3.01 -0.49
N HIS B 144 46.02 2.02 0.37
CA HIS B 144 45.91 2.23 1.80
C HIS B 144 46.91 3.27 2.30
N GLU B 145 48.13 3.24 1.75
CA GLU B 145 49.14 4.20 2.19
C GLU B 145 48.81 5.62 1.74
N ASN B 146 48.07 5.77 0.64
CA ASN B 146 47.81 7.09 0.06
C ASN B 146 46.33 7.50 0.16
N GLY B 147 45.56 6.84 1.02
CA GLY B 147 44.19 7.25 1.27
C GLY B 147 43.27 7.18 0.06
N ILE B 148 43.32 6.07 -0.67
CA ILE B 148 42.46 5.83 -1.82
C ILE B 148 41.59 4.63 -1.53
N ALA B 149 40.28 4.79 -1.69
CA ALA B 149 39.36 3.69 -1.48
C ALA B 149 39.60 2.59 -2.50
N LEU B 150 39.63 1.35 -2.04
CA LEU B 150 39.90 0.21 -2.90
C LEU B 150 38.82 -0.85 -2.72
N ILE B 151 38.35 -1.38 -3.84
CA ILE B 151 37.36 -2.45 -3.85
C ILE B 151 37.85 -3.54 -4.80
N ILE B 152 37.84 -4.78 -4.32
CA ILE B 152 38.28 -5.93 -5.10
C ILE B 152 37.10 -6.87 -5.26
N ALA B 153 36.75 -7.18 -6.51
CA ALA B 153 35.60 -8.02 -6.81
C ALA B 153 36.01 -9.12 -7.79
N GLU B 154 35.50 -10.33 -7.56
CA GLU B 154 35.76 -11.47 -8.41
C GLU B 154 34.52 -12.33 -8.50
N THR B 155 34.38 -13.05 -9.62
CA THR B 155 33.32 -14.03 -9.80
C THR B 155 33.91 -15.26 -10.46
N ARG B 156 33.70 -16.42 -9.84
CA ARG B 156 34.21 -17.69 -10.35
C ARG B 156 33.05 -18.67 -10.41
N GLY B 157 32.48 -18.85 -11.60
CA GLY B 157 31.34 -19.73 -11.77
C GLY B 157 30.12 -19.24 -11.04
N LEU B 158 29.74 -19.94 -9.96
CA LEU B 158 28.61 -19.55 -9.13
C LEU B 158 29.04 -18.97 -7.79
N PHE B 159 30.27 -18.44 -7.71
CA PHE B 159 30.81 -17.90 -6.48
C PHE B 159 31.20 -16.44 -6.68
N ALA B 160 31.24 -15.71 -5.58
CA ALA B 160 31.53 -14.28 -5.61
C ALA B 160 32.42 -13.91 -4.44
N LYS B 161 33.16 -12.81 -4.60
CA LYS B 161 34.03 -12.30 -3.55
C LYS B 161 34.10 -10.79 -3.68
N VAL B 162 33.84 -10.08 -2.58
CA VAL B 162 33.91 -8.62 -2.53
C VAL B 162 34.74 -8.22 -1.32
N PHE B 163 35.69 -7.32 -1.53
CA PHE B 163 36.53 -6.78 -0.47
C PHE B 163 36.50 -5.27 -0.53
N CYS B 164 36.41 -4.62 0.63
CA CYS B 164 36.33 -3.17 0.72
C CYS B 164 37.37 -2.65 1.70
N ASP B 165 38.10 -1.62 1.29
CA ASP B 165 39.10 -0.96 2.12
C ASP B 165 39.02 0.53 1.81
N PHE B 166 38.31 1.27 2.65
CA PHE B 166 38.00 2.67 2.38
C PHE B 166 38.92 3.65 3.09
N GLY B 167 39.97 3.16 3.74
CA GLY B 167 40.96 4.02 4.36
C GLY B 167 41.01 3.84 5.86
N GLU B 168 42.00 4.53 6.47
CA GLU B 168 42.21 4.43 7.90
C GLU B 168 41.16 5.19 8.71
N SER B 169 40.47 6.15 8.10
CA SER B 169 39.46 6.93 8.81
C SER B 169 38.37 7.29 7.79
N PHE B 170 37.27 6.54 7.83
CA PHE B 170 36.14 6.74 6.94
C PHE B 170 34.93 7.18 7.74
N THR B 171 34.30 8.28 7.32
CA THR B 171 33.18 8.88 8.02
C THR B 171 31.88 8.57 7.29
N ILE B 172 30.90 8.06 8.01
CA ILE B 172 29.57 7.78 7.48
C ILE B 172 28.60 8.79 8.05
N TYR B 173 27.91 9.52 7.18
CA TYR B 173 26.98 10.56 7.61
C TYR B 173 25.58 10.04 7.84
N ASP B 174 25.20 8.94 7.20
CA ASP B 174 23.89 8.33 7.38
C ASP B 174 24.08 6.82 7.41
N GLN B 175 24.00 6.19 8.58
CA GLN B 175 24.41 4.80 8.72
C GLN B 175 23.41 3.79 8.14
N ASP B 176 22.13 4.16 7.98
CA ASP B 176 21.06 3.22 7.67
C ASP B 176 20.07 3.67 6.59
N GLY B 177 20.11 4.94 6.17
CA GLY B 177 19.27 5.48 5.10
C GLY B 177 17.81 5.81 5.50
N THR B 178 17.37 5.52 6.72
CA THR B 178 15.98 5.75 7.16
C THR B 178 15.74 7.21 7.57
N GLN B 179 14.55 7.74 7.29
CA GLN B 179 14.22 9.11 7.64
C GLN B 179 14.06 9.24 9.17
N PRO B 180 14.45 10.37 9.74
CA PRO B 180 14.23 10.57 11.18
C PRO B 180 12.74 10.56 11.52
N ILE B 181 12.44 10.03 12.69
CA ILE B 181 11.06 9.93 13.19
C ILE B 181 10.88 10.92 14.32
N SER B 182 9.81 11.69 14.27
CA SER B 182 9.49 12.66 15.30
C SER B 182 8.24 12.22 16.05
N THR B 183 8.27 12.35 17.37
CA THR B 183 7.14 12.01 18.21
C THR B 183 6.77 13.22 19.06
N MET B 184 5.53 13.23 19.52
CA MET B 184 5.00 14.38 20.24
C MET B 184 4.88 14.06 21.72
N ILE B 185 5.18 15.06 22.54
CA ILE B 185 5.40 14.86 23.98
C ILE B 185 4.12 15.19 24.73
N ALA B 186 3.75 14.31 25.67
CA ALA B 186 2.62 14.52 26.56
C ALA B 186 3.05 15.04 27.93
N SER B 187 4.05 14.42 28.55
CA SER B 187 4.50 14.84 29.87
C SER B 187 5.96 14.47 30.04
N ILE B 188 6.72 15.34 30.71
CA ILE B 188 8.11 15.09 31.05
C ILE B 188 8.27 15.25 32.56
N THR B 189 8.76 14.20 33.22
CA THR B 189 9.00 14.27 34.65
C THR B 189 10.23 15.12 34.95
N HIS B 190 10.19 15.81 36.08
CA HIS B 190 11.23 16.76 36.48
C HIS B 190 11.99 16.17 37.67
N ASP B 191 13.01 15.37 37.37
CA ASP B 191 13.87 14.78 38.39
C ASP B 191 15.19 14.38 37.73
N ALA B 192 15.98 13.57 38.46
CA ALA B 192 17.31 13.22 37.98
C ALA B 192 17.28 12.20 36.85
N GLN B 193 16.14 11.55 36.61
CA GLN B 193 15.98 10.58 35.53
C GLN B 193 14.69 10.85 34.76
N GLY B 194 14.51 12.11 34.36
CA GLY B 194 13.32 12.56 33.68
C GLY B 194 12.83 11.66 32.56
N VAL B 195 11.54 11.33 32.60
CA VAL B 195 10.94 10.38 31.66
C VAL B 195 10.00 11.13 30.74
N VAL B 196 10.18 10.95 29.43
CA VAL B 196 9.31 11.55 28.43
C VAL B 196 8.25 10.54 28.04
N THR B 197 6.99 10.94 28.16
CA THR B 197 5.85 10.09 27.83
C THR B 197 5.21 10.58 26.54
N CYS B 198 4.92 9.66 25.63
CA CYS B 198 4.36 10.02 24.34
C CYS B 198 2.88 10.38 24.47
N LEU B 199 2.33 10.87 23.37
CA LEU B 199 0.97 11.40 23.35
C LEU B 199 -0.05 10.29 23.20
N ASP B 200 -1.08 10.30 24.06
CA ASP B 200 -2.22 9.40 24.02
C ASP B 200 -1.82 7.95 23.73
N GLU B 201 -0.69 7.53 24.29
CA GLU B 201 -0.20 6.15 24.21
C GLU B 201 0.07 5.76 22.74
N THR B 202 0.98 6.51 22.12
CA THR B 202 1.43 6.24 20.76
C THR B 202 2.90 5.87 20.79
N ARG B 203 3.27 4.83 20.05
CA ARG B 203 4.65 4.35 20.05
C ARG B 203 5.56 5.36 19.36
N HIS B 204 6.67 5.71 20.03
CA HIS B 204 7.63 6.63 19.44
C HIS B 204 8.46 5.94 18.36
N GLY B 205 8.79 4.67 18.56
CA GLY B 205 9.62 3.94 17.61
C GLY B 205 11.10 4.20 17.74
N PHE B 206 11.54 4.94 18.76
CA PHE B 206 12.95 5.24 18.93
C PHE B 206 13.72 4.00 19.34
N ASN B 207 14.89 3.81 18.71
CA ASN B 207 15.79 2.73 19.10
C ASN B 207 16.48 3.07 20.41
N ASP B 208 16.91 2.03 21.11
CA ASP B 208 17.68 2.22 22.33
C ASP B 208 19.02 2.86 22.01
N GLY B 209 19.41 3.84 22.82
CA GLY B 209 20.65 4.55 22.60
C GLY B 209 20.60 5.60 21.51
N ASP B 210 19.41 6.01 21.09
CA ASP B 210 19.28 7.01 20.04
C ASP B 210 19.59 8.41 20.57
N TYR B 211 19.77 9.34 19.65
CA TYR B 211 20.00 10.75 19.96
C TYR B 211 18.83 11.56 19.43
N VAL B 212 18.23 12.40 20.29
CA VAL B 212 17.05 13.17 19.93
C VAL B 212 17.28 14.63 20.28
N THR B 213 16.47 15.49 19.67
CA THR B 213 16.45 16.91 19.96
C THR B 213 15.00 17.35 20.17
N PHE B 214 14.83 18.46 20.89
CA PHE B 214 13.52 18.93 21.30
C PHE B 214 13.22 20.28 20.67
N SER B 215 11.94 20.50 20.37
CA SER B 215 11.48 21.76 19.80
C SER B 215 10.04 22.00 20.21
N GLU B 216 9.64 23.26 20.18
CA GLU B 216 8.27 23.68 20.51
C GLU B 216 7.87 23.23 21.92
N VAL B 217 8.83 23.28 22.85
CA VAL B 217 8.61 22.87 24.23
C VAL B 217 8.30 24.11 25.06
N GLN B 218 7.20 24.07 25.80
CA GLN B 218 6.78 25.17 26.66
C GLN B 218 7.14 24.83 28.10
N GLY B 219 7.78 25.78 28.79
CA GLY B 219 8.26 25.55 30.14
C GLY B 219 9.70 25.09 30.18
N MET B 220 9.98 23.91 29.61
CA MET B 220 11.36 23.45 29.43
C MET B 220 11.91 23.98 28.10
N GLN B 221 11.85 25.31 27.96
CA GLN B 221 12.31 25.97 26.75
C GLN B 221 13.81 25.86 26.56
N GLU B 222 14.56 25.49 27.60
CA GLU B 222 16.00 25.28 27.43
C GLU B 222 16.30 24.10 26.52
N LEU B 223 15.40 23.11 26.47
CA LEU B 223 15.58 21.96 25.60
C LEU B 223 15.32 22.30 24.13
N ASN B 224 14.75 23.46 23.83
CA ASN B 224 14.47 23.83 22.45
C ASN B 224 15.77 24.10 21.71
N GLY B 225 15.98 23.38 20.60
CA GLY B 225 17.19 23.56 19.82
C GLY B 225 18.45 23.09 20.50
N CYS B 226 18.35 22.26 21.53
CA CYS B 226 19.52 21.79 22.25
C CYS B 226 20.27 20.75 21.43
N GLN B 227 21.51 20.48 21.85
CA GLN B 227 22.32 19.47 21.20
C GLN B 227 21.71 18.09 21.45
N PRO B 228 21.96 17.14 20.55
CA PRO B 228 21.35 15.80 20.70
C PRO B 228 21.75 15.15 22.02
N LEU B 229 20.79 14.45 22.61
CA LEU B 229 20.96 13.81 23.91
C LEU B 229 20.72 12.31 23.78
N LYS B 230 21.60 11.53 24.39
CA LYS B 230 21.44 10.07 24.38
C LYS B 230 20.25 9.67 25.23
N ILE B 231 19.41 8.80 24.69
CA ILE B 231 18.17 8.40 25.34
C ILE B 231 18.26 6.93 25.76
N THR B 232 17.38 6.55 26.68
CA THR B 232 17.27 5.18 27.16
C THR B 232 15.81 4.77 27.06
N VAL B 233 15.50 3.85 26.15
CA VAL B 233 14.12 3.44 25.92
C VAL B 233 13.69 2.55 27.09
N LEU B 234 12.80 3.08 27.93
CA LEU B 234 12.28 2.32 29.07
C LEU B 234 11.04 1.52 28.73
N GLY B 235 10.49 1.68 27.53
CA GLY B 235 9.31 0.96 27.13
C GLY B 235 8.86 1.35 25.73
N PRO B 236 7.78 0.73 25.26
CA PRO B 236 7.28 1.05 23.92
C PRO B 236 6.75 2.47 23.78
N TYR B 237 6.50 3.17 24.89
CA TYR B 237 5.93 4.50 24.85
C TYR B 237 6.69 5.54 25.66
N THR B 238 7.67 5.15 26.46
CA THR B 238 8.38 6.07 27.34
C THR B 238 9.88 5.86 27.21
N PHE B 239 10.63 6.93 27.42
CA PHE B 239 12.09 6.89 27.38
C PHE B 239 12.63 7.99 28.29
N SER B 240 13.88 7.82 28.69
CA SER B 240 14.55 8.74 29.62
C SER B 240 15.63 9.52 28.89
N ILE B 241 15.79 10.79 29.27
CA ILE B 241 16.76 11.68 28.66
C ILE B 241 17.79 12.18 29.67
N GLY B 242 17.85 11.60 30.85
CA GLY B 242 18.81 12.01 31.85
C GLY B 242 18.25 12.96 32.89
N ASP B 243 19.11 13.83 33.43
CA ASP B 243 18.70 14.74 34.48
C ASP B 243 17.98 15.95 33.87
N THR B 244 16.75 16.19 34.31
CA THR B 244 15.97 17.34 33.84
C THR B 244 15.62 18.31 34.96
N SER B 245 16.26 18.17 36.13
CA SER B 245 15.93 19.03 37.26
C SER B 245 16.48 20.45 37.10
N LYS B 246 17.49 20.64 36.26
CA LYS B 246 18.10 21.95 36.08
C LYS B 246 17.27 22.89 35.23
N PHE B 247 16.24 22.41 34.56
CA PHE B 247 15.37 23.23 33.74
C PHE B 247 14.08 23.54 34.48
N GLY B 248 13.24 24.36 33.86
CA GLY B 248 11.96 24.71 34.45
C GLY B 248 10.95 23.59 34.33
N GLU B 249 9.81 23.80 34.98
CA GLU B 249 8.73 22.81 34.96
C GLU B 249 8.13 22.73 33.56
N TYR B 250 7.68 21.53 33.20
CA TYR B 250 7.06 21.33 31.89
C TYR B 250 5.58 21.70 31.94
N LYS B 251 5.16 22.59 31.04
CA LYS B 251 3.76 22.97 30.92
C LYS B 251 3.01 22.10 29.92
N SER B 252 3.41 22.11 28.66
CA SER B 252 2.71 21.38 27.60
C SER B 252 3.57 21.44 26.33
N GLY B 253 3.10 20.76 25.29
CA GLY B 253 3.75 20.79 24.00
C GLY B 253 5.05 20.00 23.97
N GLY B 254 5.79 20.21 22.90
CA GLY B 254 7.08 19.58 22.74
C GLY B 254 7.10 18.46 21.71
N VAL B 255 8.09 18.50 20.82
CA VAL B 255 8.27 17.46 19.79
C VAL B 255 9.71 16.99 19.86
N ALA B 256 9.91 15.68 19.98
CA ALA B 256 11.23 15.08 19.99
C ALA B 256 11.51 14.45 18.64
N THR B 257 12.61 14.86 18.01
CA THR B 257 12.95 14.42 16.67
C THR B 257 14.28 13.67 16.71
N GLN B 258 14.32 12.51 16.06
CA GLN B 258 15.54 11.72 16.00
C GLN B 258 16.60 12.44 15.17
N VAL B 259 17.85 12.33 15.60
CA VAL B 259 18.98 12.96 14.93
C VAL B 259 19.97 11.87 14.54
N LYS B 260 20.43 11.91 13.29
CA LYS B 260 21.35 10.90 12.76
C LYS B 260 22.78 11.30 13.11
N MET B 261 23.41 10.53 13.98
CA MET B 261 24.77 10.80 14.43
C MET B 261 25.78 10.16 13.49
N PRO B 262 26.75 10.91 12.99
CA PRO B 262 27.78 10.31 12.13
C PRO B 262 28.68 9.36 12.91
N LYS B 263 29.26 8.41 12.18
CA LYS B 263 30.15 7.41 12.75
C LYS B 263 31.43 7.34 11.94
N THR B 264 32.56 7.16 12.64
CA THR B 264 33.87 7.03 12.00
C THR B 264 34.42 5.65 12.31
N ILE B 265 34.80 4.91 11.26
CA ILE B 265 35.35 3.57 11.40
C ILE B 265 36.69 3.51 10.69
N SER B 266 37.47 2.48 11.03
CA SER B 266 38.79 2.27 10.45
C SER B 266 38.78 0.96 9.68
N PHE B 267 39.32 1.00 8.47
CA PHE B 267 39.41 -0.19 7.61
C PHE B 267 40.84 -0.73 7.65
N LYS B 268 40.96 -2.01 7.93
CA LYS B 268 42.26 -2.66 7.88
C LYS B 268 42.72 -2.75 6.43
N PRO B 269 44.02 -2.69 6.17
CA PRO B 269 44.53 -2.95 4.82
C PRO B 269 44.27 -4.39 4.42
N LEU B 270 44.37 -4.65 3.12
CA LEU B 270 44.19 -6.02 2.63
C LEU B 270 45.23 -6.96 3.22
N ALA B 271 46.48 -6.51 3.24
CA ALA B 271 47.57 -7.35 3.75
C ALA B 271 47.34 -7.76 5.20
N GLN B 272 46.70 -6.90 5.98
CA GLN B 272 46.30 -7.31 7.32
C GLN B 272 44.97 -8.06 7.31
N ALA B 273 44.00 -7.60 6.52
CA ALA B 273 42.64 -8.10 6.65
C ALA B 273 42.52 -9.55 6.20
N THR B 274 43.48 -10.02 5.40
CA THR B 274 43.41 -11.41 4.96
C THR B 274 43.49 -12.38 6.14
N GLU B 275 44.42 -12.15 7.07
CA GLU B 275 44.61 -13.12 8.15
C GLU B 275 43.53 -13.03 9.21
N GLU B 276 42.96 -11.84 9.45
CA GLU B 276 41.84 -11.70 10.39
C GLU B 276 40.65 -11.11 9.65
N PRO B 277 39.93 -11.94 8.90
CA PRO B 277 38.81 -11.43 8.10
C PRO B 277 37.53 -11.32 8.93
N GLU B 278 36.74 -10.31 8.59
CA GLU B 278 35.40 -10.13 9.11
C GLU B 278 34.42 -10.35 7.97
N PHE B 279 33.52 -11.31 8.12
CA PHE B 279 32.63 -11.73 7.05
C PHE B 279 31.23 -11.14 7.24
N LEU B 280 30.70 -10.55 6.18
CA LEU B 280 29.29 -10.20 6.07
C LEU B 280 28.53 -11.44 5.60
N ILE B 281 27.61 -11.94 6.40
CA ILE B 281 26.89 -13.17 6.06
C ILE B 281 25.83 -12.85 5.01
N SER B 282 25.89 -13.55 3.89
CA SER B 282 24.89 -13.42 2.83
C SER B 282 23.79 -14.47 2.91
N ASP B 283 24.10 -15.65 3.45
CA ASP B 283 23.10 -16.69 3.66
C ASP B 283 23.33 -17.26 5.06
N PHE B 284 22.30 -17.19 5.90
CA PHE B 284 22.42 -17.63 7.28
C PHE B 284 22.27 -19.13 7.46
N ALA B 285 22.00 -19.87 6.37
CA ALA B 285 22.04 -21.32 6.40
C ALA B 285 23.40 -21.87 6.00
N LYS B 286 24.36 -21.01 5.69
CA LYS B 286 25.69 -21.40 5.22
C LYS B 286 26.76 -20.63 5.99
N LEU B 287 26.66 -20.63 7.32
CA LEU B 287 27.56 -19.82 8.13
C LEU B 287 29.02 -20.23 7.96
N ASP B 288 29.28 -21.49 7.60
CA ASP B 288 30.64 -21.97 7.43
C ASP B 288 31.16 -21.77 6.02
N SER B 289 30.31 -21.36 5.08
CA SER B 289 30.76 -21.17 3.70
C SER B 289 31.82 -20.09 3.53
N PRO B 290 31.68 -18.88 4.10
CA PRO B 290 32.69 -17.85 3.83
C PRO B 290 34.10 -18.24 4.25
N ALA B 291 34.25 -18.98 5.34
CA ALA B 291 35.59 -19.38 5.78
C ALA B 291 36.28 -20.26 4.75
N THR B 292 35.53 -21.19 4.14
CA THR B 292 36.11 -22.04 3.11
C THR B 292 36.32 -21.28 1.81
N LEU B 293 35.38 -20.39 1.47
CA LEU B 293 35.49 -19.65 0.22
C LEU B 293 36.67 -18.69 0.23
N HIS B 294 36.99 -18.11 1.40
CA HIS B 294 38.18 -17.27 1.51
C HIS B 294 39.43 -18.04 1.12
N VAL B 295 39.61 -19.23 1.69
CA VAL B 295 40.78 -20.04 1.39
C VAL B 295 40.78 -20.47 -0.06
N ALA B 296 39.61 -20.84 -0.60
CA ALA B 296 39.55 -21.28 -1.99
C ALA B 296 39.94 -20.16 -2.94
N PHE B 297 39.42 -18.95 -2.71
CA PHE B 297 39.75 -17.83 -3.57
C PHE B 297 41.22 -17.45 -3.44
N ASN B 298 41.77 -17.54 -2.22
CA ASN B 298 43.19 -17.23 -2.04
C ASN B 298 44.07 -18.25 -2.76
N ALA B 299 43.71 -19.54 -2.69
CA ALA B 299 44.51 -20.59 -3.30
C ALA B 299 44.31 -20.72 -4.80
N LEU B 300 43.26 -20.09 -5.35
CA LEU B 300 43.11 -20.07 -6.80
C LEU B 300 44.31 -19.46 -7.49
N SER B 301 44.86 -18.38 -6.91
CA SER B 301 46.04 -17.75 -7.50
C SER B 301 47.24 -18.69 -7.46
N CYS B 302 47.43 -19.42 -6.36
CA CYS B 302 48.53 -20.38 -6.29
C CYS B 302 48.36 -21.49 -7.32
N TYR B 303 47.13 -21.99 -7.48
CA TYR B 303 46.89 -23.02 -8.49
C TYR B 303 47.20 -22.49 -9.88
N ARG B 304 46.78 -21.26 -10.17
CA ARG B 304 47.09 -20.66 -11.47
C ARG B 304 48.59 -20.54 -11.68
N LYS B 305 49.32 -20.11 -10.64
CA LYS B 305 50.77 -20.01 -10.75
C LYS B 305 51.41 -21.37 -10.98
N ALA B 306 50.80 -22.43 -10.45
CA ALA B 306 51.34 -23.77 -10.58
C ALA B 306 50.91 -24.49 -11.85
N HIS B 307 50.06 -23.88 -12.68
CA HIS B 307 49.54 -24.55 -13.86
C HIS B 307 49.54 -23.61 -15.06
N ASN B 308 50.62 -22.85 -15.24
CA ASN B 308 50.82 -21.99 -16.41
C ASN B 308 49.67 -21.00 -16.58
N GLY B 309 49.17 -20.47 -15.48
CA GLY B 309 48.09 -19.49 -15.54
C GLY B 309 46.79 -20.03 -16.09
N ALA B 310 46.48 -21.30 -15.82
CA ALA B 310 45.26 -21.93 -16.32
C ALA B 310 44.40 -22.37 -15.16
N LEU B 311 43.12 -22.01 -15.20
CA LEU B 311 42.18 -22.44 -14.18
C LEU B 311 41.88 -23.92 -14.34
N PRO B 312 41.40 -24.57 -13.27
CA PRO B 312 41.03 -25.99 -13.38
C PRO B 312 39.98 -26.21 -14.46
N ARG B 313 40.11 -27.34 -15.16
CA ARG B 313 39.20 -27.66 -16.24
C ARG B 313 37.79 -27.90 -15.70
N PRO B 314 36.76 -27.58 -16.47
CA PRO B 314 35.37 -27.71 -15.97
C PRO B 314 35.02 -29.16 -15.68
N TRP B 315 34.59 -29.40 -14.44
CA TRP B 315 34.11 -30.71 -13.99
C TRP B 315 35.15 -31.80 -14.22
N ASN B 316 36.40 -31.48 -13.91
CA ASN B 316 37.50 -32.44 -14.02
C ASN B 316 37.90 -32.89 -12.63
N GLU B 317 37.92 -34.21 -12.41
CA GLU B 317 38.20 -34.75 -11.09
C GLU B 317 39.67 -34.56 -10.71
N GLU B 318 40.58 -34.76 -11.66
CA GLU B 318 42.01 -34.62 -11.36
C GLU B 318 42.35 -33.19 -10.98
N ASP B 319 41.84 -32.22 -11.73
CA ASP B 319 42.10 -30.82 -11.40
C ASP B 319 41.46 -30.43 -10.08
N ALA B 320 40.27 -30.98 -9.79
CA ALA B 320 39.65 -30.71 -8.49
C ALA B 320 40.50 -31.26 -7.35
N ASN B 321 41.04 -32.46 -7.51
CA ASN B 321 41.91 -33.03 -6.50
C ASN B 321 43.18 -32.21 -6.33
N SER B 322 43.76 -31.74 -7.44
CA SER B 322 44.95 -30.90 -7.36
C SER B 322 44.65 -29.59 -6.63
N PHE B 323 43.50 -28.98 -6.93
CA PHE B 323 43.12 -27.74 -6.24
C PHE B 323 42.88 -27.99 -4.76
N LEU B 324 42.27 -29.13 -4.42
CA LEU B 324 42.07 -29.47 -3.01
C LEU B 324 43.40 -29.64 -2.30
N GLU B 325 44.37 -30.29 -2.95
CA GLU B 325 45.70 -30.44 -2.36
C GLU B 325 46.37 -29.08 -2.17
N VAL B 326 46.22 -28.19 -3.16
CA VAL B 326 46.79 -26.84 -3.03
C VAL B 326 46.16 -26.11 -1.87
N VAL B 327 44.84 -26.22 -1.71
CA VAL B 327 44.15 -25.58 -0.59
C VAL B 327 44.64 -26.15 0.74
N ARG B 328 44.81 -27.47 0.80
CA ARG B 328 45.30 -28.10 2.02
C ARG B 328 46.69 -27.60 2.37
N ALA B 329 47.56 -27.48 1.36
CA ALA B 329 48.93 -27.04 1.63
C ALA B 329 48.99 -25.56 2.02
N SER B 330 48.10 -24.74 1.44
CA SER B 330 48.19 -23.30 1.64
C SER B 330 47.71 -22.88 3.02
N SER B 331 46.76 -23.60 3.61
CA SER B 331 46.17 -23.20 4.88
C SER B 331 46.14 -24.39 5.83
N ASN B 332 46.23 -24.10 7.13
CA ASN B 332 46.18 -25.12 8.17
C ASN B 332 44.80 -25.29 8.78
N ALA B 333 43.90 -24.33 8.58
CA ALA B 333 42.56 -24.43 9.13
C ALA B 333 41.72 -25.44 8.37
N GLU B 334 40.83 -26.12 9.09
CA GLU B 334 39.96 -27.10 8.48
C GLU B 334 38.96 -26.41 7.56
N VAL B 335 38.72 -27.01 6.39
CA VAL B 335 37.82 -26.47 5.39
C VAL B 335 36.89 -27.56 4.89
N ASP B 336 35.77 -27.14 4.32
CA ASP B 336 34.80 -28.07 3.73
C ASP B 336 35.38 -28.59 2.43
N GLU B 337 35.87 -29.84 2.45
CA GLU B 337 36.53 -30.41 1.27
C GLU B 337 35.56 -30.57 0.12
N LYS B 338 34.31 -30.97 0.42
CA LYS B 338 33.30 -31.07 -0.63
C LYS B 338 33.05 -29.71 -1.28
N LEU B 339 32.97 -28.65 -0.47
CA LEU B 339 32.78 -27.32 -1.01
C LEU B 339 33.99 -26.90 -1.86
N VAL B 340 35.19 -27.26 -1.42
CA VAL B 340 36.39 -26.94 -2.20
C VAL B 340 36.35 -27.63 -3.55
N LEU B 341 35.98 -28.92 -3.57
CA LEU B 341 35.89 -29.64 -4.84
C LEU B 341 34.84 -29.03 -5.75
N GLN B 342 33.67 -28.69 -5.18
CA GLN B 342 32.61 -28.07 -5.97
C GLN B 342 33.06 -26.73 -6.55
N PHE B 343 33.78 -25.94 -5.75
CA PHE B 343 34.32 -24.67 -6.24
C PHE B 343 35.31 -24.90 -7.37
N ALA B 344 36.20 -25.89 -7.21
CA ALA B 344 37.21 -26.15 -8.24
C ALA B 344 36.59 -26.65 -9.53
N LYS B 345 35.49 -27.39 -9.43
CA LYS B 345 34.89 -27.96 -10.63
C LYS B 345 34.23 -26.92 -11.53
N ILE B 346 33.80 -25.78 -10.98
CA ILE B 346 33.05 -24.81 -11.78
C ILE B 346 33.69 -23.42 -11.71
N CYS B 347 34.92 -23.35 -11.21
CA CYS B 347 35.58 -22.04 -11.06
C CYS B 347 35.96 -21.42 -12.40
N SER B 348 36.01 -22.20 -13.47
CA SER B 348 36.41 -21.69 -14.77
C SER B 348 35.26 -21.11 -15.58
N GLY B 349 34.03 -21.26 -15.11
CA GLY B 349 32.88 -20.75 -15.83
C GLY B 349 32.50 -19.34 -15.42
N ASN B 350 31.45 -18.84 -16.06
CA ASN B 350 30.95 -17.50 -15.79
C ASN B 350 29.52 -17.39 -16.29
N THR B 351 28.67 -16.76 -15.49
CA THR B 351 27.25 -16.61 -15.81
C THR B 351 26.83 -15.16 -15.61
N CYS B 352 25.72 -14.80 -16.25
CA CYS B 352 25.25 -13.41 -16.28
C CYS B 352 24.60 -12.95 -14.99
N PRO B 353 23.58 -13.66 -14.45
CA PRO B 353 22.88 -13.11 -13.27
C PRO B 353 23.77 -12.89 -12.06
N LEU B 354 24.71 -13.80 -11.80
CA LEU B 354 25.63 -13.61 -10.69
C LEU B 354 26.49 -12.37 -10.90
N ASP B 355 26.98 -12.19 -12.13
CA ASP B 355 27.76 -11.00 -12.45
C ASP B 355 26.94 -9.74 -12.23
N ALA B 356 25.67 -9.76 -12.65
CA ALA B 356 24.82 -8.58 -12.47
C ALA B 356 24.61 -8.26 -10.99
N ALA B 357 24.34 -9.28 -10.17
CA ALA B 357 24.13 -9.05 -8.75
C ALA B 357 25.39 -8.51 -8.08
N VAL B 358 26.54 -9.14 -8.36
CA VAL B 358 27.78 -8.68 -7.74
C VAL B 358 28.15 -7.29 -8.23
N GLY B 359 27.86 -6.99 -9.50
CA GLY B 359 28.12 -5.66 -10.02
C GLY B 359 27.27 -4.61 -9.34
N GLY B 360 25.99 -4.93 -9.10
CA GLY B 360 25.08 -4.06 -8.38
C GLY B 360 25.55 -3.80 -6.95
N ILE B 361 26.01 -4.82 -6.24
CA ILE B 361 26.58 -4.65 -4.91
C ILE B 361 27.84 -3.79 -4.97
N VAL B 362 28.80 -4.10 -5.86
CA VAL B 362 30.06 -3.37 -5.91
C VAL B 362 29.83 -1.90 -6.29
N ALA B 363 28.86 -1.65 -7.16
CA ALA B 363 28.55 -0.26 -7.52
C ALA B 363 27.95 0.48 -6.33
N GLN B 364 27.14 -0.19 -5.52
CA GLN B 364 26.67 0.44 -4.31
C GLN B 364 27.87 0.73 -3.41
N GLU B 365 28.82 -0.19 -3.26
CA GLU B 365 30.01 0.11 -2.47
C GLU B 365 30.82 1.27 -3.06
N VAL B 366 30.87 1.44 -4.39
CA VAL B 366 31.55 2.59 -4.97
C VAL B 366 30.83 3.88 -4.60
N LEU B 367 29.50 3.88 -4.69
CA LEU B 367 28.74 5.06 -4.30
C LEU B 367 28.91 5.37 -2.82
N LYS B 368 28.93 4.35 -1.97
CA LYS B 368 29.17 4.53 -0.53
C LYS B 368 30.53 5.17 -0.32
N ALA B 369 31.56 4.71 -1.01
CA ALA B 369 32.89 5.30 -0.86
C ALA B 369 32.92 6.74 -1.33
N CYS B 370 32.24 7.03 -2.43
CA CYS B 370 32.26 8.39 -2.98
C CYS B 370 31.53 9.37 -2.08
N SER B 371 30.31 9.02 -1.65
CA SER B 371 29.45 9.97 -0.96
C SER B 371 29.55 9.90 0.56
N GLY B 372 30.08 8.81 1.11
CA GLY B 372 30.10 8.65 2.55
C GLY B 372 28.77 8.28 3.16
N LYS B 373 27.78 7.95 2.35
CA LYS B 373 26.46 7.55 2.85
C LYS B 373 26.38 6.03 2.92
N PHE B 374 25.52 5.54 3.81
CA PHE B 374 25.27 4.14 4.12
C PHE B 374 26.48 3.42 4.71
N THR B 375 26.25 2.33 5.41
CA THR B 375 27.34 1.53 5.98
C THR B 375 27.98 0.64 4.88
N PRO B 376 29.30 0.66 4.67
CA PRO B 376 29.98 -0.25 3.73
C PRO B 376 30.01 -1.70 4.22
N ILE B 377 30.34 -2.64 3.33
CA ILE B 377 30.70 -4.02 3.72
C ILE B 377 31.92 -3.97 4.67
N TYR B 378 31.89 -4.67 5.80
CA TYR B 378 32.98 -4.69 6.77
C TYR B 378 33.41 -6.14 7.09
N GLN B 379 34.33 -6.76 6.35
CA GLN B 379 35.04 -6.17 5.21
C GLN B 379 34.93 -7.06 3.97
N TRP B 380 34.65 -8.34 4.19
CA TRP B 380 34.56 -9.34 3.14
C TRP B 380 33.13 -9.80 2.96
N LEU B 381 32.73 -10.04 1.71
CA LEU B 381 31.42 -10.60 1.40
C LEU B 381 31.63 -11.76 0.44
N TYR B 382 31.09 -12.93 0.79
CA TYR B 382 31.18 -14.12 -0.03
C TYR B 382 29.79 -14.67 -0.30
N PHE B 383 29.50 -14.94 -1.57
CA PHE B 383 28.18 -15.37 -2.01
C PHE B 383 28.33 -16.57 -2.94
N ASP B 384 27.30 -17.41 -2.95
CA ASP B 384 27.28 -18.55 -3.85
C ASP B 384 25.83 -18.88 -4.23
N ALA B 385 25.69 -19.60 -5.34
CA ALA B 385 24.39 -20.02 -5.85
C ALA B 385 24.46 -21.49 -6.27
N LEU B 386 25.03 -22.32 -5.39
CA LEU B 386 25.25 -23.73 -5.73
C LEU B 386 23.95 -24.49 -5.93
N GLU B 387 22.82 -23.98 -5.45
CA GLU B 387 21.55 -24.66 -5.64
C GLU B 387 21.10 -24.65 -7.10
N CYS B 388 21.69 -23.81 -7.94
CA CYS B 388 21.33 -23.80 -9.36
C CYS B 388 21.87 -25.01 -10.11
N LEU B 389 22.89 -25.68 -9.57
CA LEU B 389 23.44 -26.84 -10.24
C LEU B 389 22.50 -28.04 -10.07
N PRO B 390 22.53 -28.98 -11.01
CA PRO B 390 21.74 -30.20 -10.84
C PRO B 390 22.24 -31.02 -9.65
N THR B 391 21.32 -31.77 -9.05
CA THR B 391 21.66 -32.55 -7.86
C THR B 391 22.72 -33.60 -8.18
N GLU B 392 22.63 -34.23 -9.34
CA GLU B 392 23.57 -35.27 -9.74
C GLU B 392 24.86 -34.70 -10.35
N GLY B 393 24.96 -33.39 -10.51
CA GLY B 393 26.12 -32.79 -11.11
C GLY B 393 26.07 -32.81 -12.62
N VAL B 394 27.18 -32.39 -13.23
CA VAL B 394 27.31 -32.29 -14.68
C VAL B 394 28.48 -33.18 -15.11
N GLU B 395 28.24 -34.02 -16.11
CA GLU B 395 29.28 -34.88 -16.65
C GLU B 395 30.35 -34.03 -17.34
N GLU B 396 31.60 -34.47 -17.23
CA GLU B 396 32.71 -33.70 -17.78
C GLU B 396 32.58 -33.53 -19.29
N ALA B 397 32.17 -34.58 -19.99
CA ALA B 397 32.02 -34.49 -21.45
C ALA B 397 30.92 -33.51 -21.83
N ASP B 398 29.91 -33.35 -20.98
CA ASP B 398 28.82 -32.42 -21.27
C ASP B 398 29.23 -30.96 -21.10
N ALA B 399 30.25 -30.68 -20.30
CA ALA B 399 30.68 -29.31 -20.03
C ALA B 399 31.79 -28.82 -20.94
N GLN B 400 32.21 -29.63 -21.92
CA GLN B 400 33.28 -29.21 -22.82
C GLN B 400 32.79 -28.08 -23.71
N PRO B 401 33.66 -27.12 -24.05
CA PRO B 401 33.26 -26.04 -24.94
C PRO B 401 32.95 -26.55 -26.33
N VAL B 402 32.01 -25.86 -27.00
CA VAL B 402 31.58 -26.23 -28.33
C VAL B 402 31.77 -25.08 -29.33
N GLY B 403 32.65 -24.14 -28.99
CA GLY B 403 32.87 -22.99 -29.86
C GLY B 403 31.66 -22.09 -30.01
N SER B 404 30.95 -21.83 -28.91
CA SER B 404 29.75 -21.02 -28.93
C SER B 404 29.91 -19.88 -27.92
N ARG B 405 29.08 -18.85 -28.07
CA ARG B 405 29.13 -17.71 -27.18
C ARG B 405 28.72 -18.04 -25.75
N TYR B 406 28.13 -19.21 -25.52
CA TYR B 406 27.74 -19.66 -24.19
C TYR B 406 28.74 -20.65 -23.59
N ASP B 407 29.99 -20.63 -24.05
CA ASP B 407 30.96 -21.62 -23.59
C ASP B 407 31.22 -21.50 -22.09
N SER B 408 31.35 -20.28 -21.58
CA SER B 408 31.56 -20.08 -20.15
C SER B 408 30.34 -20.53 -19.33
N GLN B 409 29.16 -20.53 -19.94
CA GLN B 409 27.97 -21.01 -19.24
C GLN B 409 27.86 -22.53 -19.30
N ILE B 410 28.26 -23.12 -20.44
CA ILE B 410 28.30 -24.57 -20.55
C ILE B 410 29.34 -25.15 -19.61
N ALA B 411 30.42 -24.41 -19.34
CA ALA B 411 31.41 -24.86 -18.37
C ALA B 411 30.82 -25.01 -16.98
N ILE B 412 29.68 -24.37 -16.70
CA ILE B 412 29.02 -24.49 -15.42
C ILE B 412 27.87 -25.48 -15.46
N PHE B 413 26.97 -25.33 -16.44
CA PHE B 413 25.73 -26.09 -16.44
C PHE B 413 25.71 -27.23 -17.45
N GLY B 414 26.58 -27.22 -18.45
CA GLY B 414 26.59 -28.24 -19.47
C GLY B 414 25.74 -27.90 -20.67
N LYS B 415 25.92 -28.70 -21.73
CA LYS B 415 25.21 -28.45 -22.98
C LYS B 415 23.73 -28.80 -22.90
N LYS B 416 23.38 -29.81 -22.11
CA LYS B 416 21.97 -30.20 -21.98
C LYS B 416 21.14 -29.07 -21.38
N PHE B 417 21.68 -28.39 -20.36
CA PHE B 417 20.95 -27.25 -19.80
C PHE B 417 20.85 -26.11 -20.81
N GLN B 418 21.87 -25.94 -21.66
CA GLN B 418 21.78 -24.94 -22.72
C GLN B 418 20.66 -25.28 -23.69
N GLU B 419 20.53 -26.56 -24.05
CA GLU B 419 19.43 -26.98 -24.91
C GLU B 419 18.09 -26.75 -24.24
N LYS B 420 17.99 -27.02 -22.93
CA LYS B 420 16.76 -26.74 -22.20
C LYS B 420 16.43 -25.26 -22.22
N LEU B 421 17.46 -24.41 -22.04
CA LEU B 421 17.25 -22.97 -22.05
C LEU B 421 16.78 -22.49 -23.43
N ALA B 422 17.34 -23.05 -24.49
CA ALA B 422 16.99 -22.60 -25.84
C ALA B 422 15.52 -22.87 -26.16
N ASP B 423 14.94 -23.91 -25.57
CA ASP B 423 13.56 -24.27 -25.83
C ASP B 423 12.59 -23.72 -24.79
N SER B 424 13.05 -22.91 -23.85
CA SER B 424 12.19 -22.38 -22.81
C SER B 424 11.40 -21.18 -23.29
N LYS B 425 10.16 -21.06 -22.84
CA LYS B 425 9.30 -19.91 -23.11
C LYS B 425 8.95 -19.25 -21.79
N TRP B 426 9.24 -17.97 -21.67
CA TRP B 426 8.99 -17.24 -20.43
C TRP B 426 8.32 -15.91 -20.74
N PHE B 427 7.46 -15.48 -19.82
CA PHE B 427 6.69 -14.25 -19.95
C PHE B 427 7.13 -13.27 -18.88
N ILE B 428 7.52 -12.07 -19.31
CA ILE B 428 7.95 -11.00 -18.42
C ILE B 428 6.88 -9.92 -18.44
N VAL B 429 6.34 -9.59 -17.28
CA VAL B 429 5.28 -8.60 -17.15
C VAL B 429 5.90 -7.30 -16.63
N GLY B 430 5.79 -6.24 -17.42
CA GLY B 430 6.39 -4.97 -17.06
C GLY B 430 7.79 -4.84 -17.60
N ALA B 431 8.09 -3.72 -18.24
CA ALA B 431 9.39 -3.46 -18.85
C ALA B 431 10.05 -2.23 -18.22
N GLY B 432 9.93 -2.11 -16.90
CA GLY B 432 10.59 -1.02 -16.18
C GLY B 432 12.07 -1.30 -15.98
N ALA B 433 12.61 -0.87 -14.84
CA ALA B 433 14.01 -1.18 -14.55
C ALA B 433 14.20 -2.68 -14.34
N ILE B 434 13.37 -3.28 -13.48
CA ILE B 434 13.44 -4.71 -13.24
C ILE B 434 13.14 -5.48 -14.52
N GLY B 435 12.15 -5.03 -15.29
CA GLY B 435 11.84 -5.70 -16.55
C GLY B 435 12.99 -5.64 -17.54
N CYS B 436 13.63 -4.47 -17.67
CA CYS B 436 14.76 -4.34 -18.59
C CYS B 436 15.92 -5.21 -18.15
N GLU B 437 16.22 -5.23 -16.85
CA GLU B 437 17.31 -6.07 -16.36
C GLU B 437 17.02 -7.55 -16.57
N LEU B 438 15.77 -7.96 -16.32
CA LEU B 438 15.39 -9.35 -16.57
C LEU B 438 15.50 -9.69 -18.04
N LEU B 439 15.11 -8.77 -18.92
CA LEU B 439 15.23 -9.00 -20.36
C LEU B 439 16.69 -9.17 -20.76
N LYS B 440 17.57 -8.30 -20.23
CA LYS B 440 18.99 -8.41 -20.55
C LYS B 440 19.55 -9.74 -20.06
N ASN B 441 19.21 -10.13 -18.84
CA ASN B 441 19.73 -11.38 -18.29
C ASN B 441 19.22 -12.59 -19.06
N PHE B 442 17.94 -12.58 -19.44
CA PHE B 442 17.40 -13.68 -20.23
C PHE B 442 18.05 -13.75 -21.60
N GLY B 443 18.30 -12.60 -22.23
CA GLY B 443 18.98 -12.60 -23.51
C GLY B 443 20.39 -13.13 -23.41
N MET B 444 21.12 -12.73 -22.37
CA MET B 444 22.48 -13.21 -22.18
C MET B 444 22.52 -14.68 -21.81
N LEU B 445 21.48 -15.18 -21.13
CA LEU B 445 21.41 -16.59 -20.77
C LEU B 445 21.22 -17.49 -21.97
N GLY B 446 20.75 -16.95 -23.09
CA GLY B 446 20.38 -17.78 -24.22
C GLY B 446 18.98 -18.35 -24.12
N LEU B 447 18.13 -17.81 -23.25
CA LEU B 447 16.79 -18.32 -23.09
C LEU B 447 15.95 -18.03 -24.33
N GLY B 448 15.29 -19.07 -24.85
CA GLY B 448 14.42 -18.91 -25.99
C GLY B 448 15.10 -18.70 -27.31
N THR B 449 16.42 -18.89 -27.38
CA THR B 449 17.14 -18.70 -28.64
C THR B 449 16.92 -19.84 -29.64
N GLY B 450 16.40 -20.97 -29.20
CA GLY B 450 16.10 -22.07 -30.10
C GLY B 450 14.66 -22.07 -30.54
N ASN B 451 13.88 -23.03 -30.06
CA ASN B 451 12.45 -23.08 -30.35
C ASN B 451 11.62 -22.34 -29.31
N GLY B 452 12.25 -21.74 -28.30
CA GLY B 452 11.54 -20.99 -27.29
C GLY B 452 11.31 -19.55 -27.71
N GLN B 453 10.81 -18.76 -26.76
CA GLN B 453 10.50 -17.36 -27.01
C GLN B 453 10.49 -16.61 -25.69
N ILE B 454 10.71 -15.31 -25.78
CA ILE B 454 10.64 -14.42 -24.62
C ILE B 454 9.54 -13.40 -24.90
N PHE B 455 8.52 -13.39 -24.06
CA PHE B 455 7.40 -12.46 -24.19
C PHE B 455 7.55 -11.35 -23.16
N VAL B 456 7.37 -10.11 -23.60
CA VAL B 456 7.45 -8.94 -22.71
C VAL B 456 6.31 -8.01 -23.06
N THR B 457 5.65 -7.47 -22.03
CA THR B 457 4.52 -6.58 -22.23
C THR B 457 4.64 -5.37 -21.32
N ASP B 458 4.14 -4.23 -21.82
CA ASP B 458 4.15 -2.98 -21.07
C ASP B 458 3.27 -1.96 -21.77
N MET B 459 2.42 -1.25 -21.01
CA MET B 459 1.50 -0.28 -21.57
C MET B 459 2.03 1.15 -21.54
N ASP B 460 3.17 1.39 -20.89
CA ASP B 460 3.65 2.75 -20.70
C ASP B 460 4.62 3.16 -21.79
N LEU B 461 4.91 4.45 -21.84
CA LEU B 461 5.88 5.03 -22.76
C LEU B 461 7.09 5.52 -21.99
N ILE B 462 8.19 5.72 -22.72
CA ILE B 462 9.46 6.09 -22.10
C ILE B 462 9.43 7.56 -21.73
N GLU B 463 9.81 7.87 -20.49
CA GLU B 463 9.92 9.22 -19.99
C GLU B 463 11.38 9.50 -19.64
N LYS B 464 11.74 10.78 -19.56
CA LYS B 464 13.13 11.16 -19.31
C LYS B 464 13.62 10.66 -17.97
N SER B 465 12.76 10.71 -16.95
CA SER B 465 13.15 10.23 -15.62
C SER B 465 13.42 8.74 -15.59
N ASN B 466 12.92 7.99 -16.58
CA ASN B 466 13.16 6.55 -16.62
C ASN B 466 14.57 6.21 -17.08
N LEU B 467 15.25 7.12 -17.76
CA LEU B 467 16.58 6.84 -18.28
C LEU B 467 17.63 6.70 -17.18
N ASN B 468 17.34 7.17 -15.98
CA ASN B 468 18.33 7.12 -14.90
C ASN B 468 18.62 5.70 -14.45
N ARG B 469 17.60 4.84 -14.43
CA ARG B 469 17.77 3.47 -13.94
C ARG B 469 17.49 2.40 -14.99
N GLN B 470 16.95 2.77 -16.14
CA GLN B 470 16.69 1.82 -17.23
C GLN B 470 17.75 2.06 -18.30
N PHE B 471 18.74 1.16 -18.36
CA PHE B 471 19.88 1.33 -19.24
C PHE B 471 19.60 0.92 -20.68
N LEU B 472 18.44 0.33 -20.96
CA LEU B 472 18.10 -0.08 -22.31
C LEU B 472 17.49 1.03 -23.14
N PHE B 473 17.25 2.20 -22.55
CA PHE B 473 16.59 3.30 -23.24
C PHE B 473 17.55 4.48 -23.37
N ARG B 474 17.32 5.29 -24.41
CA ARG B 474 18.16 6.41 -24.77
C ARG B 474 17.34 7.69 -24.80
N PRO B 475 18.00 8.85 -24.71
CA PRO B 475 17.25 10.11 -24.75
C PRO B 475 16.43 10.31 -26.01
N HIS B 476 16.84 9.71 -27.13
CA HIS B 476 16.07 9.82 -28.36
C HIS B 476 14.93 8.81 -28.44
N ASP B 477 14.80 7.93 -27.44
CA ASP B 477 13.75 6.94 -27.40
C ASP B 477 12.52 7.41 -26.61
N VAL B 478 12.51 8.66 -26.16
CA VAL B 478 11.37 9.17 -25.39
C VAL B 478 10.12 9.15 -26.25
N GLN B 479 8.99 8.85 -25.63
CA GLN B 479 7.64 8.74 -26.20
C GLN B 479 7.46 7.44 -26.98
N LYS B 480 8.47 6.57 -27.05
CA LYS B 480 8.32 5.28 -27.69
C LYS B 480 7.87 4.23 -26.68
N PRO B 481 7.20 3.17 -27.12
CA PRO B 481 6.78 2.12 -26.19
C PRO B 481 7.98 1.46 -25.52
N LYS B 482 7.81 1.13 -24.24
CA LYS B 482 8.91 0.54 -23.47
C LYS B 482 9.25 -0.86 -23.98
N SER B 483 8.23 -1.68 -24.21
CA SER B 483 8.47 -3.09 -24.54
C SER B 483 9.19 -3.25 -25.87
N MET B 484 8.72 -2.55 -26.91
CA MET B 484 9.34 -2.67 -28.23
C MET B 484 10.77 -2.17 -28.21
N THR B 485 11.02 -1.04 -27.56
CA THR B 485 12.36 -0.49 -27.48
C THR B 485 13.30 -1.43 -26.73
N ALA B 486 12.83 -2.00 -25.61
CA ALA B 486 13.66 -2.95 -24.87
C ALA B 486 13.94 -4.20 -25.70
N ALA B 487 12.92 -4.67 -26.44
CA ALA B 487 13.11 -5.84 -27.29
C ALA B 487 14.17 -5.59 -28.35
N ASP B 488 14.12 -4.43 -29.02
CA ASP B 488 15.13 -4.11 -30.01
C ASP B 488 16.51 -3.96 -29.38
N ALA B 489 16.57 -3.33 -28.21
CA ALA B 489 17.85 -3.11 -27.53
C ALA B 489 18.52 -4.44 -27.18
N ILE B 490 17.74 -5.39 -26.65
CA ILE B 490 18.34 -6.69 -26.33
C ILE B 490 18.52 -7.56 -27.56
N LYS B 491 17.79 -7.30 -28.65
CA LYS B 491 18.08 -7.97 -29.91
C LYS B 491 19.44 -7.56 -30.44
N ARG B 492 19.80 -6.28 -30.29
CA ARG B 492 21.14 -5.85 -30.70
C ARG B 492 22.22 -6.52 -29.86
N MET B 493 21.97 -6.66 -28.56
CA MET B 493 22.98 -7.23 -27.67
C MET B 493 23.28 -8.68 -28.01
N ASN B 494 22.23 -9.48 -28.26
CA ASN B 494 22.40 -10.87 -28.65
C ASN B 494 21.49 -11.16 -29.83
N PRO B 495 22.03 -11.32 -31.03
CA PRO B 495 21.17 -11.48 -32.22
C PRO B 495 20.32 -12.74 -32.21
N GLU B 496 20.68 -13.75 -31.43
CA GLU B 496 19.97 -15.02 -31.46
C GLU B 496 18.68 -15.02 -30.65
N VAL B 497 18.41 -13.96 -29.89
CA VAL B 497 17.26 -13.95 -29.00
C VAL B 497 15.99 -13.69 -29.79
N ASN B 498 14.96 -14.50 -29.56
CA ASN B 498 13.65 -14.33 -30.15
C ASN B 498 12.73 -13.70 -29.13
N VAL B 499 12.21 -12.50 -29.44
CA VAL B 499 11.40 -11.74 -28.51
C VAL B 499 10.11 -11.32 -29.18
N THR B 500 9.00 -11.46 -28.45
CA THR B 500 7.71 -10.92 -28.85
C THR B 500 7.27 -9.90 -27.82
N ALA B 501 6.97 -8.68 -28.26
CA ALA B 501 6.65 -7.58 -27.36
C ALA B 501 5.21 -7.12 -27.59
N TYR B 502 4.55 -6.77 -26.49
CA TYR B 502 3.17 -6.31 -26.53
C TYR B 502 3.06 -4.97 -25.80
N GLU B 503 2.13 -4.15 -26.25
CA GLU B 503 1.85 -2.85 -25.62
C GLU B 503 0.55 -2.90 -24.81
N LEU B 504 0.29 -4.01 -24.14
CA LEU B 504 -0.97 -4.22 -23.44
C LEU B 504 -0.74 -4.25 -21.93
N ARG B 505 -1.76 -3.82 -21.18
CA ARG B 505 -1.75 -3.89 -19.73
C ARG B 505 -2.47 -5.17 -19.30
N VAL B 506 -1.78 -6.01 -18.54
CA VAL B 506 -2.34 -7.30 -18.14
C VAL B 506 -3.55 -7.07 -17.24
N GLY B 507 -4.62 -7.80 -17.50
CA GLY B 507 -5.84 -7.67 -16.74
C GLY B 507 -6.97 -8.41 -17.41
N ALA B 508 -8.17 -8.20 -16.87
CA ALA B 508 -9.36 -8.84 -17.43
C ALA B 508 -9.71 -8.32 -18.82
N GLU B 509 -9.28 -7.10 -19.15
CA GLU B 509 -9.64 -6.49 -20.43
C GLU B 509 -8.73 -6.93 -21.58
N THR B 510 -7.60 -7.58 -21.29
CA THR B 510 -6.67 -8.00 -22.33
C THR B 510 -6.55 -9.52 -22.40
N GLU B 511 -7.56 -10.26 -21.92
CA GLU B 511 -7.53 -11.70 -21.99
C GLU B 511 -7.72 -12.23 -23.41
N LYS B 512 -8.06 -11.37 -24.37
CA LYS B 512 -8.15 -11.81 -25.76
C LYS B 512 -6.79 -12.25 -26.27
N VAL B 513 -5.73 -11.52 -25.92
CA VAL B 513 -4.38 -11.88 -26.32
C VAL B 513 -3.74 -12.83 -25.33
N PHE B 514 -3.82 -12.51 -24.04
CA PHE B 514 -3.28 -13.37 -22.98
C PHE B 514 -4.33 -14.38 -22.53
N SER B 515 -4.80 -15.18 -23.49
CA SER B 515 -5.84 -16.16 -23.23
C SER B 515 -5.25 -17.39 -22.56
N GLU B 516 -6.10 -18.40 -22.33
CA GLU B 516 -5.64 -19.65 -21.74
C GLU B 516 -4.68 -20.37 -22.67
N ASP B 517 -4.87 -20.25 -23.98
CA ASP B 517 -3.93 -20.85 -24.91
C ASP B 517 -2.55 -20.23 -24.81
N PHE B 518 -2.49 -18.90 -24.64
CA PHE B 518 -1.21 -18.23 -24.52
C PHE B 518 -0.46 -18.69 -23.27
N PHE B 519 -1.17 -18.82 -22.14
CA PHE B 519 -0.56 -19.31 -20.93
C PHE B 519 -0.30 -20.80 -20.94
N GLY B 520 -0.91 -21.54 -21.87
CA GLY B 520 -0.74 -22.98 -21.89
C GLY B 520 0.64 -23.43 -22.34
N LYS B 521 1.27 -22.66 -23.22
CA LYS B 521 2.59 -23.00 -23.74
C LYS B 521 3.71 -22.26 -23.02
N LEU B 522 3.40 -21.55 -21.94
CA LEU B 522 4.41 -20.88 -21.15
C LEU B 522 5.06 -21.83 -20.16
N ASP B 523 6.31 -21.53 -19.81
CA ASP B 523 7.04 -22.29 -18.81
C ASP B 523 7.21 -21.55 -17.50
N GLY B 524 6.95 -20.25 -17.47
CA GLY B 524 7.06 -19.48 -16.25
C GLY B 524 6.73 -18.03 -16.53
N VAL B 525 6.55 -17.28 -15.44
CA VAL B 525 6.22 -15.86 -15.50
C VAL B 525 7.13 -15.12 -14.53
N ALA B 526 7.72 -14.02 -15.00
CA ALA B 526 8.54 -13.15 -14.17
C ALA B 526 7.84 -11.81 -14.01
N ASN B 527 7.64 -11.39 -12.77
CA ASN B 527 6.89 -10.17 -12.46
C ASN B 527 7.85 -9.02 -12.24
N ALA B 528 7.59 -7.90 -12.92
CA ALA B 528 8.34 -6.67 -12.76
C ALA B 528 7.40 -5.47 -12.69
N LEU B 529 6.32 -5.62 -11.94
CA LEU B 529 5.28 -4.61 -11.87
C LEU B 529 5.50 -3.67 -10.70
N ASP B 530 4.67 -2.62 -10.61
CA ASP B 530 4.78 -1.62 -9.57
C ASP B 530 3.46 -1.41 -8.83
N ASN B 531 2.52 -2.35 -8.94
CA ASN B 531 1.26 -2.25 -8.22
C ASN B 531 0.81 -3.65 -7.82
N VAL B 532 -0.11 -3.69 -6.85
CA VAL B 532 -0.51 -4.96 -6.26
C VAL B 532 -1.61 -5.64 -7.09
N ASP B 533 -2.44 -4.86 -7.79
CA ASP B 533 -3.52 -5.45 -8.56
C ASP B 533 -2.98 -6.35 -9.67
N ALA B 534 -1.96 -5.86 -10.39
CA ALA B 534 -1.36 -6.67 -11.44
C ALA B 534 -0.68 -7.91 -10.87
N ARG B 535 -0.03 -7.78 -9.72
CA ARG B 535 0.58 -8.94 -9.08
C ARG B 535 -0.46 -9.99 -8.72
N ILE B 536 -1.59 -9.56 -8.15
CA ILE B 536 -2.64 -10.50 -7.78
C ILE B 536 -3.23 -11.16 -9.01
N TYR B 537 -3.46 -10.39 -10.09
CA TYR B 537 -4.01 -10.96 -11.31
C TYR B 537 -3.05 -11.98 -11.91
N MET B 538 -1.75 -11.67 -11.93
CA MET B 538 -0.78 -12.61 -12.49
C MET B 538 -0.69 -13.86 -11.63
N ASP B 539 -0.82 -13.71 -10.31
CA ASP B 539 -0.88 -14.89 -9.44
C ASP B 539 -2.10 -15.75 -9.76
N ARG B 540 -3.26 -15.14 -9.96
CA ARG B 540 -4.44 -15.93 -10.27
C ARG B 540 -4.27 -16.66 -11.59
N LYS B 541 -3.69 -15.98 -12.58
CA LYS B 541 -3.43 -16.64 -13.86
C LYS B 541 -2.43 -17.79 -13.71
N CYS B 542 -1.35 -17.58 -12.95
CA CYS B 542 -0.36 -18.63 -12.78
C CYS B 542 -0.89 -19.80 -11.97
N ILE B 543 -1.79 -19.53 -11.02
CA ILE B 543 -2.42 -20.60 -10.26
C ILE B 543 -3.34 -21.41 -11.15
N PHE B 544 -4.16 -20.73 -11.96
CA PHE B 544 -5.08 -21.42 -12.84
C PHE B 544 -4.34 -22.25 -13.89
N ASN B 545 -3.28 -21.70 -14.46
CA ASN B 545 -2.53 -22.39 -15.51
C ASN B 545 -1.43 -23.28 -14.97
N ARG B 546 -1.15 -23.24 -13.67
CA ARG B 546 -0.16 -24.10 -13.01
C ARG B 546 1.21 -23.95 -13.66
N ILE B 547 1.75 -22.74 -13.60
CA ILE B 547 3.11 -22.46 -14.06
C ILE B 547 3.86 -21.71 -12.97
N PRO B 548 5.17 -21.88 -12.84
CA PRO B 548 5.90 -21.17 -11.80
C PRO B 548 5.93 -19.66 -12.06
N LEU B 549 5.97 -18.90 -10.97
CA LEU B 549 5.98 -17.45 -11.03
C LEU B 549 7.07 -16.91 -10.10
N VAL B 550 7.84 -15.96 -10.58
CA VAL B 550 8.88 -15.31 -9.80
C VAL B 550 8.49 -13.85 -9.62
N GLU B 551 8.36 -13.41 -8.38
CA GLU B 551 7.90 -12.07 -8.06
C GLU B 551 9.06 -11.25 -7.50
N THR B 552 9.20 -10.03 -7.99
CA THR B 552 10.27 -9.13 -7.58
C THR B 552 9.68 -7.76 -7.23
N GLY B 553 10.24 -7.14 -6.19
CA GLY B 553 9.82 -5.81 -5.81
C GLY B 553 10.96 -5.07 -5.14
N THR B 554 11.01 -3.76 -5.35
CA THR B 554 12.07 -2.93 -4.80
C THR B 554 11.48 -1.64 -4.24
N LEU B 555 12.20 -1.05 -3.29
CA LEU B 555 11.80 0.25 -2.74
C LEU B 555 13.08 0.92 -2.22
N GLY B 556 13.61 1.86 -2.99
CA GLY B 556 14.86 2.49 -2.62
C GLY B 556 15.99 1.47 -2.65
N THR B 557 16.68 1.33 -1.52
CA THR B 557 17.73 0.33 -1.30
C THR B 557 17.19 -1.03 -0.89
N LEU B 558 15.89 -1.15 -0.58
CA LEU B 558 15.24 -2.41 -0.21
C LEU B 558 14.83 -3.20 -1.44
N GLY B 559 14.85 -4.52 -1.35
CA GLY B 559 14.29 -5.38 -2.39
C GLY B 559 13.95 -6.77 -1.90
N ASN B 560 13.05 -7.47 -2.58
CA ASN B 560 12.80 -8.88 -2.34
C ASN B 560 12.48 -9.67 -3.61
N VAL B 561 12.74 -10.97 -3.56
CA VAL B 561 12.30 -11.97 -4.53
C VAL B 561 11.46 -13.02 -3.81
N GLN B 562 10.32 -13.42 -4.37
CA GLN B 562 9.55 -14.57 -3.90
C GLN B 562 9.30 -15.52 -5.06
N VAL B 563 9.48 -16.82 -4.86
CA VAL B 563 9.32 -17.84 -5.90
C VAL B 563 8.10 -18.70 -5.56
N ILE B 564 7.23 -18.90 -6.54
CA ILE B 564 6.02 -19.69 -6.39
C ILE B 564 6.13 -20.89 -7.35
N VAL B 565 6.03 -22.09 -6.79
CA VAL B 565 6.15 -23.32 -7.55
C VAL B 565 4.81 -24.05 -7.47
N PRO B 566 4.24 -24.51 -8.59
CA PRO B 566 2.96 -25.22 -8.52
C PRO B 566 3.06 -26.48 -7.67
N PHE B 567 2.00 -26.72 -6.89
CA PHE B 567 1.86 -27.91 -6.06
C PHE B 567 2.93 -28.00 -4.97
N ALA B 568 3.77 -26.97 -4.85
CA ALA B 568 4.86 -26.99 -3.90
C ALA B 568 4.76 -25.89 -2.85
N THR B 569 4.62 -24.64 -3.27
CA THR B 569 4.67 -23.50 -2.36
C THR B 569 3.34 -22.77 -2.34
N GLU B 570 3.18 -21.93 -1.32
CA GLU B 570 2.05 -21.03 -1.25
C GLU B 570 2.19 -19.92 -2.28
N SER B 571 1.08 -19.23 -2.54
CA SER B 571 1.10 -18.16 -3.51
C SER B 571 1.41 -16.82 -2.84
N TYR B 572 1.71 -15.81 -3.67
CA TYR B 572 1.89 -14.44 -3.19
C TYR B 572 0.64 -13.91 -2.50
N SER B 573 -0.55 -14.41 -2.90
CA SER B 573 -1.80 -14.00 -2.28
C SER B 573 -2.10 -14.74 -0.99
N SER B 574 -1.36 -15.80 -0.67
CA SER B 574 -1.60 -16.51 0.58
C SER B 574 -1.18 -15.71 1.80
N SER B 575 -0.27 -14.76 1.63
CA SER B 575 0.17 -13.87 2.70
C SER B 575 -0.23 -12.44 2.37
N GLN B 576 -0.21 -11.58 3.39
CA GLN B 576 -0.74 -10.23 3.28
C GLN B 576 0.31 -9.20 3.68
N ASP B 577 0.26 -8.04 3.04
CA ASP B 577 1.14 -6.90 3.25
C ASP B 577 0.40 -5.80 4.00
N PRO B 578 1.13 -4.91 4.68
CA PRO B 578 0.48 -3.81 5.41
C PRO B 578 -0.35 -2.94 4.47
N PRO B 579 -1.51 -2.49 4.93
CA PRO B 579 -2.38 -1.68 4.07
C PRO B 579 -1.84 -0.28 3.88
N GLU B 580 -2.30 0.36 2.81
CA GLU B 580 -1.94 1.75 2.53
C GLU B 580 -2.56 2.65 3.58
N LYS B 581 -1.73 3.45 4.23
CA LYS B 581 -2.14 4.25 5.39
C LYS B 581 -2.96 5.44 4.93
N SER B 582 -4.25 5.47 5.32
CA SER B 582 -5.10 6.60 4.99
C SER B 582 -5.20 7.56 6.17
N ILE B 583 -5.68 8.76 5.89
CA ILE B 583 -5.65 9.87 6.85
C ILE B 583 -7.05 10.01 7.44
N PRO B 584 -7.19 10.11 8.77
CA PRO B 584 -8.52 10.28 9.35
C PRO B 584 -9.22 11.50 8.79
N ILE B 585 -10.55 11.45 8.62
CA ILE B 585 -11.32 12.52 7.97
C ILE B 585 -11.16 13.85 8.70
N CYS B 586 -11.20 13.83 10.02
CA CYS B 586 -10.98 14.99 10.90
C CYS B 586 -9.54 15.52 10.89
N THR B 587 -8.55 14.72 10.48
CA THR B 587 -7.14 15.13 10.40
C THR B 587 -6.87 15.85 9.08
N LEU B 588 -7.55 15.41 8.01
CA LEU B 588 -7.45 16.10 6.74
C LEU B 588 -8.28 17.38 6.73
N LYS B 589 -9.45 17.35 7.39
CA LYS B 589 -10.44 18.41 7.22
C LYS B 589 -10.17 19.60 8.13
N ASN B 590 -10.15 19.39 9.43
CA ASN B 590 -10.13 20.45 10.43
C ASN B 590 -8.84 20.54 11.20
N PHE B 591 -8.20 19.42 11.53
CA PHE B 591 -7.06 19.40 12.48
C PHE B 591 -5.85 18.70 11.88
N PRO B 592 -5.20 19.29 10.89
CA PRO B 592 -3.93 18.75 10.42
C PRO B 592 -2.81 19.05 11.40
N ASN B 593 -1.82 18.15 11.45
CA ASN B 593 -0.66 18.36 12.31
C ASN B 593 0.65 17.96 11.63
N ALA B 594 0.64 17.61 10.35
CA ALA B 594 1.84 17.23 9.64
C ALA B 594 1.74 17.71 8.20
N ILE B 595 2.89 17.84 7.54
CA ILE B 595 2.92 18.31 6.17
C ILE B 595 2.26 17.32 5.21
N GLU B 596 2.21 16.04 5.57
CA GLU B 596 1.53 15.07 4.72
C GLU B 596 0.04 15.37 4.63
N HIS B 597 -0.58 15.75 5.75
CA HIS B 597 -1.99 16.10 5.74
C HIS B 597 -2.26 17.30 4.84
N THR B 598 -1.42 18.33 4.95
CA THR B 598 -1.61 19.51 4.11
C THR B 598 -1.37 19.19 2.64
N LEU B 599 -0.40 18.33 2.35
CA LEU B 599 -0.14 17.95 0.95
C LEU B 599 -1.31 17.17 0.37
N GLN B 600 -1.86 16.23 1.13
CA GLN B 600 -3.03 15.49 0.66
C GLN B 600 -4.22 16.41 0.48
N TRP B 601 -4.41 17.36 1.40
CA TRP B 601 -5.49 18.33 1.27
C TRP B 601 -5.31 19.19 0.03
N ALA B 602 -4.09 19.61 -0.26
CA ALA B 602 -3.82 20.38 -1.46
C ALA B 602 -4.09 19.57 -2.73
N ARG B 603 -3.71 18.30 -2.73
CA ARG B 603 -4.01 17.45 -3.89
C ARG B 603 -5.50 17.30 -4.08
N ASP B 604 -6.24 17.09 -2.99
CA ASP B 604 -7.70 16.98 -3.10
C ASP B 604 -8.32 18.27 -3.60
N ALA B 605 -7.82 19.41 -3.12
CA ALA B 605 -8.33 20.70 -3.59
C ALA B 605 -8.05 20.89 -5.07
N PHE B 606 -6.84 20.54 -5.52
CA PHE B 606 -6.51 20.62 -6.93
C PHE B 606 -7.48 19.78 -7.76
N GLU B 607 -7.69 18.52 -7.35
CA GLU B 607 -8.60 17.66 -8.09
C GLU B 607 -10.00 18.26 -8.14
N GLY B 608 -10.55 18.62 -6.98
CA GLY B 608 -11.91 19.11 -6.93
C GLY B 608 -12.11 20.42 -7.67
N VAL B 609 -11.09 21.27 -7.71
CA VAL B 609 -11.26 22.59 -8.31
C VAL B 609 -11.05 22.51 -9.83
N PHE B 610 -9.98 21.85 -10.27
CA PHE B 610 -9.59 21.93 -11.67
C PHE B 610 -10.03 20.73 -12.51
N LYS B 611 -10.45 19.63 -11.90
CA LYS B 611 -10.88 18.47 -12.65
C LYS B 611 -12.35 18.16 -12.46
N GLN B 612 -12.81 17.97 -11.22
CA GLN B 612 -14.19 17.52 -11.00
C GLN B 612 -15.21 18.60 -11.32
N SER B 613 -14.83 19.87 -11.15
CA SER B 613 -15.77 20.96 -11.39
C SER B 613 -16.04 21.20 -12.87
N ALA B 614 -15.28 20.57 -13.77
CA ALA B 614 -15.42 20.82 -15.20
C ALA B 614 -15.76 19.59 -16.02
N GLU B 615 -15.75 18.38 -15.44
CA GLU B 615 -16.03 17.18 -16.22
C GLU B 615 -17.44 17.21 -16.78
N ASN B 616 -18.42 17.55 -15.95
CA ASN B 616 -19.81 17.58 -16.40
C ASN B 616 -20.02 18.66 -17.46
N ALA B 617 -19.41 19.82 -17.27
CA ALA B 617 -19.53 20.89 -18.26
C ALA B 617 -18.93 20.48 -19.59
N ALA B 618 -17.74 19.84 -19.56
CA ALA B 618 -17.11 19.39 -20.79
C ALA B 618 -17.96 18.32 -21.48
N GLN B 619 -18.53 17.40 -20.71
CA GLN B 619 -19.38 16.37 -21.30
C GLN B 619 -20.64 16.99 -21.92
N TYR B 620 -21.23 17.98 -21.25
CA TYR B 620 -22.40 18.64 -21.80
C TYR B 620 -22.06 19.39 -23.09
N ILE B 621 -20.91 20.05 -23.12
CA ILE B 621 -20.50 20.78 -24.33
C ILE B 621 -20.25 19.80 -25.48
N ALA B 622 -19.54 18.70 -25.20
CA ALA B 622 -19.18 17.77 -26.27
C ALA B 622 -20.38 17.01 -26.80
N ASP B 623 -21.25 16.53 -25.90
CA ASP B 623 -22.36 15.68 -26.29
C ASP B 623 -23.64 16.49 -26.38
N PRO B 624 -24.24 16.66 -27.57
CA PRO B 624 -25.50 17.40 -27.66
C PRO B 624 -26.65 16.76 -26.88
N GLN B 625 -26.70 15.43 -26.81
CA GLN B 625 -27.77 14.72 -26.14
C GLN B 625 -27.42 14.36 -24.70
N PHE B 626 -26.51 15.12 -24.08
CA PHE B 626 -26.15 14.85 -22.69
C PHE B 626 -27.33 15.10 -21.75
N THR B 627 -28.12 16.15 -22.02
CA THR B 627 -29.22 16.49 -21.13
C THR B 627 -30.27 15.38 -21.09
N GLU B 628 -30.63 14.82 -22.24
CA GLU B 628 -31.63 13.76 -22.25
C GLU B 628 -31.08 12.48 -21.62
N ARG B 629 -29.78 12.23 -21.73
CA ARG B 629 -29.19 11.08 -21.06
C ARG B 629 -29.21 11.23 -19.55
N ILE B 630 -28.85 12.41 -19.05
CA ILE B 630 -28.84 12.63 -17.60
C ILE B 630 -30.21 12.87 -17.02
N ALA B 631 -31.22 13.13 -17.86
CA ALA B 631 -32.58 13.29 -17.35
C ALA B 631 -33.18 11.98 -16.86
N LYS B 632 -32.63 10.84 -17.28
CA LYS B 632 -33.13 9.54 -16.89
C LYS B 632 -32.42 8.96 -15.67
N LEU B 633 -31.45 9.68 -15.11
CA LEU B 633 -30.71 9.17 -13.97
C LEU B 633 -31.61 9.09 -12.73
N PRO B 634 -31.43 8.06 -11.90
CA PRO B 634 -32.25 7.92 -10.71
C PRO B 634 -31.82 8.85 -9.59
N GLY B 635 -32.73 9.08 -8.65
CA GLY B 635 -32.44 9.88 -7.48
C GLY B 635 -32.25 11.36 -7.81
N ILE B 636 -31.40 12.00 -7.02
CA ILE B 636 -31.14 13.43 -7.16
C ILE B 636 -29.94 13.65 -8.07
N GLN B 637 -29.46 12.57 -8.70
CA GLN B 637 -28.31 12.69 -9.59
C GLN B 637 -28.52 13.69 -10.74
N PRO B 638 -29.67 13.71 -11.44
CA PRO B 638 -29.83 14.73 -12.49
C PRO B 638 -29.69 16.16 -11.97
N LEU B 639 -30.23 16.44 -10.78
CA LEU B 639 -30.05 17.78 -10.20
C LEU B 639 -28.60 18.03 -9.84
N GLU B 640 -27.93 17.04 -9.23
CA GLU B 640 -26.54 17.20 -8.82
C GLU B 640 -25.61 17.37 -10.02
N ILE B 641 -26.02 16.93 -11.20
CA ILE B 641 -25.22 17.15 -12.41
C ILE B 641 -25.58 18.47 -13.07
N LEU B 642 -26.88 18.79 -13.16
CA LEU B 642 -27.31 20.01 -13.83
C LEU B 642 -26.85 21.26 -13.09
N ASP B 643 -26.92 21.25 -11.76
CA ASP B 643 -26.48 22.44 -11.02
C ASP B 643 -24.98 22.62 -11.11
N SER B 644 -24.21 21.53 -11.14
CA SER B 644 -22.77 21.65 -11.33
C SER B 644 -22.45 22.18 -12.72
N ILE B 645 -23.17 21.72 -13.74
CA ILE B 645 -22.97 22.24 -15.09
C ILE B 645 -23.28 23.73 -15.14
N LYS B 646 -24.38 24.14 -14.52
CA LYS B 646 -24.74 25.55 -14.50
C LYS B 646 -23.68 26.37 -13.78
N LYS B 647 -23.21 25.90 -12.63
CA LYS B 647 -22.19 26.63 -11.88
C LYS B 647 -20.90 26.75 -12.67
N ALA B 648 -20.51 25.70 -13.39
CA ALA B 648 -19.28 25.74 -14.15
C ALA B 648 -19.40 26.57 -15.42
N LEU B 649 -20.60 26.68 -16.00
CA LEU B 649 -20.73 27.31 -17.30
C LEU B 649 -21.25 28.73 -17.28
N ILE B 650 -22.01 29.13 -16.25
CA ILE B 650 -22.65 30.44 -16.20
C ILE B 650 -22.17 31.25 -15.00
N ASP B 651 -22.27 30.68 -13.80
CA ASP B 651 -22.02 31.45 -12.59
C ASP B 651 -20.53 31.78 -12.45
N ASP B 652 -19.67 30.79 -12.58
CA ASP B 652 -18.24 30.95 -12.31
C ASP B 652 -17.39 31.04 -13.56
N LYS B 653 -18.01 31.17 -14.74
CA LYS B 653 -17.24 31.23 -15.97
C LYS B 653 -16.52 32.57 -16.07
N PRO B 654 -15.19 32.59 -16.17
CA PRO B 654 -14.48 33.87 -16.31
C PRO B 654 -14.39 34.33 -17.75
N LYS B 655 -14.70 35.60 -18.00
CA LYS B 655 -14.65 36.16 -19.34
C LYS B 655 -13.31 36.81 -19.66
N SER B 656 -12.40 36.88 -18.71
CA SER B 656 -11.09 37.48 -18.93
C SER B 656 -10.13 36.98 -17.85
N PHE B 657 -8.84 37.20 -18.08
CA PHE B 657 -7.84 36.79 -17.10
C PHE B 657 -7.97 37.56 -15.79
N ALA B 658 -8.51 38.78 -15.85
CA ALA B 658 -8.78 39.54 -14.63
C ALA B 658 -9.80 38.82 -13.76
N HIS B 659 -10.82 38.23 -14.37
CA HIS B 659 -11.78 37.44 -13.61
C HIS B 659 -11.12 36.20 -13.01
N CYS B 660 -10.17 35.60 -13.73
CA CYS B 660 -9.42 34.47 -13.18
C CYS B 660 -8.62 34.90 -11.95
N VAL B 661 -7.97 36.06 -12.03
CA VAL B 661 -7.21 36.55 -10.88
C VAL B 661 -8.13 36.84 -9.70
N GLU B 662 -9.29 37.44 -9.98
CA GLU B 662 -10.25 37.72 -8.92
C GLU B 662 -10.75 36.43 -8.28
N TRP B 663 -11.03 35.40 -9.09
CA TRP B 663 -11.44 34.12 -8.54
C TRP B 663 -10.34 33.50 -7.70
N ALA B 664 -9.09 33.61 -8.14
CA ALA B 664 -7.98 33.07 -7.36
C ALA B 664 -7.86 33.79 -6.01
N ARG B 665 -8.00 35.11 -6.02
CA ARG B 665 -7.93 35.87 -4.77
C ARG B 665 -9.06 35.48 -3.83
N LEU B 666 -10.28 35.36 -4.36
CA LEU B 666 -11.42 34.98 -3.52
C LEU B 666 -11.25 33.55 -2.98
N TYR B 667 -10.72 32.64 -3.80
CA TYR B 667 -10.47 31.29 -3.34
C TYR B 667 -9.43 31.27 -2.24
N TRP B 668 -8.36 32.05 -2.39
CA TRP B 668 -7.36 32.16 -1.34
C TRP B 668 -7.98 32.66 -0.05
N GLU B 669 -8.80 33.72 -0.14
CA GLU B 669 -9.44 34.27 1.05
C GLU B 669 -10.34 33.23 1.71
N ASP B 670 -11.15 32.53 0.91
CA ASP B 670 -12.06 31.54 1.48
C ASP B 670 -11.31 30.38 2.12
N GLN B 671 -10.21 29.94 1.50
CA GLN B 671 -9.50 28.77 2.01
C GLN B 671 -8.67 29.08 3.23
N TYR B 672 -8.08 30.27 3.33
CA TYR B 672 -7.10 30.55 4.37
C TYR B 672 -7.55 31.60 5.38
N VAL B 673 -8.74 32.19 5.21
CA VAL B 673 -9.22 33.20 6.15
C VAL B 673 -10.61 32.83 6.64
N ASN B 674 -11.54 32.66 5.71
CA ASN B 674 -12.94 32.49 6.07
C ASN B 674 -13.18 31.18 6.82
N GLN B 675 -12.69 30.07 6.26
CA GLN B 675 -12.93 28.76 6.89
C GLN B 675 -12.21 28.63 8.21
N ILE B 676 -11.03 29.24 8.33
CA ILE B 676 -10.30 29.20 9.60
C ILE B 676 -11.01 30.06 10.65
N LYS B 677 -11.53 31.21 10.24
CA LYS B 677 -12.32 32.02 11.17
C LYS B 677 -13.55 31.24 11.63
N GLN B 678 -14.20 30.51 10.72
CA GLN B 678 -15.34 29.69 11.11
C GLN B 678 -14.93 28.60 12.08
N LEU B 679 -13.80 27.93 11.83
CA LEU B 679 -13.33 26.88 12.72
C LEU B 679 -13.01 27.42 14.11
N LEU B 680 -12.35 28.58 14.16
CA LEU B 680 -12.05 29.20 15.45
C LEU B 680 -13.32 29.67 16.15
N PHE B 681 -14.33 30.08 15.39
CA PHE B 681 -15.62 30.41 15.99
C PHE B 681 -16.26 29.18 16.61
N ASN B 682 -16.18 28.04 15.93
CA ASN B 682 -16.74 26.80 16.49
C ASN B 682 -15.97 26.38 17.74
N PHE B 683 -14.66 26.47 17.72
CA PHE B 683 -13.81 26.09 18.85
C PHE B 683 -12.92 27.26 19.23
N PRO B 684 -13.20 27.95 20.34
CA PRO B 684 -12.39 29.10 20.70
C PRO B 684 -10.95 28.68 20.97
N PRO B 685 -9.98 29.54 20.66
CA PRO B 685 -8.57 29.17 20.85
C PRO B 685 -8.21 28.83 22.28
N ASP B 686 -8.83 29.51 23.27
CA ASP B 686 -8.50 29.31 24.66
C ASP B 686 -9.42 28.31 25.35
N GLN B 687 -10.17 27.53 24.59
CA GLN B 687 -11.06 26.54 25.17
C GLN B 687 -10.25 25.50 25.93
N ILE B 688 -10.70 25.18 27.15
CA ILE B 688 -10.01 24.24 28.03
C ILE B 688 -11.05 23.27 28.56
N THR B 689 -10.76 21.97 28.50
CA THR B 689 -11.66 20.96 28.99
C THR B 689 -11.72 21.00 30.53
N SER B 690 -12.68 20.25 31.08
CA SER B 690 -12.92 20.29 32.51
C SER B 690 -11.71 19.80 33.31
N SER B 691 -11.07 18.73 32.85
CA SER B 691 -9.96 18.15 33.60
C SER B 691 -8.69 18.97 33.53
N GLY B 692 -8.59 19.92 32.62
CA GLY B 692 -7.45 20.83 32.61
C GLY B 692 -6.76 21.02 31.27
N GLN B 693 -6.68 19.98 30.46
CA GLN B 693 -5.98 20.10 29.19
C GLN B 693 -6.81 20.93 28.22
N PRO B 694 -6.22 21.90 27.53
CA PRO B 694 -6.97 22.69 26.55
C PRO B 694 -7.39 21.84 25.36
N PHE B 695 -8.47 22.28 24.71
CA PHE B 695 -8.92 21.60 23.50
C PHE B 695 -7.87 21.68 22.40
N TRP B 696 -7.26 22.87 22.23
CA TRP B 696 -6.21 23.05 21.23
C TRP B 696 -4.86 22.67 21.83
N SER B 697 -4.75 21.39 22.20
CA SER B 697 -3.53 20.84 22.74
C SER B 697 -3.30 19.46 22.13
N GLY B 698 -2.07 19.00 22.23
CA GLY B 698 -1.69 17.72 21.68
C GLY B 698 -1.74 17.71 20.17
N PRO B 699 -2.41 16.70 19.60
CA PRO B 699 -2.39 16.53 18.14
C PRO B 699 -3.12 17.61 17.38
N LYS B 700 -3.84 18.50 18.06
CA LYS B 700 -4.59 19.57 17.41
C LYS B 700 -3.84 20.89 17.61
N ARG B 701 -3.52 21.55 16.49
CA ARG B 701 -2.81 22.81 16.52
C ARG B 701 -3.80 23.95 16.27
N CYS B 702 -3.72 24.98 17.09
CA CYS B 702 -4.62 26.12 16.95
C CYS B 702 -4.24 26.94 15.71
N PRO B 703 -5.13 27.10 14.75
CA PRO B 703 -4.79 27.86 13.54
C PRO B 703 -4.98 29.35 13.76
N ASP B 704 -4.51 30.13 12.78
CA ASP B 704 -4.66 31.58 12.79
C ASP B 704 -4.84 32.02 11.33
N PRO B 705 -5.89 32.77 11.03
CA PRO B 705 -6.11 33.21 9.65
C PRO B 705 -4.96 34.08 9.16
N LEU B 706 -4.62 33.92 7.89
CA LEU B 706 -3.54 34.70 7.29
C LEU B 706 -4.04 36.07 6.85
N VAL B 707 -3.09 36.97 6.64
CA VAL B 707 -3.35 38.30 6.09
C VAL B 707 -2.67 38.36 4.74
N PHE B 708 -3.46 38.68 3.70
CA PHE B 708 -2.93 38.68 2.34
C PHE B 708 -1.90 39.79 2.16
N ASP B 709 -0.75 39.44 1.61
CA ASP B 709 0.31 40.40 1.33
C ASP B 709 0.89 40.09 -0.04
N VAL B 710 0.74 41.02 -0.98
CA VAL B 710 1.24 40.81 -2.33
C VAL B 710 2.76 40.72 -2.35
N ASN B 711 3.44 41.31 -1.35
CA ASN B 711 4.89 41.22 -1.27
C ASN B 711 5.38 39.87 -0.77
N ASP B 712 4.50 39.09 -0.16
CA ASP B 712 4.88 37.76 0.31
C ASP B 712 5.03 36.83 -0.88
N PRO B 713 6.18 36.18 -1.06
CA PRO B 713 6.35 35.30 -2.23
C PRO B 713 5.35 34.15 -2.27
N MET B 714 4.95 33.61 -1.12
CA MET B 714 4.04 32.47 -1.10
C MET B 714 2.66 32.86 -1.62
N HIS B 715 2.13 33.99 -1.15
CA HIS B 715 0.80 34.43 -1.56
C HIS B 715 0.78 34.72 -3.05
N LEU B 716 1.79 35.42 -3.55
CA LEU B 716 1.87 35.74 -4.96
C LEU B 716 2.03 34.47 -5.80
N ASP B 717 2.83 33.52 -5.31
CA ASP B 717 2.99 32.26 -6.02
C ASP B 717 1.66 31.51 -6.14
N PHE B 718 0.90 31.46 -5.04
CA PHE B 718 -0.39 30.79 -5.07
C PHE B 718 -1.34 31.49 -6.03
N ILE B 719 -1.38 32.82 -5.99
CA ILE B 719 -2.27 33.57 -6.87
C ILE B 719 -1.90 33.31 -8.33
N TYR B 720 -0.60 33.38 -8.63
CA TYR B 720 -0.12 33.15 -9.98
C TYR B 720 -0.51 31.76 -10.48
N ALA B 721 -0.20 30.73 -9.69
CA ALA B 721 -0.48 29.36 -10.12
C ALA B 721 -1.98 29.13 -10.29
N ALA B 722 -2.78 29.57 -9.31
CA ALA B 722 -4.22 29.34 -9.37
C ALA B 722 -4.84 30.08 -10.55
N ALA B 723 -4.46 31.33 -10.78
CA ALA B 723 -5.03 32.09 -11.89
C ALA B 723 -4.65 31.48 -13.22
N ASN B 724 -3.38 31.07 -13.37
CA ASN B 724 -2.96 30.47 -14.63
C ASN B 724 -3.67 29.14 -14.88
N LEU B 725 -3.82 28.31 -13.85
CA LEU B 725 -4.53 27.04 -14.02
C LEU B 725 -6.00 27.27 -14.36
N ARG B 726 -6.63 28.23 -13.69
CA ARG B 726 -8.04 28.52 -13.97
C ARG B 726 -8.21 29.04 -15.40
N ALA B 727 -7.28 29.88 -15.86
CA ALA B 727 -7.33 30.34 -17.25
C ALA B 727 -7.14 29.18 -18.21
N GLU B 728 -6.23 28.26 -17.89
CA GLU B 728 -6.02 27.08 -18.74
C GLU B 728 -7.28 26.22 -18.82
N VAL B 729 -8.01 26.12 -17.71
CA VAL B 729 -9.22 25.30 -17.69
C VAL B 729 -10.24 25.82 -18.70
N TYR B 730 -10.45 27.13 -18.74
CA TYR B 730 -11.46 27.73 -19.59
C TYR B 730 -10.93 28.16 -20.95
N GLY B 731 -9.66 27.88 -21.25
CA GLY B 731 -9.09 28.21 -22.55
C GLY B 731 -8.58 29.63 -22.68
N ILE B 732 -8.70 30.47 -21.65
CA ILE B 732 -8.17 31.82 -21.71
C ILE B 732 -6.65 31.77 -21.75
N GLU B 733 -6.05 32.62 -22.58
CA GLU B 733 -4.60 32.66 -22.70
C GLU B 733 -3.96 33.02 -21.36
N GLN B 734 -2.96 32.24 -20.97
CA GLN B 734 -2.28 32.46 -19.70
C GLN B 734 -1.40 33.70 -19.77
N VAL B 735 -1.29 34.38 -18.63
CA VAL B 735 -0.42 35.54 -18.48
C VAL B 735 0.66 35.16 -17.48
N ARG B 736 1.80 34.71 -17.98
CA ARG B 736 2.90 34.25 -17.13
C ARG B 736 3.85 35.38 -16.78
N ASN B 737 3.31 36.48 -16.26
CA ASN B 737 4.09 37.61 -15.80
C ASN B 737 3.75 37.88 -14.35
N ARG B 738 4.73 37.71 -13.47
CA ARG B 738 4.49 37.87 -12.04
C ARG B 738 4.10 39.31 -11.70
N GLU B 739 4.75 40.29 -12.34
CA GLU B 739 4.44 41.68 -12.06
C GLU B 739 3.03 42.03 -12.49
N THR B 740 2.59 41.53 -13.65
CA THR B 740 1.24 41.80 -14.11
C THR B 740 0.19 41.21 -13.17
N ILE B 741 0.42 39.98 -12.72
CA ILE B 741 -0.53 39.35 -11.80
C ILE B 741 -0.54 40.07 -10.46
N ALA B 742 0.63 40.51 -9.99
CA ALA B 742 0.69 41.26 -8.74
C ALA B 742 -0.07 42.57 -8.86
N GLU B 743 0.06 43.25 -9.99
CA GLU B 743 -0.69 44.48 -10.21
C GLU B 743 -2.19 44.22 -10.27
N LEU B 744 -2.59 43.14 -10.95
CA LEU B 744 -4.01 42.84 -11.09
C LEU B 744 -4.64 42.45 -9.76
N VAL B 745 -3.93 41.67 -8.95
CA VAL B 745 -4.53 41.14 -7.72
C VAL B 745 -4.77 42.22 -6.67
N GLN B 746 -4.11 43.37 -6.79
CA GLN B 746 -4.30 44.43 -5.81
C GLN B 746 -5.60 45.20 -6.00
N LYS B 747 -6.26 45.05 -7.14
CA LYS B 747 -7.51 45.73 -7.42
C LYS B 747 -8.74 44.90 -7.05
N VAL B 748 -8.55 43.69 -6.57
CA VAL B 748 -9.66 42.81 -6.25
C VAL B 748 -10.29 43.25 -4.93
N LYS B 749 -11.62 43.36 -4.93
CA LYS B 749 -12.38 43.73 -3.73
C LYS B 749 -12.85 42.46 -3.04
N VAL B 750 -12.45 42.28 -1.79
CA VAL B 750 -12.78 41.09 -1.01
C VAL B 750 -14.02 41.39 -0.18
N PRO B 751 -15.13 40.67 -0.38
CA PRO B 751 -16.32 40.91 0.43
C PRO B 751 -16.10 40.48 1.88
N GLU B 752 -16.82 41.14 2.78
CA GLU B 752 -16.73 40.83 4.19
C GLU B 752 -17.35 39.47 4.50
N PHE B 753 -16.77 38.77 5.47
CA PHE B 753 -17.25 37.46 5.90
C PHE B 753 -17.46 37.45 7.40
N LYS B 754 -18.55 36.82 7.84
CA LYS B 754 -18.85 36.69 9.26
C LYS B 754 -19.18 35.23 9.58
N PRO B 755 -18.72 34.72 10.71
CA PRO B 755 -19.01 33.33 11.07
C PRO B 755 -20.49 33.12 11.35
N ARG B 756 -20.93 31.89 11.11
CA ARG B 756 -22.31 31.48 11.34
C ARG B 756 -22.34 30.30 12.31
N SER B 757 -23.43 30.20 13.05
CA SER B 757 -23.58 29.13 14.03
C SER B 757 -23.92 27.81 13.36
N LEU B 780 -41.53 18.91 -7.34
CA LEU B 780 -40.90 20.15 -7.75
C LEU B 780 -39.51 19.90 -8.36
N ASP B 781 -38.99 18.69 -8.12
CA ASP B 781 -37.68 18.35 -8.66
C ASP B 781 -37.68 18.35 -10.18
N GLN B 782 -38.75 17.84 -10.79
CA GLN B 782 -38.87 17.91 -12.25
C GLN B 782 -38.93 19.35 -12.72
N ASP B 783 -39.63 20.22 -11.98
CA ASP B 783 -39.67 21.63 -12.33
C ASP B 783 -38.28 22.24 -12.29
N ARG B 784 -37.50 21.94 -11.26
CA ARG B 784 -36.13 22.44 -11.18
C ARG B 784 -35.28 21.91 -12.34
N VAL B 785 -35.44 20.63 -12.66
CA VAL B 785 -34.65 20.04 -13.74
C VAL B 785 -34.95 20.74 -15.07
N ASP B 786 -36.24 20.95 -15.35
CA ASP B 786 -36.63 21.65 -16.57
C ASP B 786 -36.12 23.08 -16.57
N LYS B 787 -36.16 23.75 -15.42
CA LYS B 787 -35.68 25.12 -15.34
C LYS B 787 -34.19 25.21 -15.63
N ILE B 788 -33.39 24.33 -15.04
CA ILE B 788 -31.95 24.37 -15.29
C ILE B 788 -31.66 23.99 -16.74
N ILE B 789 -32.43 23.08 -17.31
CA ILE B 789 -32.24 22.75 -18.73
C ILE B 789 -32.53 23.98 -19.60
N SER B 790 -33.57 24.73 -19.26
CA SER B 790 -33.89 25.94 -20.02
C SER B 790 -32.78 26.99 -19.88
N GLU B 791 -32.29 27.20 -18.66
CA GLU B 791 -31.19 28.15 -18.49
C GLU B 791 -29.95 27.71 -19.26
N LEU B 792 -29.69 26.41 -19.29
CA LEU B 792 -28.54 25.91 -20.04
C LEU B 792 -28.72 26.13 -21.54
N LEU B 793 -29.91 25.88 -22.09
CA LEU B 793 -30.05 26.01 -23.53
C LEU B 793 -30.14 27.47 -23.94
N LYS B 794 -30.53 28.36 -23.02
CA LYS B 794 -30.66 29.77 -23.37
C LYS B 794 -29.37 30.56 -23.10
N ASN B 795 -28.93 30.60 -21.85
CA ASN B 795 -27.82 31.48 -21.49
C ASN B 795 -26.46 30.85 -21.78
N ALA B 796 -26.30 29.55 -21.47
CA ALA B 796 -25.01 28.91 -21.66
C ALA B 796 -24.66 28.81 -23.14
N ASP B 797 -23.37 28.95 -23.43
CA ASP B 797 -22.85 28.94 -24.79
C ASP B 797 -22.05 27.66 -25.01
N LYS B 798 -22.33 26.97 -26.12
CA LYS B 798 -21.62 25.75 -26.46
C LYS B 798 -20.30 26.00 -27.16
N SER B 799 -19.96 27.27 -27.41
CA SER B 799 -18.68 27.61 -28.03
C SER B 799 -17.52 27.61 -27.04
N SER B 800 -17.79 27.39 -25.76
CA SER B 800 -16.74 27.39 -24.75
C SER B 800 -15.81 26.19 -24.94
N LYS B 801 -14.66 26.24 -24.28
CA LYS B 801 -13.61 25.23 -24.39
C LYS B 801 -13.22 24.72 -23.02
N ILE B 802 -14.22 24.35 -22.21
CA ILE B 802 -13.96 23.83 -20.88
C ILE B 802 -13.18 22.52 -21.00
N THR B 803 -12.10 22.42 -20.24
CA THR B 803 -11.23 21.24 -20.29
C THR B 803 -10.68 20.93 -18.90
N PRO B 804 -11.09 19.81 -18.30
CA PRO B 804 -10.51 19.42 -17.01
C PRO B 804 -9.03 19.12 -17.14
N LEU B 805 -8.29 19.41 -16.07
CA LEU B 805 -6.85 19.25 -16.05
C LEU B 805 -6.47 17.92 -15.41
N GLU B 806 -5.54 17.20 -16.04
CA GLU B 806 -4.98 15.98 -15.49
C GLU B 806 -3.69 16.30 -14.77
N PHE B 807 -3.57 15.87 -13.52
CA PHE B 807 -2.42 16.20 -12.69
C PHE B 807 -1.18 15.51 -13.23
N GLU B 808 -0.18 16.30 -13.62
CA GLU B 808 1.11 15.80 -14.08
C GLU B 808 2.20 16.41 -13.22
N LYS B 809 3.00 15.56 -12.60
CA LYS B 809 4.04 16.01 -11.67
C LYS B 809 5.41 16.14 -12.31
N ASP B 810 5.66 15.43 -13.41
CA ASP B 810 6.99 15.42 -14.03
C ASP B 810 7.22 16.59 -14.97
N ASP B 811 6.23 17.43 -15.20
CA ASP B 811 6.38 18.61 -16.04
C ASP B 811 6.48 19.85 -15.15
N ASP B 812 7.53 20.64 -15.36
CA ASP B 812 7.76 21.84 -14.57
C ASP B 812 7.12 23.08 -15.16
N SER B 813 6.52 22.99 -16.35
CA SER B 813 5.93 24.14 -17.01
C SER B 813 4.42 24.16 -16.94
N ASN B 814 3.78 23.16 -16.35
CA ASN B 814 2.33 23.12 -16.24
C ASN B 814 1.81 23.75 -14.97
N LEU B 815 2.69 24.14 -14.05
CA LEU B 815 2.36 24.84 -12.80
C LEU B 815 1.52 24.02 -11.84
N HIS B 816 1.37 22.71 -12.08
CA HIS B 816 0.62 21.88 -11.16
C HIS B 816 1.35 21.75 -9.82
N MET B 817 2.64 21.40 -9.88
CA MET B 817 3.43 21.22 -8.66
C MET B 817 3.60 22.55 -7.94
N ASP B 818 3.71 23.64 -8.68
CA ASP B 818 3.79 24.96 -8.04
C ASP B 818 2.53 25.26 -7.23
N PHE B 819 1.36 25.00 -7.82
CA PHE B 819 0.11 25.21 -7.10
C PHE B 819 0.02 24.29 -5.88
N ILE B 820 0.44 23.03 -6.03
CA ILE B 820 0.39 22.10 -4.91
C ILE B 820 1.28 22.58 -3.77
N VAL B 821 2.50 23.01 -4.10
CA VAL B 821 3.44 23.50 -3.09
C VAL B 821 2.87 24.73 -2.40
N ALA B 822 2.34 25.67 -3.17
CA ALA B 822 1.81 26.90 -2.58
C ALA B 822 0.64 26.59 -1.65
N CYS B 823 -0.28 25.74 -2.10
CA CYS B 823 -1.44 25.39 -1.28
C CYS B 823 -1.02 24.70 0.01
N SER B 824 -0.14 23.70 -0.09
CA SER B 824 0.29 22.97 1.09
C SER B 824 1.04 23.87 2.05
N ASN B 825 1.93 24.73 1.54
CA ASN B 825 2.71 25.60 2.41
C ASN B 825 1.83 26.65 3.08
N LEU B 826 0.82 27.17 2.36
CA LEU B 826 -0.11 28.11 2.97
C LEU B 826 -0.91 27.45 4.07
N ARG B 827 -1.40 26.23 3.84
CA ARG B 827 -2.14 25.55 4.90
C ARG B 827 -1.23 25.20 6.07
N ALA B 828 0.05 24.91 5.80
CA ALA B 828 0.99 24.65 6.89
C ALA B 828 1.23 25.90 7.72
N ALA B 829 1.45 27.05 7.06
CA ALA B 829 1.60 28.30 7.79
C ALA B 829 0.33 28.67 8.53
N ASN B 830 -0.82 28.16 8.06
CA ASN B 830 -2.08 28.34 8.78
C ASN B 830 -2.03 27.70 10.16
N TYR B 831 -1.48 26.50 10.25
CA TYR B 831 -1.42 25.74 11.51
C TYR B 831 -0.04 25.71 12.13
N LYS B 832 0.87 26.60 11.69
CA LYS B 832 2.24 26.66 12.20
C LYS B 832 2.98 25.34 12.01
N ILE B 833 2.68 24.63 10.93
CA ILE B 833 3.38 23.42 10.55
C ILE B 833 4.60 23.83 9.71
N PRO B 834 5.78 23.29 9.98
CA PRO B 834 6.96 23.64 9.19
C PRO B 834 6.74 23.32 7.72
N PRO B 835 7.05 24.26 6.82
CA PRO B 835 6.81 24.03 5.40
C PRO B 835 7.80 23.05 4.80
N ALA B 836 7.41 22.48 3.67
CA ALA B 836 8.25 21.55 2.92
C ALA B 836 8.55 22.12 1.55
N ASP B 837 9.78 21.90 1.08
CA ASP B 837 10.21 22.42 -0.20
C ASP B 837 9.53 21.65 -1.33
N ARG B 838 9.86 22.03 -2.57
CA ARG B 838 9.27 21.38 -3.73
C ARG B 838 9.67 19.91 -3.84
N HIS B 839 10.88 19.57 -3.38
CA HIS B 839 11.35 18.19 -3.48
C HIS B 839 10.49 17.26 -2.63
N LYS B 840 10.31 17.60 -1.35
CA LYS B 840 9.51 16.75 -0.47
C LYS B 840 8.04 16.76 -0.88
N SER B 841 7.53 17.91 -1.33
CA SER B 841 6.15 17.99 -1.78
C SER B 841 5.92 17.09 -3.00
N LYS B 842 6.87 17.08 -3.94
CA LYS B 842 6.75 16.20 -5.09
C LYS B 842 6.86 14.74 -4.67
N LEU B 843 7.72 14.45 -3.70
CA LEU B 843 7.85 13.07 -3.22
C LEU B 843 6.54 12.58 -2.59
N ILE B 844 5.91 13.42 -1.78
CA ILE B 844 4.75 12.96 -1.02
C ILE B 844 3.48 13.02 -1.85
N ALA B 845 3.17 14.19 -2.41
CA ALA B 845 1.93 14.36 -3.16
C ALA B 845 1.90 13.48 -4.41
N GLY B 846 3.03 13.36 -5.09
CA GLY B 846 3.09 12.59 -6.32
C GLY B 846 3.17 11.10 -6.15
N LYS B 847 3.26 10.61 -4.92
CA LYS B 847 3.37 9.18 -4.63
C LYS B 847 4.55 8.56 -5.37
N ILE B 848 5.67 9.28 -5.39
CA ILE B 848 6.85 8.82 -6.10
C ILE B 848 7.51 7.70 -5.31
N ILE B 849 7.81 6.60 -5.99
CA ILE B 849 8.52 5.47 -5.39
C ILE B 849 10.01 5.65 -5.68
N PRO B 850 10.85 5.88 -4.66
CA PRO B 850 12.28 6.00 -4.92
C PRO B 850 12.86 4.71 -5.49
N ALA B 851 13.84 4.85 -6.38
CA ALA B 851 14.43 3.69 -7.02
C ALA B 851 15.86 4.03 -7.46
N ILE B 852 16.73 3.02 -7.39
CA ILE B 852 18.11 3.15 -7.82
C ILE B 852 18.49 1.93 -8.66
N ALA B 853 19.54 2.07 -9.45
CA ALA B 853 19.90 1.03 -10.41
C ALA B 853 20.57 -0.18 -9.76
N THR B 854 21.36 0.03 -8.71
CA THR B 854 22.06 -1.05 -8.00
C THR B 854 21.06 -2.05 -7.44
N THR B 855 20.09 -1.63 -6.63
CA THR B 855 19.03 -2.50 -6.10
C THR B 855 18.34 -3.26 -7.23
N THR B 856 18.03 -2.59 -8.33
CA THR B 856 17.36 -3.27 -9.43
C THR B 856 18.24 -4.38 -10.00
N SER B 857 19.52 -4.09 -10.21
CA SER B 857 20.42 -5.11 -10.74
C SER B 857 20.52 -6.31 -9.81
N VAL B 858 20.66 -6.06 -8.50
CA VAL B 858 20.80 -7.12 -7.52
C VAL B 858 19.58 -8.01 -7.52
N LEU B 859 18.40 -7.43 -7.38
CA LEU B 859 17.18 -8.22 -7.34
C LEU B 859 16.90 -8.90 -8.67
N SER B 860 17.27 -8.32 -9.80
CA SER B 860 17.10 -9.00 -11.08
C SER B 860 18.04 -10.20 -11.19
N GLY B 861 19.28 -10.06 -10.72
CA GLY B 861 20.18 -11.20 -10.71
C GLY B 861 19.67 -12.35 -9.84
N LEU B 862 19.19 -12.00 -8.65
CA LEU B 862 18.64 -13.02 -7.78
C LEU B 862 17.44 -13.68 -8.46
N ALA B 863 16.51 -12.93 -9.06
CA ALA B 863 15.34 -13.50 -9.71
C ALA B 863 15.73 -14.41 -10.87
N VAL B 864 16.74 -14.02 -11.64
CA VAL B 864 17.20 -14.88 -12.73
C VAL B 864 17.84 -16.14 -12.18
N LEU B 865 18.51 -16.07 -11.03
CA LEU B 865 19.01 -17.28 -10.40
C LEU B 865 17.87 -18.22 -10.03
N GLU B 866 16.78 -17.69 -9.47
CA GLU B 866 15.63 -18.53 -9.17
C GLU B 866 15.01 -19.09 -10.45
N VAL B 867 15.00 -18.31 -11.52
CA VAL B 867 14.48 -18.79 -12.80
C VAL B 867 15.32 -19.94 -13.31
N ILE B 868 16.64 -19.84 -13.18
CA ILE B 868 17.53 -20.93 -13.58
C ILE B 868 17.24 -22.17 -12.74
N LYS B 869 17.05 -21.99 -11.44
CA LYS B 869 16.71 -23.13 -10.58
C LYS B 869 15.41 -23.79 -11.04
N LEU B 870 14.40 -22.98 -11.38
CA LEU B 870 13.14 -23.55 -11.87
C LEU B 870 13.33 -24.30 -13.18
N ILE B 871 14.12 -23.73 -14.10
CA ILE B 871 14.32 -24.36 -15.40
C ILE B 871 15.09 -25.67 -15.26
N VAL B 872 16.01 -25.75 -14.30
CA VAL B 872 16.76 -26.98 -14.08
C VAL B 872 15.81 -28.15 -13.83
N GLY B 873 14.79 -27.94 -13.00
CA GLY B 873 13.82 -28.97 -12.73
C GLY B 873 13.67 -29.26 -11.25
N HIS B 874 14.17 -28.35 -10.42
CA HIS B 874 14.10 -28.54 -8.98
C HIS B 874 12.67 -28.44 -8.49
N ARG B 875 12.32 -29.29 -7.53
CA ARG B 875 11.01 -29.27 -6.90
C ARG B 875 11.09 -29.18 -5.37
N ASP B 876 12.18 -29.61 -4.76
CA ASP B 876 12.28 -29.61 -3.31
C ASP B 876 12.57 -28.18 -2.84
N LEU B 877 11.82 -27.73 -1.84
CA LEU B 877 11.81 -26.33 -1.43
C LEU B 877 13.13 -25.85 -0.84
N VAL B 878 14.04 -26.75 -0.45
CA VAL B 878 15.33 -26.32 0.08
C VAL B 878 16.16 -25.64 -1.00
N LYS B 879 16.08 -26.14 -2.24
CA LYS B 879 16.84 -25.54 -3.34
C LYS B 879 16.40 -24.10 -3.59
N PHE B 880 15.10 -23.84 -3.57
CA PHE B 880 14.59 -22.50 -3.83
C PHE B 880 14.78 -21.61 -2.61
N LYS B 881 14.98 -20.31 -2.87
CA LYS B 881 15.25 -19.35 -1.81
C LYS B 881 14.55 -18.04 -2.12
N ASN B 882 13.65 -17.61 -1.25
CA ASN B 882 13.13 -16.26 -1.30
C ASN B 882 14.27 -15.35 -0.87
N GLY B 883 14.46 -14.23 -1.53
CA GLY B 883 15.56 -13.32 -1.24
C GLY B 883 15.04 -12.02 -0.66
N PHE B 884 15.73 -11.47 0.34
CA PHE B 884 15.45 -10.16 0.90
C PHE B 884 16.76 -9.40 1.00
N ALA B 885 16.77 -8.12 0.66
CA ALA B 885 17.99 -7.34 0.65
C ALA B 885 17.72 -5.89 1.03
N ASN B 886 18.70 -5.27 1.67
CA ASN B 886 18.76 -3.84 1.92
C ASN B 886 20.20 -3.38 1.74
N LEU B 887 20.54 -2.80 0.60
CA LEU B 887 21.91 -2.46 0.28
C LEU B 887 22.50 -1.34 1.13
N ALA B 888 21.69 -0.66 1.96
CA ALA B 888 22.18 0.39 2.86
C ALA B 888 22.92 -0.16 4.09
N LEU B 889 22.52 -1.31 4.64
CA LEU B 889 23.04 -1.79 5.92
C LEU B 889 24.49 -2.32 5.91
N PRO B 890 25.00 -2.96 4.85
CA PRO B 890 24.26 -3.73 3.87
C PRO B 890 23.68 -4.98 4.53
N PHE B 891 22.60 -5.51 3.99
CA PHE B 891 21.98 -6.72 4.48
C PHE B 891 21.41 -7.53 3.34
N MET B 892 21.49 -8.83 3.47
CA MET B 892 21.05 -9.79 2.47
C MET B 892 20.76 -11.11 3.17
N ALA B 893 19.59 -11.67 2.94
CA ALA B 893 19.11 -12.86 3.63
C ALA B 893 18.20 -13.67 2.72
N PHE B 894 18.05 -14.96 3.02
CA PHE B 894 17.28 -15.89 2.22
C PHE B 894 16.43 -16.82 3.09
N SER B 895 15.37 -17.40 2.54
CA SER B 895 14.54 -18.39 3.25
C SER B 895 13.87 -19.36 2.31
N GLU B 896 13.57 -20.57 2.76
CA GLU B 896 12.80 -21.50 1.95
C GLU B 896 11.35 -21.02 1.82
N PRO B 897 10.77 -21.08 0.63
CA PRO B 897 9.35 -20.73 0.49
C PRO B 897 8.48 -21.66 1.30
N LEU B 898 7.42 -21.11 1.89
CA LEU B 898 6.53 -21.89 2.73
C LEU B 898 5.71 -22.85 1.88
N PRO B 899 5.53 -24.10 2.32
CA PRO B 899 4.68 -25.03 1.57
C PRO B 899 3.22 -24.61 1.63
N ALA B 900 2.46 -25.03 0.62
CA ALA B 900 1.05 -24.68 0.54
C ALA B 900 0.29 -25.29 1.71
N ALA B 901 -0.64 -24.51 2.26
CA ALA B 901 -1.43 -24.98 3.40
C ALA B 901 -2.33 -26.13 2.97
N LYS B 902 -2.50 -27.10 3.88
CA LYS B 902 -3.27 -28.30 3.60
C LYS B 902 -4.57 -28.28 4.39
N ASN B 903 -5.66 -28.61 3.72
CA ASN B 903 -6.97 -28.71 4.33
C ASN B 903 -7.62 -30.02 3.90
N THR B 904 -8.57 -30.49 4.71
CA THR B 904 -9.22 -31.77 4.47
C THR B 904 -10.73 -31.61 4.45
N TYR B 905 -11.36 -32.24 3.46
CA TYR B 905 -12.82 -32.39 3.43
C TYR B 905 -13.12 -33.84 3.12
N TYR B 906 -13.91 -34.48 3.99
CA TYR B 906 -14.21 -35.92 3.88
C TYR B 906 -12.94 -36.76 3.86
N GLY B 907 -11.89 -36.29 4.51
CA GLY B 907 -10.63 -37.02 4.56
C GLY B 907 -9.73 -36.84 3.36
N LYS B 908 -10.09 -35.97 2.41
CA LYS B 908 -9.29 -35.74 1.21
C LYS B 908 -8.49 -34.46 1.38
N GLU B 909 -7.18 -34.56 1.24
CA GLU B 909 -6.30 -33.41 1.36
C GLU B 909 -6.31 -32.58 0.08
N TRP B 910 -6.30 -31.26 0.23
CA TRP B 910 -6.30 -30.36 -0.90
C TRP B 910 -5.55 -29.09 -0.52
N THR B 911 -4.96 -28.45 -1.53
CA THR B 911 -4.26 -27.19 -1.37
C THR B 911 -4.85 -26.18 -2.35
N LEU B 912 -4.24 -24.99 -2.41
CA LEU B 912 -4.69 -23.96 -3.33
C LEU B 912 -4.48 -24.31 -4.79
N TRP B 913 -3.70 -25.36 -5.08
CA TRP B 913 -3.46 -25.77 -6.46
C TRP B 913 -4.45 -26.81 -6.95
N ASP B 914 -5.17 -27.48 -6.05
CA ASP B 914 -6.13 -28.49 -6.46
C ASP B 914 -7.47 -27.84 -6.84
N ARG B 915 -8.24 -28.55 -7.65
CA ARG B 915 -9.49 -28.03 -8.16
C ARG B 915 -10.38 -29.19 -8.59
N PHE B 916 -11.67 -28.90 -8.70
CA PHE B 916 -12.61 -29.84 -9.29
C PHE B 916 -12.63 -29.70 -10.80
N GLU B 917 -12.99 -30.79 -11.48
CA GLU B 917 -13.04 -30.83 -12.94
C GLU B 917 -14.45 -31.21 -13.37
N VAL B 918 -15.18 -30.24 -13.93
CA VAL B 918 -16.52 -30.46 -14.46
C VAL B 918 -16.48 -30.17 -15.95
N THR B 919 -16.91 -31.13 -16.74
CA THR B 919 -16.83 -31.05 -18.20
C THR B 919 -18.22 -30.90 -18.81
N GLY B 920 -18.23 -30.56 -20.10
CA GLY B 920 -19.46 -30.45 -20.85
C GLY B 920 -20.28 -29.23 -20.47
N GLU B 921 -21.50 -29.19 -21.01
CA GLU B 921 -22.46 -28.14 -20.73
C GLU B 921 -23.55 -28.72 -19.83
N LEU B 922 -23.74 -28.09 -18.67
CA LEU B 922 -24.74 -28.52 -17.70
C LEU B 922 -25.58 -27.32 -17.30
N SER B 923 -26.82 -27.60 -16.90
CA SER B 923 -27.64 -26.55 -16.31
C SER B 923 -27.17 -26.28 -14.88
N LEU B 924 -27.69 -25.20 -14.30
CA LEU B 924 -27.37 -24.89 -12.91
C LEU B 924 -27.86 -25.99 -11.98
N GLN B 925 -29.08 -26.49 -12.22
CA GLN B 925 -29.59 -27.59 -11.44
C GLN B 925 -28.74 -28.85 -11.63
N GLU B 926 -28.30 -29.10 -12.86
CA GLU B 926 -27.44 -30.24 -13.12
C GLU B 926 -26.10 -30.09 -12.41
N PHE B 927 -25.57 -28.87 -12.36
CA PHE B 927 -24.32 -28.61 -11.65
C PHE B 927 -24.46 -28.90 -10.17
N LEU B 928 -25.51 -28.37 -9.55
CA LEU B 928 -25.74 -28.60 -8.13
C LEU B 928 -25.97 -30.08 -7.84
N ASN B 929 -26.74 -30.76 -8.71
CA ASN B 929 -26.97 -32.19 -8.53
C ASN B 929 -25.69 -32.99 -8.69
N TYR B 930 -24.84 -32.62 -9.65
CA TYR B 930 -23.55 -33.28 -9.82
C TYR B 930 -22.74 -33.20 -8.54
N PHE B 931 -22.61 -32.00 -7.97
CA PHE B 931 -21.85 -31.89 -6.74
C PHE B 931 -22.51 -32.66 -5.60
N GLU B 932 -23.82 -32.52 -5.44
CA GLU B 932 -24.53 -33.17 -4.34
C GLU B 932 -24.44 -34.69 -4.42
N GLU B 933 -24.37 -35.24 -5.64
CA GLU B 933 -24.34 -36.69 -5.82
C GLU B 933 -22.93 -37.26 -5.77
N ASN B 934 -21.96 -36.61 -6.39
CA ASN B 934 -20.62 -37.15 -6.45
C ASN B 934 -19.76 -36.73 -5.25
N GLU B 935 -19.70 -35.44 -4.96
CA GLU B 935 -18.85 -34.94 -3.90
C GLU B 935 -19.55 -34.88 -2.55
N LYS B 936 -20.84 -35.22 -2.49
CA LYS B 936 -21.62 -35.17 -1.26
C LYS B 936 -21.54 -33.81 -0.59
N LEU B 937 -21.57 -32.76 -1.41
CA LEU B 937 -21.52 -31.38 -0.93
C LEU B 937 -22.76 -30.64 -1.41
N LYS B 938 -23.41 -29.92 -0.50
CA LYS B 938 -24.57 -29.10 -0.82
C LYS B 938 -24.10 -27.67 -1.00
N ILE B 939 -24.15 -27.17 -2.23
CA ILE B 939 -23.67 -25.84 -2.53
C ILE B 939 -24.68 -24.82 -2.02
N THR B 940 -24.21 -23.91 -1.15
CA THR B 940 -25.04 -22.84 -0.64
C THR B 940 -24.70 -21.48 -1.22
N MET B 941 -23.58 -21.35 -1.91
CA MET B 941 -23.20 -20.09 -2.53
C MET B 941 -22.23 -20.39 -3.67
N LEU B 942 -22.64 -20.07 -4.90
CA LEU B 942 -21.83 -20.27 -6.09
C LEU B 942 -21.55 -18.93 -6.72
N SER B 943 -20.26 -18.64 -6.97
CA SER B 943 -19.85 -17.34 -7.46
C SER B 943 -18.83 -17.51 -8.59
N GLN B 944 -18.75 -16.50 -9.45
CA GLN B 944 -17.80 -16.45 -10.55
C GLN B 944 -17.12 -15.09 -10.51
N GLY B 945 -15.92 -15.03 -9.94
CA GLY B 945 -15.26 -13.74 -9.78
C GLY B 945 -16.01 -12.90 -8.77
N VAL B 946 -16.36 -11.67 -9.17
CA VAL B 946 -17.13 -10.79 -8.30
C VAL B 946 -18.63 -11.05 -8.39
N SER B 947 -19.06 -11.88 -9.34
CA SER B 947 -20.48 -12.15 -9.53
C SER B 947 -20.97 -13.18 -8.51
N MET B 948 -22.29 -13.40 -8.52
CA MET B 948 -22.94 -14.35 -7.62
C MET B 948 -24.01 -15.09 -8.42
N LEU B 949 -23.67 -16.29 -8.90
CA LEU B 949 -24.60 -17.05 -9.72
C LEU B 949 -25.74 -17.64 -8.88
N TYR B 950 -25.42 -18.17 -7.71
CA TYR B 950 -26.41 -18.86 -6.90
C TYR B 950 -26.11 -18.61 -5.43
N SER B 951 -27.17 -18.56 -4.62
CA SER B 951 -27.03 -18.35 -3.19
C SER B 951 -28.29 -18.86 -2.50
N PHE B 952 -28.17 -19.08 -1.19
CA PHE B 952 -29.30 -19.56 -0.41
C PHE B 952 -30.33 -18.48 -0.13
N PHE B 953 -29.94 -17.20 -0.18
CA PHE B 953 -30.84 -16.10 0.13
C PHE B 953 -31.33 -15.36 -1.10
N MET B 954 -31.10 -15.90 -2.31
CA MET B 954 -31.56 -15.23 -3.51
C MET B 954 -33.08 -15.31 -3.62
N PRO B 955 -33.70 -14.38 -4.36
CA PRO B 955 -35.15 -14.46 -4.56
C PRO B 955 -35.54 -15.75 -5.27
N LYS B 956 -36.73 -16.24 -4.91
CA LYS B 956 -37.20 -17.51 -5.45
C LYS B 956 -37.47 -17.43 -6.95
N ALA B 957 -37.97 -16.29 -7.42
CA ALA B 957 -38.26 -16.14 -8.85
C ALA B 957 -36.99 -16.25 -9.68
N LYS B 958 -35.93 -15.54 -9.28
CA LYS B 958 -34.68 -15.60 -10.02
C LYS B 958 -34.05 -16.99 -9.91
N CYS B 959 -34.18 -17.63 -8.74
CA CYS B 959 -33.67 -18.98 -8.58
C CYS B 959 -34.36 -19.95 -9.53
N SER B 960 -35.69 -19.86 -9.63
CA SER B 960 -36.41 -20.72 -10.56
C SER B 960 -36.05 -20.41 -12.00
N GLU B 961 -35.85 -19.13 -12.33
CA GLU B 961 -35.49 -18.75 -13.69
C GLU B 961 -34.11 -19.31 -14.07
N ARG B 962 -33.15 -19.24 -13.15
CA ARG B 962 -31.77 -19.58 -13.48
C ARG B 962 -31.50 -21.08 -13.44
N LEU B 963 -32.36 -21.88 -12.81
CA LEU B 963 -32.08 -23.31 -12.66
C LEU B 963 -31.99 -24.05 -13.98
N PRO B 964 -32.95 -23.95 -14.91
CA PRO B 964 -32.85 -24.75 -16.14
C PRO B 964 -31.87 -24.21 -17.17
N LEU B 965 -31.35 -23.00 -16.99
CA LEU B 965 -30.46 -22.41 -17.98
C LEU B 965 -29.07 -23.05 -17.92
N PRO B 966 -28.38 -23.13 -19.04
CA PRO B 966 -26.98 -23.61 -19.02
C PRO B 966 -26.10 -22.63 -18.25
N MET B 967 -25.00 -23.17 -17.71
CA MET B 967 -24.13 -22.35 -16.87
C MET B 967 -23.53 -21.19 -17.64
N SER B 968 -23.23 -21.37 -18.92
CA SER B 968 -22.70 -20.26 -19.73
C SER B 968 -23.73 -19.14 -19.84
N GLU B 969 -24.99 -19.49 -20.08
CA GLU B 969 -26.04 -18.47 -20.16
C GLU B 969 -26.23 -17.77 -18.82
N VAL B 970 -26.16 -18.53 -17.72
CA VAL B 970 -26.28 -17.94 -16.39
C VAL B 970 -25.15 -16.95 -16.14
N VAL B 971 -23.92 -17.34 -16.51
CA VAL B 971 -22.78 -16.44 -16.34
C VAL B 971 -22.95 -15.19 -17.18
N ARG B 972 -23.40 -15.35 -18.43
CA ARG B 972 -23.61 -14.18 -19.28
C ARG B 972 -24.66 -13.25 -18.70
N ARG B 973 -25.75 -13.81 -18.18
CA ARG B 973 -26.80 -12.97 -17.59
C ARG B 973 -26.30 -12.25 -16.34
N VAL B 974 -25.60 -12.97 -15.45
CA VAL B 974 -25.20 -12.39 -14.18
C VAL B 974 -24.11 -11.35 -14.37
N SER B 975 -23.10 -11.65 -15.19
CA SER B 975 -21.98 -10.73 -15.38
C SER B 975 -22.31 -9.59 -16.32
N LYS B 976 -23.46 -9.64 -17.01
CA LYS B 976 -23.90 -8.58 -17.92
C LYS B 976 -22.87 -8.31 -19.02
N ARG B 977 -22.27 -9.39 -19.52
CA ARG B 977 -21.30 -9.27 -20.61
C ARG B 977 -21.29 -10.58 -21.39
N ARG B 978 -20.95 -10.48 -22.68
CA ARG B 978 -20.93 -11.65 -23.53
C ARG B 978 -19.69 -12.51 -23.25
N LEU B 979 -19.79 -13.78 -23.59
CA LEU B 979 -18.67 -14.71 -23.45
C LEU B 979 -17.85 -14.70 -24.74
N GLU B 980 -16.60 -14.27 -24.64
CA GLU B 980 -15.73 -14.19 -25.81
C GLU B 980 -15.38 -15.60 -26.30
N PRO B 981 -15.18 -15.76 -27.60
CA PRO B 981 -14.85 -17.10 -28.14
C PRO B 981 -13.57 -17.69 -27.58
N HIS B 982 -12.62 -16.85 -27.16
CA HIS B 982 -11.35 -17.36 -26.66
C HIS B 982 -11.48 -18.02 -25.29
N GLU B 983 -12.59 -17.81 -24.59
CA GLU B 983 -12.78 -18.38 -23.26
C GLU B 983 -13.16 -19.85 -23.41
N ARG B 984 -12.26 -20.74 -23.00
CA ARG B 984 -12.48 -22.17 -23.09
C ARG B 984 -12.89 -22.79 -21.76
N SER B 985 -12.83 -22.05 -20.66
CA SER B 985 -13.19 -22.57 -19.35
C SER B 985 -13.53 -21.42 -18.42
N LEU B 986 -14.24 -21.76 -17.35
CA LEU B 986 -14.65 -20.79 -16.33
C LEU B 986 -14.22 -21.30 -14.96
N VAL B 987 -14.05 -20.36 -14.04
CA VAL B 987 -13.62 -20.66 -12.68
C VAL B 987 -14.74 -20.28 -11.72
N PHE B 988 -15.17 -21.22 -10.90
CA PHE B 988 -16.24 -21.02 -9.93
C PHE B 988 -15.72 -21.25 -8.53
N GLU B 989 -16.18 -20.44 -7.59
CA GLU B 989 -15.89 -20.61 -6.17
C GLU B 989 -17.18 -20.97 -5.45
N ILE B 990 -17.14 -22.05 -4.68
CA ILE B 990 -18.32 -22.60 -4.03
C ILE B 990 -18.11 -22.68 -2.53
N CYS B 991 -19.14 -22.31 -1.78
CA CYS B 991 -19.20 -22.55 -0.34
C CYS B 991 -20.19 -23.68 -0.11
N CYS B 992 -19.72 -24.76 0.51
CA CYS B 992 -20.49 -25.99 0.58
C CYS B 992 -20.75 -26.40 2.02
N ASN B 993 -21.77 -27.23 2.19
CA ASN B 993 -22.11 -27.84 3.47
C ASN B 993 -22.06 -29.36 3.31
N ASP B 994 -21.47 -30.04 4.29
CA ASP B 994 -21.36 -31.48 4.23
C ASP B 994 -22.72 -32.12 4.53
N VAL B 995 -22.75 -33.45 4.62
CA VAL B 995 -23.98 -34.16 4.88
C VAL B 995 -24.54 -33.82 6.25
N ASP B 996 -23.68 -33.41 7.19
CA ASP B 996 -24.11 -33.10 8.55
C ASP B 996 -24.58 -31.66 8.71
N GLY B 997 -24.45 -30.83 7.68
CA GLY B 997 -24.94 -29.47 7.74
C GLY B 997 -23.93 -28.43 8.17
N GLU B 998 -22.66 -28.78 8.27
CA GLU B 998 -21.60 -27.84 8.64
C GLU B 998 -20.82 -27.42 7.41
N ASP B 999 -20.40 -26.15 7.40
CA ASP B 999 -19.65 -25.64 6.26
C ASP B 999 -18.27 -26.27 6.17
N VAL B 1000 -17.79 -26.46 4.94
CA VAL B 1000 -16.47 -27.04 4.68
C VAL B 1000 -15.82 -26.27 3.55
N GLU B 1001 -14.52 -26.03 3.66
CA GLU B 1001 -13.78 -25.37 2.60
C GLU B 1001 -13.39 -26.37 1.53
N VAL B 1002 -13.63 -26.00 0.27
CA VAL B 1002 -13.40 -26.89 -0.86
C VAL B 1002 -12.66 -26.15 -1.95
N PRO B 1003 -11.92 -26.87 -2.78
CA PRO B 1003 -11.19 -26.22 -3.88
C PRO B 1003 -12.15 -25.65 -4.92
N TYR B 1004 -11.62 -24.69 -5.69
CA TYR B 1004 -12.41 -24.06 -6.73
C TYR B 1004 -12.70 -25.05 -7.86
N VAL B 1005 -13.63 -24.67 -8.73
CA VAL B 1005 -14.14 -25.56 -9.77
C VAL B 1005 -13.72 -25.02 -11.13
N ARG B 1006 -13.13 -25.88 -11.95
CA ARG B 1006 -12.80 -25.54 -13.33
C ARG B 1006 -13.87 -26.14 -14.23
N TYR B 1007 -14.68 -25.28 -14.84
CA TYR B 1007 -15.80 -25.69 -15.67
C TYR B 1007 -15.38 -25.57 -17.13
N THR B 1008 -15.32 -26.72 -17.82
CA THR B 1008 -14.83 -26.76 -19.20
C THR B 1008 -15.99 -26.55 -20.17
N LEU B 1009 -15.93 -25.47 -20.93
CA LEU B 1009 -16.92 -25.23 -21.96
C LEU B 1009 -16.77 -26.24 -23.09
N PRO B 1010 -17.89 -26.71 -23.67
CA PRO B 1010 -17.86 -27.66 -24.78
C PRO B 1010 -17.21 -27.06 -26.04
N MET C 1 -31.92 -16.09 34.23
CA MET C 1 -32.27 -16.26 32.83
C MET C 1 -31.04 -16.33 31.93
N GLN C 2 -31.24 -16.81 30.71
CA GLN C 2 -30.19 -16.96 29.72
C GLN C 2 -30.26 -15.82 28.70
N ILE C 3 -29.10 -15.30 28.32
CA ILE C 3 -28.98 -14.28 27.28
C ILE C 3 -27.80 -14.63 26.39
N PHE C 4 -27.87 -14.14 25.15
CA PHE C 4 -26.79 -14.29 24.19
C PHE C 4 -26.09 -12.94 23.98
N VAL C 5 -24.84 -13.01 23.56
CA VAL C 5 -24.06 -11.82 23.22
C VAL C 5 -23.30 -12.13 21.93
N LYS C 6 -23.39 -11.21 20.96
CA LYS C 6 -22.69 -11.36 19.70
C LYS C 6 -21.45 -10.48 19.72
N THR C 7 -20.29 -11.09 19.49
CA THR C 7 -19.01 -10.42 19.68
C THR C 7 -18.63 -9.61 18.44
N LEU C 8 -17.35 -9.22 18.37
CA LEU C 8 -16.85 -8.42 17.27
C LEU C 8 -17.02 -9.13 15.93
N THR C 9 -16.73 -10.42 15.88
CA THR C 9 -16.68 -11.17 14.63
C THR C 9 -18.03 -11.77 14.25
N GLY C 10 -19.09 -11.48 15.01
CA GLY C 10 -20.36 -12.14 14.81
C GLY C 10 -20.50 -13.46 15.55
N LYS C 11 -19.45 -13.91 16.23
CA LYS C 11 -19.53 -15.15 17.00
C LYS C 11 -20.46 -14.95 18.19
N THR C 12 -21.46 -15.83 18.31
CA THR C 12 -22.44 -15.71 19.37
C THR C 12 -22.03 -16.55 20.57
N ILE C 13 -22.15 -15.97 21.77
CA ILE C 13 -21.80 -16.64 23.01
C ILE C 13 -23.04 -16.69 23.90
N THR C 14 -23.02 -17.63 24.84
CA THR C 14 -24.15 -17.92 25.70
C THR C 14 -23.78 -17.62 27.15
N LEU C 15 -24.65 -16.89 27.84
CA LEU C 15 -24.40 -16.46 29.21
C LEU C 15 -25.63 -16.72 30.08
N GLU C 16 -25.39 -16.89 31.38
CA GLU C 16 -26.44 -16.99 32.38
C GLU C 16 -26.32 -15.79 33.30
N VAL C 17 -27.45 -15.13 33.57
CA VAL C 17 -27.46 -13.89 34.34
C VAL C 17 -28.71 -13.84 35.22
N GLU C 18 -28.59 -13.12 36.33
CA GLU C 18 -29.72 -12.81 37.20
C GLU C 18 -30.51 -11.63 36.63
N PRO C 19 -31.80 -11.52 37.00
CA PRO C 19 -32.52 -10.28 36.68
C PRO C 19 -31.88 -9.05 37.32
N SER C 20 -31.32 -9.21 38.52
CA SER C 20 -30.70 -8.11 39.27
C SER C 20 -29.21 -7.97 39.02
N ASP C 21 -28.64 -8.77 38.12
CA ASP C 21 -27.21 -8.66 37.85
C ASP C 21 -26.88 -7.29 37.27
N THR C 22 -25.81 -6.68 37.76
CA THR C 22 -25.35 -5.42 37.19
C THR C 22 -24.73 -5.68 35.82
N ILE C 23 -24.76 -4.65 34.97
CA ILE C 23 -24.11 -4.75 33.66
C ILE C 23 -22.61 -4.94 33.84
N GLU C 24 -22.06 -4.46 34.95
CA GLU C 24 -20.67 -4.74 35.27
C GLU C 24 -20.44 -6.24 35.47
N ASN C 25 -21.39 -6.91 36.14
CA ASN C 25 -21.31 -8.37 36.30
C ASN C 25 -21.35 -9.07 34.95
N VAL C 26 -22.22 -8.62 34.05
CA VAL C 26 -22.29 -9.19 32.72
C VAL C 26 -20.97 -8.97 31.97
N LYS C 27 -20.39 -7.78 32.11
CA LYS C 27 -19.13 -7.48 31.43
C LYS C 27 -18.02 -8.38 31.94
N ALA C 28 -17.99 -8.60 33.25
CA ALA C 28 -17.03 -9.54 33.83
C ALA C 28 -17.24 -10.94 33.29
N LYS C 29 -18.51 -11.35 33.16
CA LYS C 29 -18.80 -12.67 32.63
C LYS C 29 -18.32 -12.83 31.19
N ILE C 30 -18.47 -11.79 30.36
CA ILE C 30 -17.95 -11.86 29.00
C ILE C 30 -16.43 -11.92 29.03
N GLN C 31 -15.80 -11.14 29.90
CA GLN C 31 -14.33 -11.19 30.03
C GLN C 31 -13.86 -12.57 30.47
N ASP C 32 -14.66 -13.27 31.28
CA ASP C 32 -14.28 -14.60 31.73
C ASP C 32 -14.19 -15.61 30.59
N LYS C 33 -14.66 -15.25 29.39
CA LYS C 33 -14.61 -16.13 28.24
C LYS C 33 -13.76 -15.56 27.12
N GLU C 34 -13.76 -14.24 26.94
CA GLU C 34 -13.17 -13.60 25.78
C GLU C 34 -12.26 -12.43 26.11
N GLY C 35 -12.41 -11.80 27.27
CA GLY C 35 -11.29 -11.14 27.93
C GLY C 35 -11.01 -9.68 27.62
N ILE C 36 -11.78 -9.02 26.76
CA ILE C 36 -11.53 -7.58 26.59
C ILE C 36 -11.94 -6.89 27.89
N PRO C 37 -11.07 -6.11 28.55
CA PRO C 37 -11.41 -5.60 29.89
C PRO C 37 -12.65 -4.72 29.87
N PRO C 38 -13.43 -4.74 30.95
CA PRO C 38 -14.80 -4.18 30.90
C PRO C 38 -14.90 -2.71 30.49
N ASP C 39 -13.97 -1.86 30.94
CA ASP C 39 -14.05 -0.44 30.61
C ASP C 39 -13.81 -0.19 29.13
N GLN C 40 -13.28 -1.18 28.41
CA GLN C 40 -13.13 -1.13 26.96
C GLN C 40 -14.40 -1.60 26.24
N GLN C 41 -15.15 -2.53 26.84
CA GLN C 41 -16.39 -3.03 26.24
C GLN C 41 -17.48 -1.96 26.20
N ARG C 42 -18.40 -2.14 25.27
CA ARG C 42 -19.66 -1.41 25.22
C ARG C 42 -20.76 -2.40 24.86
N LEU C 43 -21.82 -2.44 25.66
CA LEU C 43 -22.90 -3.40 25.49
C LEU C 43 -24.12 -2.70 24.93
N ILE C 44 -24.73 -3.28 23.91
CA ILE C 44 -25.79 -2.65 23.12
C ILE C 44 -27.06 -3.49 23.23
N PHE C 45 -28.17 -2.81 23.52
CA PHE C 45 -29.48 -3.45 23.49
C PHE C 45 -30.54 -2.40 23.17
N ALA C 46 -31.40 -2.72 22.21
CA ALA C 46 -32.48 -1.82 21.77
C ALA C 46 -31.93 -0.46 21.35
N GLY C 47 -30.71 -0.44 20.81
CA GLY C 47 -30.08 0.78 20.38
C GLY C 47 -29.47 1.61 21.49
N LYS C 48 -29.72 1.28 22.74
CA LYS C 48 -29.17 2.03 23.86
C LYS C 48 -27.89 1.38 24.36
N GLN C 49 -26.91 2.21 24.69
CA GLN C 49 -25.72 1.76 25.38
C GLN C 49 -26.02 1.56 26.86
N LEU C 50 -25.78 0.34 27.35
CA LEU C 50 -26.03 0.02 28.74
C LEU C 50 -24.93 0.61 29.61
N GLU C 51 -25.32 1.07 30.81
CA GLU C 51 -24.40 1.73 31.73
C GLU C 51 -24.13 0.74 32.86
N ASP C 52 -22.92 0.81 33.42
CA ASP C 52 -22.35 -0.30 34.18
C ASP C 52 -23.23 -0.74 35.34
N GLY C 53 -23.81 0.21 36.08
CA GLY C 53 -24.39 -0.09 37.37
C GLY C 53 -25.80 -0.65 37.40
N ARG C 54 -26.60 -0.43 36.35
CA ARG C 54 -27.99 -0.86 36.38
C ARG C 54 -28.09 -2.37 36.20
N THR C 55 -29.24 -2.91 36.60
CA THR C 55 -29.56 -4.31 36.36
C THR C 55 -30.24 -4.47 35.01
N LEU C 56 -30.28 -5.73 34.54
CA LEU C 56 -31.02 -6.01 33.31
C LEU C 56 -32.50 -5.72 33.47
N SER C 57 -33.04 -5.92 34.67
CA SER C 57 -34.45 -5.61 34.88
C SER C 57 -34.72 -4.12 34.75
N ASP C 58 -33.71 -3.28 35.00
CA ASP C 58 -33.86 -1.85 34.74
C ASP C 58 -34.08 -1.57 33.26
N TYR C 59 -33.41 -2.30 32.39
CA TYR C 59 -33.60 -2.19 30.95
C TYR C 59 -34.65 -3.17 30.43
N ASN C 60 -35.28 -3.94 31.32
CA ASN C 60 -36.28 -4.94 30.95
C ASN C 60 -35.71 -5.97 29.97
N ILE C 61 -34.42 -6.30 30.16
CA ILE C 61 -33.82 -7.38 29.38
C ILE C 61 -34.29 -8.71 29.92
N GLN C 62 -34.73 -9.59 29.03
CA GLN C 62 -35.48 -10.78 29.41
C GLN C 62 -34.88 -11.98 28.68
N LYS C 63 -35.26 -13.18 29.14
CA LYS C 63 -34.68 -14.43 28.70
C LYS C 63 -34.65 -14.55 27.18
N GLU C 64 -33.53 -15.07 26.66
CA GLU C 64 -33.21 -15.26 25.24
C GLU C 64 -33.08 -13.97 24.45
N SER C 65 -32.87 -12.84 25.12
CA SER C 65 -32.53 -11.62 24.40
C SER C 65 -31.08 -11.67 23.95
N THR C 66 -30.80 -11.02 22.82
CA THR C 66 -29.48 -10.97 22.23
C THR C 66 -28.87 -9.60 22.43
N LEU C 67 -27.63 -9.56 22.88
CA LEU C 67 -26.89 -8.32 23.06
C LEU C 67 -25.76 -8.25 22.04
N HIS C 68 -25.27 -7.03 21.80
CA HIS C 68 -24.19 -6.80 20.87
C HIS C 68 -23.01 -6.15 21.58
N LEU C 69 -21.82 -6.71 21.38
CA LEU C 69 -20.61 -6.19 21.99
C LEU C 69 -19.88 -5.32 20.97
N VAL C 70 -19.66 -4.06 21.33
CA VAL C 70 -18.94 -3.10 20.53
C VAL C 70 -17.92 -2.42 21.45
N LEU C 71 -17.06 -1.58 20.87
CA LEU C 71 -15.99 -0.95 21.62
C LEU C 71 -16.18 0.55 21.65
N ARG C 72 -15.67 1.16 22.71
CA ARG C 72 -15.63 2.61 22.83
C ARG C 72 -14.94 3.18 21.59
N LEU C 73 -15.60 4.13 20.93
CA LEU C 73 -14.96 4.74 19.79
C LEU C 73 -14.04 5.87 20.21
N ARG C 74 -13.36 6.40 19.18
CA ARG C 74 -12.49 7.59 19.36
C ARG C 74 -12.83 8.50 18.17
N GLY C 75 -12.69 9.81 18.32
CA GLY C 75 -13.10 10.79 17.30
C GLY C 75 -12.27 10.76 16.02
N ALA C 76 -12.86 11.24 14.93
CA ALA C 76 -12.22 11.57 13.66
C ALA C 76 -11.29 12.81 13.76
N MET D 1 15.76 -16.72 28.69
CA MET D 1 16.40 -16.54 27.38
C MET D 1 16.01 -15.19 26.77
N GLN D 2 16.96 -14.57 26.09
CA GLN D 2 16.73 -13.30 25.42
C GLN D 2 17.17 -13.42 23.97
N ILE D 3 16.31 -12.99 23.05
CA ILE D 3 16.59 -13.05 21.62
C ILE D 3 16.45 -11.65 21.04
N PHE D 4 17.03 -11.47 19.86
CA PHE D 4 17.00 -10.20 19.15
C PHE D 4 16.31 -10.38 17.82
N VAL D 5 15.53 -9.37 17.42
CA VAL D 5 14.83 -9.35 16.14
C VAL D 5 15.32 -8.13 15.37
N LYS D 6 15.89 -8.32 14.18
CA LYS D 6 16.37 -7.21 13.33
C LYS D 6 15.38 -6.99 12.19
N THR D 7 14.89 -5.76 12.06
CA THR D 7 13.98 -5.39 10.96
C THR D 7 14.78 -5.19 9.68
N LEU D 8 14.19 -5.37 8.49
CA LEU D 8 14.89 -5.14 7.22
C LEU D 8 15.46 -3.72 7.09
N THR D 9 14.84 -2.73 7.74
CA THR D 9 15.30 -1.33 7.82
C THR D 9 16.36 -1.08 8.91
N GLY D 10 16.83 -2.09 9.62
CA GLY D 10 17.99 -2.00 10.53
C GLY D 10 17.71 -1.67 11.99
N LYS D 11 16.45 -1.69 12.45
CA LYS D 11 16.11 -1.46 13.84
C LYS D 11 16.14 -2.78 14.62
N THR D 12 16.71 -2.74 15.81
CA THR D 12 16.92 -3.92 16.63
C THR D 12 15.92 -3.95 17.78
N ILE D 13 15.32 -5.12 18.02
CA ILE D 13 14.32 -5.32 19.05
C ILE D 13 14.79 -6.45 19.96
N THR D 14 14.59 -6.28 21.27
CA THR D 14 14.97 -7.27 22.27
C THR D 14 13.73 -7.88 22.90
N LEU D 15 13.64 -9.21 22.87
CA LEU D 15 12.49 -9.93 23.41
C LEU D 15 12.94 -10.87 24.53
N GLU D 16 12.05 -11.09 25.49
CA GLU D 16 12.28 -12.00 26.62
C GLU D 16 11.38 -13.21 26.43
N VAL D 17 11.96 -14.28 25.91
CA VAL D 17 11.12 -15.46 25.58
C VAL D 17 11.63 -16.67 26.34
N GLU D 18 11.02 -17.83 26.07
CA GLU D 18 11.47 -19.08 26.72
C GLU D 18 11.58 -20.15 25.63
N PRO D 19 12.45 -21.17 25.79
CA PRO D 19 12.65 -22.14 24.73
C PRO D 19 11.42 -22.91 24.39
N SER D 20 10.28 -22.53 24.97
CA SER D 20 9.07 -23.35 24.77
C SER D 20 7.90 -22.50 24.29
N ASP D 21 8.15 -21.22 24.00
CA ASP D 21 7.02 -20.34 23.59
C ASP D 21 6.53 -20.79 22.22
N THR D 22 5.48 -20.18 21.73
CA THR D 22 5.04 -20.53 20.38
C THR D 22 5.21 -19.34 19.51
N ILE D 23 5.32 -19.58 18.21
CA ILE D 23 5.53 -18.50 17.26
C ILE D 23 4.43 -17.45 17.38
N GLU D 24 3.22 -17.87 17.72
CA GLU D 24 2.14 -16.91 17.96
C GLU D 24 2.47 -16.00 19.13
N ASN D 25 3.02 -16.55 20.21
CA ASN D 25 3.42 -15.72 21.35
C ASN D 25 4.56 -14.78 20.97
N VAL D 26 5.52 -15.27 20.19
CA VAL D 26 6.60 -14.39 19.73
C VAL D 26 6.05 -13.24 18.89
N LYS D 27 5.13 -13.55 17.99
CA LYS D 27 4.53 -12.51 17.15
C LYS D 27 3.71 -11.53 17.98
N ALA D 28 3.02 -12.02 19.01
CA ALA D 28 2.26 -11.11 19.87
C ALA D 28 3.19 -10.18 20.64
N LYS D 29 4.32 -10.70 21.12
CA LYS D 29 5.30 -9.84 21.79
C LYS D 29 5.86 -8.80 20.81
N ILE D 30 6.15 -9.23 19.58
CA ILE D 30 6.63 -8.29 18.57
C ILE D 30 5.58 -7.24 18.27
N GLN D 31 4.30 -7.64 18.25
CA GLN D 31 3.21 -6.68 18.06
C GLN D 31 3.17 -5.67 19.21
N ASP D 32 3.30 -6.16 20.44
CA ASP D 32 3.32 -5.25 21.59
C ASP D 32 4.44 -4.22 21.46
N LYS D 33 5.63 -4.67 21.07
CA LYS D 33 6.76 -3.75 21.02
C LYS D 33 6.81 -2.88 19.77
N GLU D 34 6.16 -3.29 18.67
CA GLU D 34 6.28 -2.58 17.40
C GLU D 34 4.96 -2.03 16.90
N GLY D 35 3.93 -2.87 16.75
CA GLY D 35 2.65 -2.45 16.24
C GLY D 35 2.20 -3.12 14.95
N ILE D 36 2.97 -4.03 14.36
CA ILE D 36 2.51 -4.75 13.17
C ILE D 36 1.64 -5.91 13.61
N PRO D 37 0.51 -6.17 12.95
CA PRO D 37 -0.29 -7.33 13.30
C PRO D 37 0.49 -8.61 13.03
N PRO D 38 0.20 -9.68 13.78
CA PRO D 38 0.97 -10.92 13.61
C PRO D 38 0.90 -11.51 12.22
N ASP D 39 -0.21 -11.32 11.50
CA ASP D 39 -0.35 -11.90 10.17
C ASP D 39 0.47 -11.16 9.12
N GLN D 40 1.02 -9.99 9.45
CA GLN D 40 1.85 -9.23 8.53
C GLN D 40 3.33 -9.35 8.83
N GLN D 41 3.72 -10.27 9.71
CA GLN D 41 5.10 -10.43 10.14
C GLN D 41 5.72 -11.65 9.48
N ARG D 42 6.94 -11.53 8.96
CA ARG D 42 7.70 -12.64 8.35
C ARG D 42 9.02 -12.78 9.08
N LEU D 43 9.14 -13.82 9.90
CA LEU D 43 10.33 -14.06 10.71
C LEU D 43 11.21 -15.08 10.01
N ILE D 44 12.44 -14.71 9.70
CA ILE D 44 13.43 -15.56 9.06
C ILE D 44 14.51 -15.93 10.07
N PHE D 45 14.88 -17.20 10.13
CA PHE D 45 15.97 -17.66 10.98
C PHE D 45 16.63 -18.87 10.33
N ALA D 46 17.94 -18.77 10.11
CA ALA D 46 18.74 -19.88 9.58
C ALA D 46 18.17 -20.41 8.27
N GLY D 47 17.75 -19.52 7.40
CA GLY D 47 17.22 -19.92 6.11
C GLY D 47 15.83 -20.51 6.14
N LYS D 48 15.12 -20.40 7.26
CA LYS D 48 13.78 -20.93 7.40
C LYS D 48 12.82 -19.81 7.76
N GLN D 49 11.60 -19.85 7.24
CA GLN D 49 10.57 -18.90 7.59
C GLN D 49 9.71 -19.52 8.69
N LEU D 50 9.63 -18.86 9.84
CA LEU D 50 8.86 -19.35 10.98
C LEU D 50 7.37 -19.31 10.67
N GLU D 51 6.69 -20.42 10.94
CA GLU D 51 5.26 -20.55 10.68
C GLU D 51 4.52 -20.77 12.00
N ASP D 52 3.27 -20.34 12.03
CA ASP D 52 2.46 -20.44 13.23
C ASP D 52 2.19 -21.91 13.58
N GLY D 53 2.01 -22.15 14.87
CA GLY D 53 1.74 -23.49 15.38
C GLY D 53 2.94 -24.24 15.87
N ARG D 54 4.15 -23.72 15.68
CA ARG D 54 5.37 -24.36 16.13
C ARG D 54 6.00 -23.54 17.25
N THR D 55 6.97 -24.15 17.92
CA THR D 55 7.69 -23.52 19.02
C THR D 55 9.14 -23.26 18.60
N LEU D 56 9.84 -22.52 19.46
CA LEU D 56 11.23 -22.17 19.16
C LEU D 56 12.16 -23.37 19.24
N SER D 57 11.80 -24.40 20.00
CA SER D 57 12.66 -25.57 20.14
C SER D 57 12.83 -26.31 18.81
N ASP D 58 11.76 -26.35 18.00
CA ASP D 58 11.85 -27.01 16.71
C ASP D 58 12.84 -26.31 15.78
N TYR D 59 12.85 -24.98 15.81
CA TYR D 59 13.79 -24.21 15.01
C TYR D 59 15.14 -24.03 15.70
N ASN D 60 15.30 -24.54 16.92
CA ASN D 60 16.57 -24.52 17.66
C ASN D 60 17.03 -23.11 17.98
N ILE D 61 16.10 -22.17 18.09
CA ILE D 61 16.44 -20.80 18.48
C ILE D 61 16.82 -20.80 19.96
N GLN D 62 18.07 -20.48 20.25
CA GLN D 62 18.60 -20.45 21.60
C GLN D 62 18.88 -19.01 22.02
N LYS D 63 19.51 -18.85 23.17
CA LYS D 63 19.77 -17.52 23.71
C LYS D 63 20.72 -16.75 22.80
N GLU D 64 20.49 -15.44 22.70
CA GLU D 64 21.28 -14.53 21.87
C GLU D 64 21.17 -14.82 20.38
N SER D 65 20.20 -15.63 19.98
CA SER D 65 19.95 -15.85 18.55
C SER D 65 19.28 -14.62 17.96
N THR D 66 19.51 -14.41 16.67
CA THR D 66 18.97 -13.25 15.95
C THR D 66 17.94 -13.72 14.92
N LEU D 67 16.78 -13.09 14.94
CA LEU D 67 15.74 -13.30 13.93
C LEU D 67 15.70 -12.09 13.01
N HIS D 68 15.03 -12.27 11.87
CA HIS D 68 14.93 -11.20 10.87
C HIS D 68 13.47 -10.99 10.50
N LEU D 69 13.00 -9.76 10.66
CA LEU D 69 11.63 -9.37 10.32
C LEU D 69 11.68 -8.69 8.97
N VAL D 70 11.36 -9.45 7.93
CA VAL D 70 11.39 -9.00 6.53
C VAL D 70 10.00 -8.58 6.07
N LEU D 71 9.91 -7.89 4.93
CA LEU D 71 8.64 -7.53 4.30
C LEU D 71 8.78 -7.50 2.79
N ARG D 72 7.66 -7.67 2.07
CA ARG D 72 7.64 -7.55 0.61
C ARG D 72 7.39 -6.11 0.17
N LEU D 73 7.78 -5.80 -1.04
CA LEU D 73 7.83 -4.44 -1.58
C LEU D 73 7.07 -4.37 -2.89
N ARG D 74 6.48 -3.22 -3.23
CA ARG D 74 5.53 -3.08 -4.31
C ARG D 74 6.07 -2.28 -5.50
N GLY D 75 7.37 -1.98 -5.52
CA GLY D 75 7.97 -1.24 -6.61
C GLY D 75 8.51 -2.14 -7.71
N ALA D 76 9.00 -1.49 -8.76
CA ALA D 76 9.58 -2.21 -9.88
C ALA D 76 9.69 -1.36 -11.14
P AMP E . 8.71 0.69 -12.41
O1P AMP E . 7.45 1.50 -12.20
O2P AMP E . 9.96 1.37 -12.94
O5' AMP E . 8.35 -0.51 -13.41
C5' AMP E . 7.03 -0.98 -13.53
C4' AMP E . 6.62 -1.11 -14.99
O4' AMP E . 5.50 -2.04 -15.10
C3' AMP E . 6.19 0.18 -15.66
O3' AMP E . 6.73 0.24 -16.98
C2' AMP E . 4.67 0.05 -15.74
O2' AMP E . 4.06 0.75 -16.80
C1' AMP E . 4.50 -1.46 -15.89
N9 AMP E . 3.20 -1.97 -15.45
C8 AMP E . 2.60 -1.69 -14.28
N7 AMP E . 1.40 -2.32 -14.19
C5 AMP E . 1.22 -3.01 -15.32
C6 AMP E . 0.16 -3.89 -15.88
N6 AMP E . -0.96 -4.16 -15.19
N1 AMP E . 0.37 -4.42 -17.11
C2 AMP E . 1.48 -4.16 -17.81
N3 AMP E . 2.48 -3.37 -17.37
C4 AMP E . 2.40 -2.78 -16.16
#